data_6TZF
#
_entry.id   6TZF
#
_cell.length_a   89.624
_cell.length_b   80.785
_cell.length_c   107.003
_cell.angle_alpha   90.000
_cell.angle_beta   112.470
_cell.angle_gamma   90.000
#
_symmetry.space_group_name_H-M   'P 1 21 1'
#
loop_
_entity.id
_entity.type
_entity.pdbx_description
1 polymer Beta-lactamase
2 non-polymer '3-(1-{[hydroxy(phosphonooxy)boranyl]methyl}-1H-1,2,3-triazol-4-yl)benzoic acid'
3 water water
#
_entity_poly.entity_id   1
_entity_poly.type   'polypeptide(L)'
_entity_poly.pdbx_seq_one_letter_code
;MDNTPKDQEIKKLVDQNFKPLLEKYDVPGMAVGVIQNNKKYEMYYGLQSVQDKKAVNSNTIFELGSVSKLFTATAGGYAK
NKGKISFDDTPGKYWKELKNTPIDQVNLLQLATYTSGNLALQFPDEVQTDQQVLTFFKDWKPKNPIGEYRQYSNPSIGLF
GKVVALSMNKPFDQVLEKTIFPALGLKHSYVNVPKTQMQNYAFGYNQENQPIRVNPGPLDAPAYGVKSTLPDMLSFIHAN
LNPQKYPTDIQRAINETHQGRYQVNTMYQALGWEEFSYPATLQTLLDSNSEQIVMKPNKVTAISKEPSVKMYHKTGSTSG
FGTYVVFIPKENIGLVMLTNKRIPNEERIKAAYVVLNAIKK
;
_entity_poly.pdbx_strand_id   A,B,C,D
#
# COMPACT_ATOMS: atom_id res chain seq x y z
N ASN A 3 -47.52 -15.54 8.65
CA ASN A 3 -48.53 -15.28 9.73
C ASN A 3 -47.80 -14.95 11.05
N THR A 4 -46.75 -14.14 11.00
CA THR A 4 -45.94 -13.71 12.18
C THR A 4 -46.20 -12.24 12.47
N PRO A 5 -46.54 -11.89 13.72
CA PRO A 5 -46.75 -10.48 14.09
C PRO A 5 -45.54 -9.61 13.73
N LYS A 6 -45.77 -8.32 13.49
CA LYS A 6 -44.71 -7.38 13.02
C LYS A 6 -43.62 -7.28 14.09
N ASP A 7 -43.99 -7.13 15.36
CA ASP A 7 -43.02 -7.02 16.49
C ASP A 7 -42.02 -8.18 16.44
N GLN A 8 -42.48 -9.40 16.17
CA GLN A 8 -41.63 -10.64 16.15
C GLN A 8 -40.74 -10.67 14.90
N GLU A 9 -41.19 -10.14 13.76
CA GLU A 9 -40.40 -10.07 12.50
C GLU A 9 -39.24 -9.09 12.69
N ILE A 10 -39.52 -7.92 13.28
CA ILE A 10 -38.48 -6.88 13.56
C ILE A 10 -37.48 -7.48 14.56
N LYS A 11 -37.95 -8.07 15.65
CA LYS A 11 -37.10 -8.74 16.67
C LYS A 11 -36.17 -9.75 15.96
N LYS A 12 -36.69 -10.59 15.06
CA LYS A 12 -35.90 -11.64 14.36
C LYS A 12 -34.81 -10.96 13.51
N LEU A 13 -35.15 -9.89 12.80
CA LEU A 13 -34.19 -9.16 11.93
C LEU A 13 -33.08 -8.53 12.78
N VAL A 14 -33.43 -7.95 13.92
CA VAL A 14 -32.46 -7.30 14.86
C VAL A 14 -31.59 -8.39 15.49
N ASP A 15 -32.16 -9.54 15.84
CA ASP A 15 -31.42 -10.71 16.37
C ASP A 15 -30.41 -11.17 15.33
N GLN A 16 -30.79 -11.18 14.06
CA GLN A 16 -29.96 -11.73 12.95
C GLN A 16 -28.77 -10.79 12.69
N ASN A 17 -28.96 -9.48 12.86
CA ASN A 17 -28.04 -8.46 12.31
C ASN A 17 -27.29 -7.71 13.41
N PHE A 18 -27.91 -7.46 14.57
CA PHE A 18 -27.30 -6.69 15.67
C PHE A 18 -26.74 -7.64 16.73
N LYS A 19 -27.49 -8.69 17.10
CA LYS A 19 -27.14 -9.55 18.25
C LYS A 19 -25.75 -10.18 18.04
N PRO A 20 -25.36 -10.64 16.84
CA PRO A 20 -24.03 -11.23 16.65
C PRO A 20 -22.86 -10.26 16.93
N LEU A 21 -23.09 -8.95 16.85
CA LEU A 21 -22.03 -7.94 17.09
C LEU A 21 -21.60 -7.97 18.56
N LEU A 22 -22.46 -8.39 19.50
CA LEU A 22 -22.14 -8.42 20.95
C LEU A 22 -21.02 -9.42 21.18
N GLU A 23 -21.13 -10.64 20.63
CA GLU A 23 -20.11 -11.70 20.77
C GLU A 23 -18.86 -11.26 20.00
N LYS A 24 -19.04 -10.77 18.76
CA LYS A 24 -17.92 -10.44 17.84
C LYS A 24 -17.02 -9.37 18.45
N TYR A 25 -17.57 -8.34 19.10
CA TYR A 25 -16.79 -7.19 19.62
C TYR A 25 -16.79 -7.15 21.14
N ASP A 26 -17.31 -8.19 21.80
CA ASP A 26 -17.36 -8.32 23.28
C ASP A 26 -18.04 -7.07 23.87
N VAL A 27 -19.24 -6.74 23.39
CA VAL A 27 -20.06 -5.56 23.83
C VAL A 27 -20.95 -6.01 24.99
N PRO A 28 -20.83 -5.42 26.19
CA PRO A 28 -21.66 -5.87 27.31
C PRO A 28 -23.16 -5.67 27.11
N GLY A 29 -23.58 -4.52 26.56
CA GLY A 29 -25.00 -4.13 26.50
C GLY A 29 -25.33 -3.39 25.21
N MET A 30 -26.57 -3.54 24.74
CA MET A 30 -27.02 -2.87 23.50
C MET A 30 -28.54 -2.67 23.59
N ALA A 31 -29.00 -1.49 23.15
CA ALA A 31 -30.42 -1.19 22.93
C ALA A 31 -30.60 -0.84 21.44
N VAL A 32 -31.50 -1.55 20.77
CA VAL A 32 -31.87 -1.30 19.35
C VAL A 32 -33.36 -0.97 19.31
N GLY A 33 -33.70 0.16 18.69
CA GLY A 33 -35.08 0.62 18.55
C GLY A 33 -35.42 0.84 17.10
N VAL A 34 -36.63 0.43 16.71
CA VAL A 34 -37.17 0.70 15.34
C VAL A 34 -38.50 1.44 15.50
N ILE A 35 -38.70 2.46 14.67
CA ILE A 35 -40.03 3.11 14.55
C ILE A 35 -40.48 2.97 13.10
N GLN A 36 -41.71 2.49 12.89
CA GLN A 36 -42.34 2.34 11.56
C GLN A 36 -43.82 2.70 11.70
N ASN A 37 -44.28 3.70 10.94
CA ASN A 37 -45.72 4.12 10.90
C ASN A 37 -46.18 4.47 12.31
N ASN A 38 -45.34 5.15 13.09
CA ASN A 38 -45.67 5.65 14.46
C ASN A 38 -45.83 4.48 15.45
N LYS A 39 -45.43 3.26 15.08
CA LYS A 39 -45.29 2.10 16.01
C LYS A 39 -43.80 1.97 16.40
N LYS A 40 -43.53 1.92 17.70
CA LYS A 40 -42.15 1.83 18.27
C LYS A 40 -41.89 0.39 18.70
N TYR A 41 -40.69 -0.12 18.39
CA TYR A 41 -40.21 -1.48 18.78
C TYR A 41 -38.87 -1.32 19.52
N GLU A 42 -38.78 -1.86 20.73
CA GLU A 42 -37.60 -1.74 21.62
C GLU A 42 -37.01 -3.11 21.89
N MET A 43 -35.72 -3.28 21.59
CA MET A 43 -34.98 -4.55 21.80
C MET A 43 -33.76 -4.27 22.68
N TYR A 44 -33.65 -4.97 23.80
CA TYR A 44 -32.58 -4.79 24.81
C TYR A 44 -31.79 -6.09 24.95
N TYR A 45 -30.47 -5.97 25.01
CA TYR A 45 -29.53 -7.11 25.13
C TYR A 45 -28.49 -6.79 26.20
N GLY A 46 -28.14 -7.80 27.01
CA GLY A 46 -26.96 -7.78 27.89
C GLY A 46 -27.11 -6.81 29.02
N LEU A 47 -25.96 -6.22 29.42
CA LEU A 47 -25.79 -5.58 30.75
C LEU A 47 -25.45 -4.10 30.58
N GLN A 48 -26.13 -3.27 31.37
CA GLN A 48 -25.84 -1.82 31.54
C GLN A 48 -24.60 -1.69 32.42
N SER A 49 -24.43 -2.60 33.39
CA SER A 49 -23.25 -2.68 34.28
C SER A 49 -22.89 -4.15 34.49
N VAL A 50 -21.68 -4.53 34.06
CA VAL A 50 -21.17 -5.91 34.23
C VAL A 50 -21.03 -6.21 35.73
N GLN A 51 -20.38 -5.32 36.47
CA GLN A 51 -20.05 -5.58 37.91
C GLN A 51 -21.34 -5.61 38.73
N ASP A 52 -22.36 -4.80 38.42
CA ASP A 52 -23.63 -4.75 39.18
C ASP A 52 -24.64 -5.79 38.65
N LYS A 53 -24.32 -6.47 37.54
CA LYS A 53 -25.22 -7.47 36.88
C LYS A 53 -26.59 -6.82 36.62
N LYS A 54 -26.60 -5.57 36.16
CA LYS A 54 -27.84 -4.81 35.83
C LYS A 54 -28.08 -4.91 34.32
N ALA A 55 -29.26 -5.42 33.95
CA ALA A 55 -29.64 -5.67 32.54
C ALA A 55 -29.96 -4.33 31.86
N VAL A 56 -29.59 -4.18 30.60
CA VAL A 56 -30.06 -3.05 29.76
C VAL A 56 -31.58 -3.13 29.70
N ASN A 57 -32.25 -1.98 29.87
CA ASN A 57 -33.73 -1.90 29.87
C ASN A 57 -34.13 -0.50 29.38
N SER A 58 -35.43 -0.23 29.33
CA SER A 58 -36.04 1.03 28.83
C SER A 58 -35.56 2.22 29.65
N ASN A 59 -35.07 2.02 30.89
CA ASN A 59 -34.61 3.14 31.76
C ASN A 59 -33.10 3.39 31.60
N THR A 60 -32.38 2.51 30.89
CA THR A 60 -30.90 2.61 30.80
C THR A 60 -30.52 3.88 30.03
N ILE A 61 -29.67 4.70 30.64
CA ILE A 61 -29.11 5.95 30.05
C ILE A 61 -27.75 5.63 29.42
N PHE A 62 -27.61 5.97 28.12
CA PHE A 62 -26.37 5.80 27.32
C PHE A 62 -25.81 7.19 26.97
N GLU A 63 -24.50 7.28 26.80
CA GLU A 63 -23.84 8.49 26.24
C GLU A 63 -24.03 8.45 24.72
N LEU A 64 -24.51 9.55 24.14
CA LEU A 64 -24.84 9.63 22.70
C LEU A 64 -23.60 10.05 21.90
N GLY A 65 -22.57 10.59 22.57
CA GLY A 65 -21.42 11.17 21.86
C GLY A 65 -21.90 12.17 20.81
N SER A 66 -21.37 12.08 19.59
CA SER A 66 -21.60 13.07 18.52
C SER A 66 -23.06 13.13 18.06
N VAL A 67 -23.89 12.13 18.40
CA VAL A 67 -25.36 12.25 18.13
C VAL A 67 -25.91 13.44 18.94
N SER A 68 -25.20 13.88 19.99
CA SER A 68 -25.47 15.13 20.75
C SER A 68 -25.55 16.33 19.79
N LYS A 69 -24.76 16.33 18.71
CA LYS A 69 -24.70 17.43 17.73
C LYS A 69 -26.07 17.66 17.09
N LEU A 70 -26.92 16.63 17.05
CA LEU A 70 -28.28 16.73 16.45
C LEU A 70 -29.16 17.60 17.36
N PHE A 71 -28.93 17.56 18.67
CA PHE A 71 -29.70 18.38 19.64
C PHE A 71 -29.18 19.83 19.59
N THR A 72 -27.87 20.01 19.41
CA THR A 72 -27.24 21.33 19.24
C THR A 72 -27.81 21.99 17.98
N ALA A 73 -27.88 21.24 16.88
CA ALA A 73 -28.43 21.68 15.58
C ALA A 73 -29.90 22.07 15.75
N THR A 74 -30.68 21.25 16.47
CA THR A 74 -32.13 21.49 16.70
C THR A 74 -32.29 22.80 17.51
N ALA A 75 -31.46 23.00 18.53
CA ALA A 75 -31.45 24.22 19.36
C ALA A 75 -31.16 25.45 18.49
N GLY A 76 -30.17 25.37 17.59
CA GLY A 76 -29.85 26.46 16.65
C GLY A 76 -31.01 26.77 15.74
N GLY A 77 -31.67 25.73 15.21
CA GLY A 77 -32.87 25.85 14.37
C GLY A 77 -34.00 26.52 15.12
N TYR A 78 -34.13 26.23 16.43
CA TYR A 78 -35.16 26.82 17.32
C TYR A 78 -34.88 28.31 17.47
N ALA A 79 -33.64 28.66 17.79
CA ALA A 79 -33.18 30.05 18.02
C ALA A 79 -33.37 30.87 16.74
N LYS A 80 -33.00 30.30 15.58
CA LYS A 80 -33.08 31.01 14.28
C LYS A 80 -34.54 31.35 13.98
N ASN A 81 -35.45 30.37 14.09
CA ASN A 81 -36.86 30.54 13.67
C ASN A 81 -37.62 31.40 14.69
N LYS A 82 -37.07 31.62 15.90
CA LYS A 82 -37.62 32.57 16.89
C LYS A 82 -36.95 33.96 16.76
N GLY A 83 -36.08 34.14 15.77
CA GLY A 83 -35.43 35.44 15.46
C GLY A 83 -34.34 35.81 16.46
N LYS A 84 -33.82 34.84 17.23
CA LYS A 84 -32.79 35.08 18.26
C LYS A 84 -31.40 35.11 17.62
N ILE A 85 -31.22 34.41 16.50
CA ILE A 85 -29.96 34.40 15.69
C ILE A 85 -30.32 34.39 14.20
N SER A 86 -29.37 34.82 13.37
CA SER A 86 -29.28 34.51 11.92
C SER A 86 -28.03 33.64 11.72
N PHE A 87 -28.09 32.70 10.79
CA PHE A 87 -26.93 31.84 10.42
C PHE A 87 -25.88 32.68 9.68
N ASP A 88 -26.21 33.91 9.26
CA ASP A 88 -25.26 34.86 8.63
C ASP A 88 -24.51 35.68 9.68
N ASP A 89 -24.95 35.64 10.95
CA ASP A 89 -24.29 36.33 12.08
C ASP A 89 -22.92 35.68 12.34
N THR A 90 -22.04 36.41 13.01
CA THR A 90 -20.71 35.94 13.48
C THR A 90 -20.78 35.85 15.00
N PRO A 91 -19.91 35.05 15.65
CA PRO A 91 -20.03 34.77 17.08
C PRO A 91 -19.86 36.02 17.95
N GLY A 92 -19.11 37.00 17.46
CA GLY A 92 -18.82 38.28 18.15
C GLY A 92 -20.08 39.07 18.46
N LYS A 93 -21.16 38.86 17.71
CA LYS A 93 -22.46 39.55 17.95
C LYS A 93 -23.05 39.15 19.31
N TYR A 94 -22.73 37.94 19.79
CA TYR A 94 -23.35 37.34 21.02
C TYR A 94 -22.30 37.17 22.10
N TRP A 95 -21.13 36.65 21.76
CA TRP A 95 -19.94 36.57 22.65
C TRP A 95 -19.06 37.80 22.39
N LYS A 96 -19.33 38.91 23.08
CA LYS A 96 -18.80 40.27 22.79
C LYS A 96 -17.27 40.27 22.82
N GLU A 97 -16.65 39.43 23.67
CA GLU A 97 -15.18 39.36 23.86
C GLU A 97 -14.51 38.83 22.57
N LEU A 98 -15.30 38.28 21.62
CA LEU A 98 -14.80 37.80 20.31
C LEU A 98 -15.02 38.85 19.20
N LYS A 99 -15.65 39.98 19.51
CA LYS A 99 -15.86 41.08 18.52
C LYS A 99 -14.49 41.50 17.98
N ASN A 100 -14.36 41.57 16.66
CA ASN A 100 -13.21 42.13 15.92
C ASN A 100 -11.97 41.23 16.04
N THR A 101 -12.15 39.94 16.36
CA THR A 101 -11.10 38.88 16.30
C THR A 101 -11.25 38.12 14.98
N PRO A 102 -10.20 37.43 14.50
CA PRO A 102 -10.29 36.67 13.26
C PRO A 102 -11.45 35.66 13.20
N ILE A 103 -11.79 35.01 14.31
CA ILE A 103 -12.91 34.00 14.35
C ILE A 103 -14.23 34.73 14.13
N ASP A 104 -14.31 36.04 14.39
CA ASP A 104 -15.54 36.83 14.14
C ASP A 104 -15.75 37.05 12.63
N GLN A 105 -14.85 36.56 11.78
CA GLN A 105 -15.02 36.54 10.30
C GLN A 105 -15.74 35.26 9.85
N VAL A 106 -15.98 34.32 10.76
CA VAL A 106 -16.67 33.03 10.47
C VAL A 106 -18.14 33.16 10.92
N ASN A 107 -19.09 32.76 10.09
CA ASN A 107 -20.55 32.89 10.41
C ASN A 107 -21.00 31.62 11.15
N LEU A 108 -22.19 31.67 11.75
CA LEU A 108 -22.72 30.58 12.62
C LEU A 108 -22.91 29.30 11.81
N LEU A 109 -23.38 29.41 10.56
CA LEU A 109 -23.63 28.23 9.68
C LEU A 109 -22.31 27.51 9.41
N GLN A 110 -21.24 28.27 9.17
CA GLN A 110 -19.89 27.72 8.88
C GLN A 110 -19.33 27.03 10.13
N LEU A 111 -19.61 27.58 11.32
CA LEU A 111 -19.22 26.94 12.60
C LEU A 111 -19.99 25.62 12.74
N ALA A 112 -21.31 25.65 12.53
CA ALA A 112 -22.22 24.48 12.74
C ALA A 112 -21.86 23.37 11.75
N THR A 113 -21.35 23.71 10.56
CA THR A 113 -21.09 22.74 9.45
C THR A 113 -19.58 22.61 9.19
N TYR A 114 -18.74 23.01 10.14
CA TYR A 114 -17.31 22.60 10.26
C TYR A 114 -16.44 23.21 9.14
N THR A 115 -16.71 24.44 8.67
CA THR A 115 -15.99 25.02 7.50
C THR A 115 -15.26 26.31 7.87
N SER A 116 -14.86 26.48 9.14
CA SER A 116 -14.01 27.62 9.60
C SER A 116 -12.69 27.64 8.83
N GLY A 117 -12.16 26.45 8.52
CA GLY A 117 -10.90 26.26 7.79
C GLY A 117 -9.71 26.08 8.70
N ASN A 118 -9.88 26.13 10.03
CA ASN A 118 -8.77 25.92 10.99
C ASN A 118 -9.29 25.50 12.37
N LEU A 119 -10.17 24.49 12.41
CA LEU A 119 -10.61 23.86 13.68
C LEU A 119 -10.57 22.35 13.49
N ALA A 120 -9.81 21.67 14.33
CA ALA A 120 -9.56 20.22 14.29
C ALA A 120 -10.67 19.51 15.06
N LEU A 121 -10.61 18.18 15.12
CA LEU A 121 -11.62 17.34 15.81
C LEU A 121 -11.74 17.79 17.29
N GLN A 122 -10.61 17.94 17.99
CA GLN A 122 -10.57 18.25 19.45
C GLN A 122 -9.85 19.58 19.66
N PHE A 123 -10.22 20.29 20.72
CA PHE A 123 -9.41 21.37 21.36
C PHE A 123 -8.06 20.78 21.76
N PRO A 124 -6.99 21.59 21.84
CA PRO A 124 -5.78 21.19 22.54
C PRO A 124 -6.09 20.68 23.96
N ASP A 125 -5.33 19.69 24.44
CA ASP A 125 -5.60 18.97 25.72
C ASP A 125 -5.61 19.98 26.89
N GLU A 126 -4.80 21.03 26.80
CA GLU A 126 -4.62 22.06 27.85
C GLU A 126 -5.91 22.85 28.05
N VAL A 127 -6.76 23.00 27.02
CA VAL A 127 -7.99 23.85 27.11
C VAL A 127 -9.07 23.10 27.90
N GLN A 128 -9.47 23.63 29.06
CA GLN A 128 -10.48 23.03 29.98
C GLN A 128 -11.47 24.10 30.46
N THR A 129 -10.99 25.18 31.07
CA THR A 129 -11.82 26.22 31.73
C THR A 129 -12.47 27.12 30.67
N ASP A 130 -13.53 27.83 31.05
CA ASP A 130 -14.23 28.84 30.20
C ASP A 130 -13.22 29.90 29.74
N GLN A 131 -12.35 30.37 30.65
CA GLN A 131 -11.27 31.36 30.36
C GLN A 131 -10.34 30.80 29.27
N GLN A 132 -9.98 29.51 29.37
CA GLN A 132 -9.07 28.85 28.40
C GLN A 132 -9.76 28.71 27.04
N VAL A 133 -11.08 28.47 27.03
CA VAL A 133 -11.88 28.36 25.78
C VAL A 133 -11.90 29.74 25.11
N LEU A 134 -12.20 30.80 25.86
CA LEU A 134 -12.25 32.20 25.36
C LEU A 134 -10.88 32.58 24.75
N THR A 135 -9.79 32.32 25.49
CA THR A 135 -8.40 32.60 25.06
C THR A 135 -8.13 31.88 23.74
N PHE A 136 -8.58 30.63 23.61
CA PHE A 136 -8.34 29.80 22.40
C PHE A 136 -8.95 30.49 21.18
N PHE A 137 -10.20 30.96 21.27
CA PHE A 137 -10.95 31.58 20.15
C PHE A 137 -10.45 33.01 19.89
N LYS A 138 -10.03 33.73 20.93
CA LYS A 138 -9.43 35.09 20.79
C LYS A 138 -8.10 34.99 20.02
N ASP A 139 -7.33 33.93 20.24
CA ASP A 139 -5.97 33.73 19.66
C ASP A 139 -6.07 33.02 18.31
N TRP A 140 -7.27 32.58 17.91
CA TRP A 140 -7.50 31.80 16.66
C TRP A 140 -7.19 32.68 15.45
N LYS A 141 -6.54 32.08 14.43
CA LYS A 141 -6.25 32.71 13.12
C LYS A 141 -6.66 31.75 12.01
N PRO A 142 -7.13 32.27 10.86
CA PRO A 142 -7.52 31.42 9.73
C PRO A 142 -6.34 30.65 9.13
N LYS A 143 -6.63 29.54 8.45
CA LYS A 143 -5.68 28.77 7.61
C LYS A 143 -6.27 28.65 6.21
N ASN A 144 -7.20 27.71 6.00
CA ASN A 144 -7.89 27.51 4.70
C ASN A 144 -8.90 28.63 4.49
N PRO A 145 -9.24 28.97 3.23
CA PRO A 145 -10.27 29.96 2.95
C PRO A 145 -11.59 29.58 3.63
N ILE A 146 -12.17 30.51 4.36
CA ILE A 146 -13.37 30.30 5.20
C ILE A 146 -14.52 29.82 4.31
N GLY A 147 -15.17 28.72 4.72
CA GLY A 147 -16.40 28.22 4.07
C GLY A 147 -16.13 27.14 3.03
N GLU A 148 -14.87 26.91 2.65
CA GLU A 148 -14.53 26.06 1.47
C GLU A 148 -14.15 24.63 1.89
N TYR A 149 -13.68 24.42 3.13
CA TYR A 149 -13.10 23.12 3.56
C TYR A 149 -13.82 22.61 4.81
N ARG A 150 -14.35 21.39 4.73
CA ARG A 150 -15.01 20.71 5.87
C ARG A 150 -13.96 19.94 6.67
N GLN A 151 -13.85 20.27 7.96
CA GLN A 151 -13.03 19.49 8.93
C GLN A 151 -13.92 19.23 10.14
N TYR A 152 -14.38 18.00 10.29
CA TYR A 152 -15.30 17.57 11.38
C TYR A 152 -14.65 17.98 12.70
N SER A 153 -15.37 18.75 13.53
CA SER A 153 -14.76 19.51 14.66
C SER A 153 -15.74 19.69 15.84
N ASN A 154 -15.33 19.26 17.03
CA ASN A 154 -16.05 19.51 18.30
C ASN A 154 -16.00 21.00 18.65
N PRO A 155 -14.81 21.65 18.65
CA PRO A 155 -14.74 23.09 18.92
C PRO A 155 -15.68 23.93 18.05
N SER A 156 -15.77 23.57 16.76
CA SER A 156 -16.54 24.30 15.73
C SER A 156 -18.03 24.33 16.11
N ILE A 157 -18.66 23.17 16.25
CA ILE A 157 -20.11 23.11 16.63
C ILE A 157 -20.27 23.46 18.12
N GLY A 158 -19.24 23.19 18.92
CA GLY A 158 -19.18 23.64 20.32
C GLY A 158 -19.41 25.15 20.40
N LEU A 159 -18.70 25.93 19.59
CA LEU A 159 -18.79 27.41 19.65
C LEU A 159 -20.18 27.85 19.17
N PHE A 160 -20.71 27.21 18.12
CA PHE A 160 -22.09 27.41 17.61
C PHE A 160 -23.10 27.21 18.76
N GLY A 161 -22.97 26.10 19.49
CA GLY A 161 -23.83 25.78 20.65
C GLY A 161 -23.79 26.90 21.67
N LYS A 162 -22.58 27.30 22.07
CA LYS A 162 -22.31 28.35 23.08
C LYS A 162 -23.01 29.65 22.66
N VAL A 163 -22.90 30.04 21.39
CA VAL A 163 -23.52 31.25 20.81
C VAL A 163 -25.05 31.12 20.82
N VAL A 164 -25.58 29.97 20.41
CA VAL A 164 -27.04 29.69 20.44
C VAL A 164 -27.53 29.91 21.89
N ALA A 165 -26.78 29.43 22.88
CA ALA A 165 -27.13 29.55 24.31
C ALA A 165 -27.15 31.04 24.71
N LEU A 166 -26.08 31.78 24.40
CA LEU A 166 -25.99 33.24 24.68
C LEU A 166 -27.22 33.94 24.10
N SER A 167 -27.62 33.60 22.86
CA SER A 167 -28.74 34.24 22.12
C SER A 167 -30.08 34.01 22.84
N MET A 168 -30.19 32.97 23.68
CA MET A 168 -31.44 32.61 24.39
C MET A 168 -31.33 32.94 25.88
N ASN A 169 -30.25 33.61 26.30
CA ASN A 169 -30.02 34.12 27.68
C ASN A 169 -30.09 32.99 28.70
N LYS A 170 -29.54 31.82 28.36
CA LYS A 170 -29.47 30.63 29.25
C LYS A 170 -28.18 29.88 28.96
N PRO A 171 -27.59 29.19 29.96
CA PRO A 171 -26.47 28.29 29.68
C PRO A 171 -26.99 27.14 28.79
N PHE A 172 -26.11 26.55 27.99
CA PHE A 172 -26.47 25.52 26.98
C PHE A 172 -27.20 24.34 27.64
N ASP A 173 -26.76 23.89 28.82
CA ASP A 173 -27.40 22.75 29.53
C ASP A 173 -28.89 23.07 29.75
N GLN A 174 -29.22 24.32 30.08
CA GLN A 174 -30.61 24.76 30.38
C GLN A 174 -31.41 24.90 29.07
N VAL A 175 -30.77 25.33 27.99
CA VAL A 175 -31.43 25.40 26.63
C VAL A 175 -32.00 24.02 26.31
N LEU A 176 -31.21 22.96 26.48
CA LEU A 176 -31.63 21.58 26.16
C LEU A 176 -32.61 21.08 27.22
N GLU A 177 -32.25 21.17 28.51
CA GLU A 177 -33.01 20.50 29.61
C GLU A 177 -34.34 21.24 29.85
N LYS A 178 -34.40 22.56 29.67
CA LYS A 178 -35.59 23.39 30.01
C LYS A 178 -36.42 23.75 28.78
N THR A 179 -35.85 23.81 27.56
CA THR A 179 -36.56 24.26 26.34
C THR A 179 -36.66 23.12 25.31
N ILE A 180 -35.54 22.60 24.81
CA ILE A 180 -35.53 21.71 23.62
C ILE A 180 -36.06 20.32 23.99
N PHE A 181 -35.51 19.66 25.03
CA PHE A 181 -35.92 18.29 25.42
C PHE A 181 -37.43 18.29 25.69
N PRO A 182 -38.00 19.21 26.53
CA PRO A 182 -39.43 19.24 26.77
C PRO A 182 -40.28 19.52 25.52
N ALA A 183 -39.82 20.40 24.63
CA ALA A 183 -40.48 20.70 23.33
C ALA A 183 -40.55 19.42 22.47
N LEU A 184 -39.56 18.52 22.57
CA LEU A 184 -39.52 17.27 21.78
C LEU A 184 -40.23 16.13 22.54
N GLY A 185 -40.72 16.40 23.75
CA GLY A 185 -41.37 15.41 24.63
C GLY A 185 -40.41 14.37 25.19
N LEU A 186 -39.14 14.73 25.43
CA LEU A 186 -38.13 13.82 26.00
C LEU A 186 -38.11 13.96 27.53
N LYS A 187 -38.24 12.86 28.26
CA LYS A 187 -38.43 12.84 29.73
C LYS A 187 -37.15 12.36 30.43
N HIS A 188 -36.26 11.65 29.73
CA HIS A 188 -35.08 10.97 30.36
C HIS A 188 -33.82 11.26 29.54
N SER A 189 -33.66 12.51 29.10
CA SER A 189 -32.51 12.99 28.30
C SER A 189 -31.84 14.11 29.09
N TYR A 190 -30.51 14.06 29.21
CA TYR A 190 -29.74 14.92 30.12
C TYR A 190 -28.46 15.40 29.46
N VAL A 191 -28.06 16.63 29.77
CA VAL A 191 -26.66 17.10 29.66
C VAL A 191 -25.92 16.65 30.94
N ASN A 192 -26.55 16.84 32.10
CA ASN A 192 -26.00 16.43 33.42
C ASN A 192 -26.98 15.43 34.04
N VAL A 193 -26.57 14.17 34.16
CA VAL A 193 -27.43 13.12 34.78
C VAL A 193 -27.48 13.42 36.28
N PRO A 194 -28.67 13.66 36.86
CA PRO A 194 -28.78 13.97 38.28
C PRO A 194 -28.61 12.74 39.16
N LYS A 195 -28.25 12.95 40.43
CA LYS A 195 -27.88 11.90 41.43
C LYS A 195 -28.98 10.81 41.43
N THR A 196 -30.24 11.21 41.34
CA THR A 196 -31.45 10.35 41.40
C THR A 196 -31.55 9.43 40.17
N GLN A 197 -30.77 9.64 39.11
CA GLN A 197 -30.81 8.79 37.88
C GLN A 197 -29.49 8.04 37.66
N MET A 198 -28.49 8.23 38.52
CA MET A 198 -27.14 7.60 38.33
C MET A 198 -27.27 6.07 38.32
N GLN A 199 -28.24 5.50 39.02
CA GLN A 199 -28.54 4.04 39.03
C GLN A 199 -28.94 3.56 37.62
N ASN A 200 -29.44 4.46 36.76
CA ASN A 200 -29.87 4.10 35.38
C ASN A 200 -28.76 4.40 34.36
N TYR A 201 -27.70 5.10 34.77
CA TYR A 201 -26.59 5.49 33.89
C TYR A 201 -25.67 4.29 33.71
N ALA A 202 -25.65 3.73 32.50
CA ALA A 202 -24.78 2.61 32.12
C ALA A 202 -23.32 3.00 32.38
N PHE A 203 -22.46 2.04 32.74
CA PHE A 203 -21.02 2.16 32.50
C PHE A 203 -20.78 2.01 31.00
N GLY A 204 -19.87 2.82 30.45
CA GLY A 204 -19.20 2.52 29.18
C GLY A 204 -18.09 1.51 29.44
N TYR A 205 -17.62 0.85 28.39
CA TYR A 205 -16.50 -0.12 28.43
C TYR A 205 -15.52 0.26 27.32
N ASN A 206 -14.25 0.39 27.66
CA ASN A 206 -13.16 0.75 26.72
C ASN A 206 -12.74 -0.53 25.97
N GLN A 207 -11.67 -0.46 25.16
CA GLN A 207 -11.29 -1.58 24.27
C GLN A 207 -10.73 -2.77 25.07
N GLU A 208 -10.39 -2.60 26.35
CA GLU A 208 -10.00 -3.71 27.27
C GLU A 208 -11.16 -4.08 28.20
N ASN A 209 -12.39 -3.64 27.88
CA ASN A 209 -13.64 -3.92 28.64
C ASN A 209 -13.52 -3.45 30.10
N GLN A 210 -12.82 -2.33 30.33
CA GLN A 210 -12.77 -1.66 31.65
C GLN A 210 -13.86 -0.62 31.67
N PRO A 211 -14.61 -0.51 32.79
CA PRO A 211 -15.68 0.47 32.93
C PRO A 211 -15.16 1.90 32.93
N ILE A 212 -15.83 2.77 32.17
CA ILE A 212 -15.42 4.18 31.95
C ILE A 212 -16.70 5.00 31.68
N ARG A 213 -16.67 6.28 32.00
CA ARG A 213 -17.68 7.27 31.57
C ARG A 213 -16.94 8.48 30.97
N VAL A 214 -17.66 9.32 30.24
CA VAL A 214 -17.09 10.50 29.54
C VAL A 214 -16.45 11.44 30.58
N ASN A 215 -15.29 11.99 30.27
CA ASN A 215 -14.60 13.04 31.05
C ASN A 215 -15.22 14.40 30.75
N PRO A 216 -15.35 15.29 31.74
CA PRO A 216 -15.67 16.69 31.48
C PRO A 216 -14.66 17.24 30.46
N GLY A 217 -15.12 18.12 29.56
CA GLY A 217 -14.22 18.79 28.61
C GLY A 217 -14.75 20.16 28.20
N PRO A 218 -13.94 20.97 27.48
CA PRO A 218 -14.38 22.29 27.03
C PRO A 218 -15.45 22.19 25.94
N LEU A 219 -16.55 22.92 26.15
CA LEU A 219 -17.77 22.91 25.29
C LEU A 219 -18.16 21.47 24.99
N ASP A 220 -18.12 20.58 26.01
CA ASP A 220 -18.44 19.13 25.84
C ASP A 220 -19.92 18.98 25.50
N ALA A 221 -20.82 19.69 26.19
CA ALA A 221 -22.29 19.51 26.09
C ALA A 221 -22.75 19.61 24.64
N PRO A 222 -22.51 20.72 23.91
CA PRO A 222 -22.99 20.84 22.53
C PRO A 222 -22.33 19.90 21.52
N ALA A 223 -21.11 19.40 21.79
CA ALA A 223 -20.34 18.55 20.86
C ALA A 223 -20.63 17.06 21.08
N TYR A 224 -20.67 16.58 22.33
CA TYR A 224 -20.79 15.12 22.61
C TYR A 224 -21.33 14.82 24.01
N GLY A 225 -22.08 15.73 24.64
CA GLY A 225 -22.33 15.66 26.10
C GLY A 225 -23.73 15.24 26.48
N VAL A 226 -24.55 14.77 25.54
CA VAL A 226 -25.96 14.39 25.83
C VAL A 226 -26.03 12.88 26.13
N LYS A 227 -26.86 12.53 27.11
CA LYS A 227 -27.16 11.13 27.50
C LYS A 227 -28.66 10.94 27.41
N SER A 228 -29.08 9.75 26.98
CA SER A 228 -30.50 9.48 26.69
C SER A 228 -30.78 7.97 26.76
N THR A 229 -32.06 7.63 26.76
CA THR A 229 -32.59 6.25 26.80
C THR A 229 -33.06 5.90 25.40
N LEU A 230 -33.30 4.60 25.13
CA LEU A 230 -33.83 4.19 23.81
C LEU A 230 -35.22 4.80 23.58
N PRO A 231 -36.16 4.76 24.54
CA PRO A 231 -37.49 5.35 24.34
C PRO A 231 -37.44 6.83 23.94
N ASP A 232 -36.58 7.62 24.59
CA ASP A 232 -36.38 9.05 24.26
C ASP A 232 -35.81 9.20 22.84
N MET A 233 -34.85 8.36 22.47
CA MET A 233 -34.20 8.49 21.14
C MET A 233 -35.20 8.09 20.05
N LEU A 234 -36.10 7.13 20.33
CA LEU A 234 -37.20 6.77 19.39
C LEU A 234 -38.19 7.94 19.26
N SER A 235 -38.45 8.67 20.35
CA SER A 235 -39.31 9.88 20.33
C SER A 235 -38.64 10.96 19.48
N PHE A 236 -37.32 11.12 19.62
CA PHE A 236 -36.54 12.10 18.81
C PHE A 236 -36.66 11.74 17.33
N ILE A 237 -36.48 10.47 16.97
CA ILE A 237 -36.64 10.01 15.56
C ILE A 237 -38.07 10.26 15.11
N HIS A 238 -39.06 10.01 15.97
CA HIS A 238 -40.50 10.26 15.64
C HIS A 238 -40.67 11.73 15.25
N ALA A 239 -40.15 12.66 16.05
CA ALA A 239 -40.24 14.12 15.80
C ALA A 239 -39.62 14.46 14.43
N ASN A 240 -38.51 13.80 14.08
CA ASN A 240 -37.78 14.04 12.80
C ASN A 240 -38.58 13.46 11.63
N LEU A 241 -39.32 12.38 11.85
CA LEU A 241 -40.19 11.75 10.81
C LEU A 241 -41.50 12.53 10.66
N ASN A 242 -41.99 13.20 11.70
CA ASN A 242 -43.35 13.83 11.76
C ASN A 242 -43.31 15.22 12.38
N PRO A 243 -42.47 16.16 11.88
CA PRO A 243 -42.34 17.47 12.52
C PRO A 243 -43.65 18.28 12.49
N GLN A 244 -44.51 18.01 11.50
CA GLN A 244 -45.85 18.67 11.32
C GLN A 244 -46.73 18.49 12.57
N LYS A 245 -46.52 17.43 13.37
CA LYS A 245 -47.36 17.08 14.55
C LYS A 245 -46.93 17.86 15.79
N TYR A 246 -45.85 18.65 15.70
CA TYR A 246 -45.27 19.39 16.85
C TYR A 246 -45.61 20.87 16.72
N PRO A 247 -45.56 21.65 17.82
CA PRO A 247 -45.78 23.10 17.73
C PRO A 247 -44.80 23.76 16.73
N THR A 248 -45.25 24.86 16.11
CA THR A 248 -44.54 25.65 15.07
C THR A 248 -43.06 25.82 15.40
N ASP A 249 -42.72 26.24 16.62
CA ASP A 249 -41.33 26.65 16.98
C ASP A 249 -40.37 25.45 16.82
N ILE A 250 -40.70 24.30 17.42
CA ILE A 250 -39.82 23.10 17.36
C ILE A 250 -39.97 22.43 15.98
N GLN A 251 -41.15 22.52 15.37
CA GLN A 251 -41.39 22.01 13.99
C GLN A 251 -40.42 22.68 13.01
N ARG A 252 -40.34 24.01 13.03
CA ARG A 252 -39.44 24.78 12.13
C ARG A 252 -37.98 24.44 12.50
N ALA A 253 -37.67 24.29 13.79
CA ALA A 253 -36.34 23.88 14.30
C ALA A 253 -35.91 22.57 13.64
N ILE A 254 -36.77 21.55 13.67
CA ILE A 254 -36.49 20.19 13.12
C ILE A 254 -36.27 20.29 11.61
N ASN A 255 -37.16 20.98 10.89
CA ASN A 255 -37.07 21.10 9.41
C ASN A 255 -35.76 21.80 9.05
N GLU A 256 -35.34 22.77 9.86
CA GLU A 256 -34.08 23.54 9.65
C GLU A 256 -32.90 22.56 9.64
N THR A 257 -32.93 21.52 10.47
CA THR A 257 -31.80 20.54 10.61
C THR A 257 -31.76 19.58 9.42
N HIS A 258 -32.81 19.48 8.60
CA HIS A 258 -32.91 18.57 7.43
C HIS A 258 -32.38 19.22 6.14
N GLN A 259 -32.13 20.52 6.14
CA GLN A 259 -31.74 21.27 4.92
C GLN A 259 -30.25 21.06 4.63
N GLY A 260 -29.92 20.40 3.53
CA GLY A 260 -28.54 20.27 3.01
C GLY A 260 -27.94 21.64 2.76
N ARG A 261 -26.69 21.86 3.15
CA ARG A 261 -26.00 23.17 3.05
C ARG A 261 -24.89 23.09 2.00
N TYR A 262 -24.24 21.93 1.87
CA TYR A 262 -23.22 21.68 0.83
C TYR A 262 -23.06 20.17 0.68
N GLN A 263 -22.25 19.77 -0.32
CA GLN A 263 -22.00 18.34 -0.61
C GLN A 263 -20.49 18.08 -0.48
N VAL A 264 -20.19 16.86 -0.03
CA VAL A 264 -18.85 16.22 -0.15
C VAL A 264 -19.09 14.86 -0.82
N ASN A 265 -18.87 14.81 -2.13
CA ASN A 265 -19.31 13.72 -3.04
C ASN A 265 -20.81 13.46 -2.82
N THR A 266 -21.18 12.23 -2.42
CA THR A 266 -22.57 11.78 -2.27
C THR A 266 -23.12 12.15 -0.88
N MET A 267 -22.31 12.73 0.02
CA MET A 267 -22.80 13.13 1.36
C MET A 267 -23.19 14.61 1.32
N TYR A 268 -24.42 14.91 1.74
CA TYR A 268 -24.92 16.30 1.92
C TYR A 268 -24.84 16.61 3.41
N GLN A 269 -24.16 17.69 3.76
CA GLN A 269 -24.04 18.15 5.16
C GLN A 269 -25.26 19.01 5.47
N ALA A 270 -26.15 18.51 6.32
CA ALA A 270 -27.24 19.31 6.92
C ALA A 270 -26.74 19.86 8.26
N LEU A 271 -27.64 20.40 9.08
CA LEU A 271 -27.31 20.88 10.44
C LEU A 271 -27.27 19.66 11.37
N GLY A 272 -26.08 19.21 11.75
CA GLY A 272 -25.86 17.99 12.56
C GLY A 272 -26.00 16.73 11.73
N TRP A 273 -27.18 16.50 11.14
CA TRP A 273 -27.50 15.34 10.27
C TRP A 273 -26.59 15.32 9.04
N GLU A 274 -26.22 14.12 8.62
CA GLU A 274 -25.72 13.82 7.25
C GLU A 274 -26.93 13.38 6.41
N GLU A 275 -26.98 13.80 5.15
CA GLU A 275 -28.14 13.57 4.27
C GLU A 275 -27.66 12.91 2.97
N PHE A 276 -28.45 12.00 2.44
CA PHE A 276 -28.15 11.21 1.22
C PHE A 276 -29.42 11.16 0.37
N SER A 277 -29.24 11.12 -0.95
CA SER A 277 -30.31 10.80 -1.91
C SER A 277 -30.83 9.40 -1.57
N TYR A 278 -32.15 9.21 -1.44
CA TYR A 278 -32.77 7.89 -1.14
C TYR A 278 -33.48 7.39 -2.38
N PRO A 279 -33.30 6.10 -2.79
CA PRO A 279 -32.52 5.13 -2.04
C PRO A 279 -31.02 5.37 -2.10
N ALA A 280 -30.31 5.05 -1.01
CA ALA A 280 -28.83 5.13 -0.92
C ALA A 280 -28.28 3.70 -0.96
N THR A 281 -27.15 3.50 -1.62
CA THR A 281 -26.39 2.23 -1.55
C THR A 281 -25.68 2.17 -0.19
N LEU A 282 -25.41 0.96 0.29
CA LEU A 282 -24.65 0.73 1.53
C LEU A 282 -23.32 1.47 1.46
N GLN A 283 -22.62 1.39 0.31
CA GLN A 283 -21.26 1.97 0.16
C GLN A 283 -21.32 3.50 0.30
N THR A 284 -22.38 4.15 -0.21
CA THR A 284 -22.57 5.61 -0.04
C THR A 284 -22.59 5.92 1.47
N LEU A 285 -23.37 5.17 2.26
CA LEU A 285 -23.50 5.42 3.72
C LEU A 285 -22.16 5.09 4.41
N LEU A 286 -21.46 4.04 3.99
CA LEU A 286 -20.12 3.67 4.55
C LEU A 286 -19.10 4.77 4.25
N ASP A 287 -19.10 5.33 3.03
CA ASP A 287 -18.14 6.37 2.57
C ASP A 287 -18.26 7.62 3.46
N SER A 288 -19.48 7.96 3.89
CA SER A 288 -19.76 9.14 4.76
C SER A 288 -18.88 9.10 6.01
N ASN A 289 -18.50 7.93 6.51
CA ASN A 289 -17.78 7.79 7.80
C ASN A 289 -16.37 7.20 7.58
N SER A 290 -15.81 7.30 6.37
CA SER A 290 -14.40 6.95 6.06
C SER A 290 -13.44 7.85 6.86
N GLU A 291 -12.21 7.40 7.11
CA GLU A 291 -11.15 8.20 7.76
C GLU A 291 -10.98 9.53 7.03
N GLN A 292 -11.01 9.51 5.69
CA GLN A 292 -10.81 10.71 4.83
C GLN A 292 -11.87 11.78 5.15
N ILE A 293 -13.14 11.39 5.29
CA ILE A 293 -14.26 12.37 5.54
C ILE A 293 -14.23 12.79 7.03
N VAL A 294 -14.02 11.85 7.95
CA VAL A 294 -14.14 12.10 9.41
C VAL A 294 -12.91 12.87 9.93
N MET A 295 -11.69 12.50 9.49
CA MET A 295 -10.43 12.92 10.18
C MET A 295 -9.65 13.98 9.40
N LYS A 296 -9.90 14.15 8.10
CA LYS A 296 -9.11 15.07 7.23
C LYS A 296 -10.00 16.17 6.65
N PRO A 297 -9.40 17.31 6.23
CA PRO A 297 -10.14 18.36 5.54
C PRO A 297 -10.57 17.92 4.12
N ASN A 298 -11.77 18.33 3.71
CA ASN A 298 -12.30 18.03 2.35
C ASN A 298 -12.92 19.31 1.81
N LYS A 299 -12.46 19.73 0.63
CA LYS A 299 -13.08 20.82 -0.14
C LYS A 299 -14.56 20.47 -0.34
N VAL A 300 -15.46 21.42 -0.07
CA VAL A 300 -16.92 21.22 -0.24
C VAL A 300 -17.31 21.76 -1.61
N THR A 301 -18.46 21.32 -2.10
CA THR A 301 -19.08 21.77 -3.38
C THR A 301 -20.48 22.28 -3.05
N ALA A 302 -20.97 23.23 -3.83
CA ALA A 302 -22.40 23.64 -3.80
C ALA A 302 -23.25 22.42 -4.18
N ILE A 303 -24.44 22.32 -3.61
CA ILE A 303 -25.43 21.27 -4.00
C ILE A 303 -25.88 21.61 -5.42
N SER A 304 -25.75 20.65 -6.34
CA SER A 304 -25.97 20.83 -7.80
C SER A 304 -27.06 19.86 -8.23
N LYS A 305 -27.30 18.76 -7.51
CA LYS A 305 -28.51 17.90 -7.64
C LYS A 305 -29.20 17.83 -6.28
N GLU A 306 -30.31 18.54 -6.08
CA GLU A 306 -31.12 18.41 -4.84
C GLU A 306 -32.09 17.25 -5.09
N PRO A 307 -31.91 16.08 -4.43
CA PRO A 307 -32.86 14.98 -4.59
C PRO A 307 -34.23 15.29 -3.96
N SER A 308 -35.28 14.79 -4.61
CA SER A 308 -36.68 14.77 -4.12
C SER A 308 -36.77 14.05 -2.78
N VAL A 309 -36.18 12.85 -2.68
CA VAL A 309 -36.34 11.94 -1.50
C VAL A 309 -34.97 11.70 -0.86
N LYS A 310 -34.87 11.91 0.45
CA LYS A 310 -33.60 11.87 1.22
C LYS A 310 -33.70 10.90 2.39
N MET A 311 -32.56 10.41 2.86
CA MET A 311 -32.42 9.73 4.17
C MET A 311 -31.32 10.42 4.96
N TYR A 312 -31.31 10.25 6.28
CA TYR A 312 -30.43 11.01 7.20
C TYR A 312 -29.84 10.02 8.20
N HIS A 313 -28.58 10.21 8.57
CA HIS A 313 -27.97 9.42 9.66
C HIS A 313 -26.93 10.25 10.40
N LYS A 314 -26.51 9.73 11.54
CA LYS A 314 -25.40 10.28 12.36
C LYS A 314 -24.87 9.16 13.24
N THR A 315 -23.56 9.01 13.27
CA THR A 315 -22.84 8.13 14.22
C THR A 315 -22.43 8.99 15.43
N GLY A 316 -22.24 8.33 16.56
CA GLY A 316 -21.75 8.96 17.79
C GLY A 316 -20.87 8.00 18.55
N SER A 317 -19.77 8.49 19.09
CA SER A 317 -18.85 7.67 19.91
C SER A 317 -18.32 8.52 21.07
N THR A 318 -18.23 7.92 22.25
CA THR A 318 -17.40 8.37 23.38
C THR A 318 -16.40 7.25 23.68
N SER A 319 -15.54 7.42 24.68
CA SER A 319 -14.54 6.40 25.06
C SER A 319 -15.25 5.05 25.22
N GLY A 320 -16.44 5.05 25.83
CA GLY A 320 -17.10 3.83 26.28
C GLY A 320 -18.42 3.50 25.57
N PHE A 321 -18.87 4.30 24.62
CA PHE A 321 -20.24 4.19 24.03
C PHE A 321 -20.21 4.41 22.51
N GLY A 322 -21.03 3.65 21.80
CA GLY A 322 -21.33 3.83 20.38
C GLY A 322 -22.82 4.09 20.16
N THR A 323 -23.13 4.97 19.22
CA THR A 323 -24.50 5.39 18.86
C THR A 323 -24.62 5.42 17.34
N TYR A 324 -25.80 5.06 16.83
CA TYR A 324 -26.16 5.27 15.41
C TYR A 324 -27.65 5.55 15.34
N VAL A 325 -28.02 6.61 14.63
CA VAL A 325 -29.42 6.98 14.35
C VAL A 325 -29.55 7.19 12.85
N VAL A 326 -30.66 6.72 12.29
CA VAL A 326 -30.95 6.78 10.83
C VAL A 326 -32.47 6.86 10.67
N PHE A 327 -32.95 7.68 9.73
CA PHE A 327 -34.39 7.71 9.41
C PHE A 327 -34.58 8.07 7.94
N ILE A 328 -35.70 7.57 7.40
CA ILE A 328 -36.09 7.66 5.96
C ILE A 328 -37.55 8.15 5.92
N PRO A 329 -37.78 9.47 5.75
CA PRO A 329 -39.14 10.01 5.72
C PRO A 329 -40.13 9.29 4.78
N LYS A 330 -39.71 8.93 3.56
CA LYS A 330 -40.58 8.31 2.52
C LYS A 330 -41.11 6.96 2.99
N GLU A 331 -40.33 6.20 3.76
CA GLU A 331 -40.71 4.85 4.26
C GLU A 331 -41.31 4.99 5.67
N ASN A 332 -41.32 6.19 6.23
CA ASN A 332 -41.81 6.53 7.61
C ASN A 332 -41.15 5.56 8.61
N ILE A 333 -39.83 5.38 8.51
CA ILE A 333 -39.08 4.37 9.30
C ILE A 333 -37.78 4.98 9.82
N GLY A 334 -37.36 4.56 11.01
CA GLY A 334 -36.04 4.92 11.57
C GLY A 334 -35.54 3.87 12.52
N LEU A 335 -34.28 3.98 12.91
CA LEU A 335 -33.61 3.01 13.79
C LEU A 335 -32.65 3.76 14.69
N VAL A 336 -32.57 3.32 15.95
CA VAL A 336 -31.56 3.79 16.93
C VAL A 336 -30.80 2.56 17.42
N MET A 337 -29.47 2.65 17.46
CA MET A 337 -28.57 1.68 18.13
C MET A 337 -27.77 2.40 19.20
N LEU A 338 -27.81 1.88 20.43
CA LEU A 338 -27.02 2.37 21.59
C LEU A 338 -26.23 1.18 22.16
N THR A 339 -24.93 1.34 22.33
CA THR A 339 -24.05 0.31 22.93
C THR A 339 -23.20 0.98 24.00
N ASN A 340 -22.82 0.20 25.02
CA ASN A 340 -21.89 0.65 26.09
C ASN A 340 -20.51 0.03 25.80
N LYS A 341 -20.17 -0.06 24.52
CA LYS A 341 -18.78 -0.24 24.02
C LYS A 341 -18.79 0.13 22.53
N ARG A 342 -17.80 0.89 22.09
CA ARG A 342 -17.62 1.27 20.67
C ARG A 342 -17.45 0.00 19.84
N ILE A 343 -18.17 -0.08 18.73
CA ILE A 343 -17.89 -1.04 17.63
C ILE A 343 -17.65 -0.23 16.36
N PRO A 344 -16.97 -0.77 15.34
CA PRO A 344 -16.69 0.00 14.13
C PRO A 344 -17.98 0.59 13.53
N ASN A 345 -17.89 1.86 13.13
CA ASN A 345 -19.01 2.61 12.48
C ASN A 345 -19.60 1.77 11.34
N GLU A 346 -18.75 1.12 10.55
CA GLU A 346 -19.20 0.38 9.32
C GLU A 346 -20.17 -0.74 9.75
N GLU A 347 -19.96 -1.34 10.92
CA GLU A 347 -20.79 -2.48 11.42
C GLU A 347 -22.15 -1.93 11.86
N ARG A 348 -22.19 -0.73 12.44
CA ARG A 348 -23.44 -0.06 12.86
C ARG A 348 -24.27 0.23 11.61
N ILE A 349 -23.65 0.85 10.63
CA ILE A 349 -24.31 1.31 9.36
C ILE A 349 -24.86 0.09 8.62
N LYS A 350 -24.06 -0.97 8.48
CA LYS A 350 -24.43 -2.19 7.71
C LYS A 350 -25.60 -2.91 8.41
N ALA A 351 -25.53 -3.12 9.72
CA ALA A 351 -26.60 -3.81 10.48
C ALA A 351 -27.94 -3.08 10.27
N ALA A 352 -27.93 -1.75 10.42
CA ALA A 352 -29.12 -0.88 10.28
C ALA A 352 -29.65 -0.97 8.85
N TYR A 353 -28.75 -0.96 7.85
CA TYR A 353 -29.06 -1.01 6.41
C TYR A 353 -29.87 -2.30 6.11
N VAL A 354 -29.33 -3.44 6.53
CA VAL A 354 -29.95 -4.77 6.29
C VAL A 354 -31.33 -4.79 6.94
N VAL A 355 -31.43 -4.38 8.20
CA VAL A 355 -32.71 -4.42 8.97
C VAL A 355 -33.74 -3.52 8.27
N LEU A 356 -33.41 -2.26 7.99
CA LEU A 356 -34.39 -1.27 7.44
C LEU A 356 -34.82 -1.68 6.03
N ASN A 357 -33.95 -2.31 5.24
CA ASN A 357 -34.26 -2.75 3.86
C ASN A 357 -35.08 -4.04 3.87
N ALA A 358 -35.02 -4.86 4.93
CA ALA A 358 -35.70 -6.18 5.00
C ALA A 358 -37.12 -6.04 5.56
N ILE A 359 -37.38 -5.04 6.42
CA ILE A 359 -38.69 -4.86 7.11
C ILE A 359 -39.77 -4.66 6.03
N LYS A 360 -40.94 -5.28 6.21
CA LYS A 360 -42.07 -5.33 5.23
C LYS A 360 -42.79 -3.98 5.23
N PRO B 5 44.10 6.74 -34.95
CA PRO B 5 44.35 5.57 -34.07
C PRO B 5 43.03 4.91 -33.63
N LYS B 6 43.07 3.60 -33.42
CA LYS B 6 41.90 2.74 -33.09
C LYS B 6 41.25 3.27 -31.80
N ASP B 7 42.04 3.51 -30.75
CA ASP B 7 41.59 4.01 -29.42
C ASP B 7 40.63 5.20 -29.61
N GLN B 8 41.00 6.16 -30.47
CA GLN B 8 40.23 7.44 -30.65
C GLN B 8 38.95 7.18 -31.44
N GLU B 9 38.97 6.25 -32.41
CA GLU B 9 37.78 5.89 -33.23
C GLU B 9 36.73 5.22 -32.34
N ILE B 10 37.16 4.26 -31.52
CA ILE B 10 36.27 3.51 -30.59
C ILE B 10 35.68 4.52 -29.59
N LYS B 11 36.53 5.35 -28.98
CA LYS B 11 36.09 6.39 -28.01
C LYS B 11 34.99 7.24 -28.65
N LYS B 12 35.20 7.71 -29.89
CA LYS B 12 34.23 8.61 -30.60
C LYS B 12 32.89 7.87 -30.76
N LEU B 13 32.94 6.61 -31.20
CA LEU B 13 31.70 5.81 -31.46
C LEU B 13 30.93 5.58 -30.16
N VAL B 14 31.64 5.30 -29.06
CA VAL B 14 31.01 5.03 -27.74
C VAL B 14 30.44 6.36 -27.21
N ASP B 15 31.16 7.48 -27.38
CA ASP B 15 30.67 8.82 -27.00
C ASP B 15 29.38 9.13 -27.75
N GLN B 16 29.32 8.77 -29.04
CA GLN B 16 28.17 9.10 -29.93
C GLN B 16 26.92 8.31 -29.50
N ASN B 17 27.10 7.07 -29.03
CA ASN B 17 25.99 6.08 -28.93
C ASN B 17 25.63 5.76 -27.47
N PHE B 18 26.61 5.76 -26.57
CA PHE B 18 26.39 5.38 -25.15
C PHE B 18 26.26 6.63 -24.29
N LYS B 19 27.12 7.64 -24.49
CA LYS B 19 27.18 8.83 -23.61
C LYS B 19 25.81 9.51 -23.52
N PRO B 20 25.04 9.68 -24.62
CA PRO B 20 23.73 10.33 -24.54
C PRO B 20 22.72 9.62 -23.63
N LEU B 21 22.88 8.32 -23.39
CA LEU B 21 21.95 7.54 -22.51
C LEU B 21 22.03 8.03 -21.06
N LEU B 22 23.18 8.58 -20.62
CA LEU B 22 23.34 9.06 -19.23
C LEU B 22 22.39 10.24 -18.97
N GLU B 23 22.35 11.21 -19.89
CA GLU B 23 21.45 12.39 -19.79
C GLU B 23 20.00 11.91 -19.94
N LYS B 24 19.74 11.07 -20.93
CA LYS B 24 18.36 10.64 -21.30
C LYS B 24 17.69 9.92 -20.13
N TYR B 25 18.41 9.06 -19.39
CA TYR B 25 17.81 8.21 -18.31
C TYR B 25 18.32 8.64 -16.93
N ASP B 26 19.06 9.75 -16.86
CA ASP B 26 19.61 10.32 -15.60
C ASP B 26 20.42 9.22 -14.87
N VAL B 27 21.36 8.60 -15.59
CA VAL B 27 22.24 7.50 -15.08
C VAL B 27 23.47 8.14 -14.49
N PRO B 28 23.78 7.96 -13.19
CA PRO B 28 24.95 8.60 -12.61
C PRO B 28 26.28 8.17 -13.27
N GLY B 29 26.46 6.88 -13.53
CA GLY B 29 27.75 6.31 -13.95
C GLY B 29 27.61 5.18 -14.95
N MET B 30 28.60 5.04 -15.83
CA MET B 30 28.60 3.98 -16.86
C MET B 30 30.06 3.64 -17.22
N ALA B 31 30.33 2.35 -17.41
CA ALA B 31 31.60 1.85 -17.98
C ALA B 31 31.27 1.06 -19.25
N VAL B 32 31.91 1.41 -20.37
CA VAL B 32 31.75 0.70 -21.67
C VAL B 32 33.13 0.20 -22.09
N GLY B 33 33.23 -1.08 -22.38
CA GLY B 33 34.48 -1.76 -22.81
C GLY B 33 34.28 -2.41 -24.15
N VAL B 34 35.29 -2.29 -25.03
CA VAL B 34 35.33 -3.02 -26.32
C VAL B 34 36.62 -3.83 -26.36
N ILE B 35 36.55 -5.07 -26.82
CA ILE B 35 37.75 -5.89 -27.12
C ILE B 35 37.67 -6.26 -28.60
N GLN B 36 38.76 -6.00 -29.33
CA GLN B 36 38.90 -6.35 -30.78
C GLN B 36 40.34 -6.81 -31.00
N ASN B 37 40.51 -8.04 -31.50
CA ASN B 37 41.83 -8.64 -31.84
C ASN B 37 42.72 -8.63 -30.58
N ASN B 38 42.13 -8.94 -29.42
CA ASN B 38 42.81 -9.05 -28.11
C ASN B 38 43.34 -7.68 -27.63
N LYS B 39 42.91 -6.58 -28.26
CA LYS B 39 43.18 -5.19 -27.79
C LYS B 39 41.93 -4.69 -27.05
N LYS B 40 42.10 -4.21 -25.81
CA LYS B 40 41.01 -3.79 -24.90
C LYS B 40 40.91 -2.27 -24.88
N TYR B 41 39.69 -1.73 -24.97
CA TYR B 41 39.38 -0.28 -24.94
C TYR B 41 38.34 -0.02 -23.83
N GLU B 42 38.67 0.89 -22.92
CA GLU B 42 37.89 1.17 -21.69
C GLU B 42 37.42 2.63 -21.71
N MET B 43 36.12 2.85 -21.60
CA MET B 43 35.49 4.20 -21.56
C MET B 43 34.65 4.32 -20.28
N TYR B 44 34.94 5.33 -19.46
CA TYR B 44 34.27 5.56 -18.15
C TYR B 44 33.58 6.92 -18.17
N TYR B 45 32.34 6.97 -17.66
CA TYR B 45 31.49 8.18 -17.61
C TYR B 45 30.90 8.34 -16.22
N GLY B 46 30.89 9.57 -15.72
CA GLY B 46 30.11 9.97 -14.54
C GLY B 46 30.62 9.34 -13.25
N LEU B 47 29.70 9.06 -12.34
CA LEU B 47 29.97 8.83 -10.90
C LEU B 47 29.59 7.41 -10.48
N GLN B 48 30.49 6.77 -9.74
CA GLN B 48 30.27 5.46 -9.08
C GLN B 48 29.40 5.72 -7.84
N SER B 49 29.59 6.87 -7.19
CA SER B 49 28.83 7.27 -5.98
C SER B 49 28.56 8.77 -6.05
N VAL B 50 27.28 9.14 -6.09
CA VAL B 50 26.86 10.57 -6.12
C VAL B 50 27.24 11.19 -4.77
N GLN B 51 26.86 10.53 -3.66
CA GLN B 51 27.11 11.00 -2.27
C GLN B 51 28.61 11.25 -2.04
N ASP B 52 29.46 10.30 -2.46
CA ASP B 52 30.92 10.34 -2.20
C ASP B 52 31.67 11.08 -3.30
N LYS B 53 30.99 11.54 -4.36
CA LYS B 53 31.60 12.27 -5.51
C LYS B 53 32.76 11.45 -6.09
N LYS B 54 32.60 10.13 -6.22
CA LYS B 54 33.62 9.21 -6.79
C LYS B 54 33.31 8.97 -8.26
N ALA B 55 34.27 9.26 -9.15
CA ALA B 55 34.16 9.02 -10.61
C ALA B 55 34.26 7.51 -10.89
N VAL B 56 33.48 7.04 -11.84
CA VAL B 56 33.65 5.66 -12.40
C VAL B 56 35.07 5.55 -12.97
N ASN B 57 35.75 4.46 -12.67
CA ASN B 57 37.14 4.19 -13.11
C ASN B 57 37.33 2.67 -13.25
N SER B 58 38.54 2.25 -13.62
CA SER B 58 38.90 0.83 -13.88
C SER B 58 38.71 -0.02 -12.61
N ASN B 59 38.67 0.58 -11.43
CA ASN B 59 38.50 -0.18 -10.15
C ASN B 59 37.03 -0.28 -9.75
N THR B 60 36.12 0.42 -10.43
CA THR B 60 34.70 0.48 -10.02
C THR B 60 34.06 -0.90 -10.17
N ILE B 61 33.45 -1.39 -9.10
CA ILE B 61 32.71 -2.68 -9.04
C ILE B 61 31.22 -2.41 -9.26
N PHE B 62 30.63 -3.09 -10.24
CA PHE B 62 29.19 -3.02 -10.61
C PHE B 62 28.53 -4.38 -10.32
N GLU B 63 27.24 -4.36 -9.98
CA GLU B 63 26.41 -5.57 -9.89
C GLU B 63 26.07 -6.02 -11.32
N LEU B 64 26.31 -7.29 -11.63
CA LEU B 64 26.14 -7.85 -12.99
C LEU B 64 24.70 -8.34 -13.16
N GLY B 65 23.95 -8.53 -12.07
CA GLY B 65 22.61 -9.15 -12.15
C GLY B 65 22.69 -10.48 -12.90
N SER B 66 21.80 -10.70 -13.87
CA SER B 66 21.65 -12.00 -14.57
C SER B 66 22.88 -12.37 -15.39
N VAL B 67 23.78 -11.43 -15.67
CA VAL B 67 25.07 -11.80 -16.33
C VAL B 67 25.86 -12.73 -15.37
N SER B 68 25.53 -12.74 -14.07
CA SER B 68 26.02 -13.71 -13.07
C SER B 68 25.78 -15.15 -13.55
N LYS B 69 24.67 -15.38 -14.25
CA LYS B 69 24.26 -16.74 -14.73
C LYS B 69 25.34 -17.32 -15.64
N LEU B 70 26.13 -16.46 -16.31
CA LEU B 70 27.20 -16.91 -17.23
C LEU B 70 28.31 -17.58 -16.42
N PHE B 71 28.56 -17.11 -15.19
CA PHE B 71 29.59 -17.69 -14.30
C PHE B 71 29.07 -18.99 -13.69
N THR B 72 27.78 -19.04 -13.35
CA THR B 72 27.10 -20.27 -12.87
C THR B 72 27.20 -21.36 -13.94
N ALA B 73 26.90 -21.00 -15.19
CA ALA B 73 26.99 -21.88 -16.38
C ALA B 73 28.43 -22.39 -16.54
N THR B 74 29.41 -21.49 -16.44
CA THR B 74 30.86 -21.83 -16.59
C THR B 74 31.25 -22.82 -15.48
N ALA B 75 30.81 -22.59 -14.24
CA ALA B 75 31.05 -23.48 -13.08
C ALA B 75 30.47 -24.88 -13.35
N GLY B 76 29.24 -24.95 -13.88
CA GLY B 76 28.59 -26.23 -14.24
C GLY B 76 29.40 -26.96 -15.31
N GLY B 77 29.85 -26.23 -16.33
CA GLY B 77 30.73 -26.75 -17.41
C GLY B 77 32.03 -27.29 -16.85
N TYR B 78 32.58 -26.64 -15.83
CA TYR B 78 33.85 -27.04 -15.16
C TYR B 78 33.61 -28.36 -14.41
N ALA B 79 32.52 -28.42 -13.64
CA ALA B 79 32.14 -29.59 -12.81
C ALA B 79 31.87 -30.80 -13.72
N LYS B 80 31.15 -30.59 -14.83
CA LYS B 80 30.79 -31.68 -15.77
C LYS B 80 32.06 -32.28 -16.37
N ASN B 81 32.96 -31.43 -16.88
CA ASN B 81 34.17 -31.90 -17.63
C ASN B 81 35.20 -32.49 -16.65
N LYS B 82 35.07 -32.25 -15.33
CA LYS B 82 35.92 -32.89 -14.29
C LYS B 82 35.22 -34.14 -13.73
N GLY B 83 34.05 -34.51 -14.26
CA GLY B 83 33.32 -35.74 -13.89
C GLY B 83 32.64 -35.62 -12.52
N LYS B 84 32.41 -34.40 -12.03
CA LYS B 84 31.78 -34.16 -10.71
C LYS B 84 30.26 -34.24 -10.83
N ILE B 85 29.72 -33.93 -12.02
CA ILE B 85 28.27 -34.03 -12.35
C ILE B 85 28.12 -34.55 -13.78
N SER B 86 26.94 -35.10 -14.07
CA SER B 86 26.38 -35.28 -15.43
C SER B 86 25.17 -34.36 -15.55
N PHE B 87 24.93 -33.77 -16.72
CA PHE B 87 23.74 -32.94 -17.00
C PHE B 87 22.46 -33.81 -17.03
N ASP B 88 22.62 -35.14 -17.04
CA ASP B 88 21.50 -36.12 -16.99
C ASP B 88 21.12 -36.42 -15.52
N ASP B 89 21.95 -36.04 -14.55
CA ASP B 89 21.70 -36.24 -13.10
C ASP B 89 20.50 -35.39 -12.66
N THR B 90 19.89 -35.75 -11.53
CA THR B 90 18.80 -34.99 -10.87
C THR B 90 19.37 -34.42 -9.57
N PRO B 91 18.77 -33.35 -9.01
CA PRO B 91 19.36 -32.65 -7.86
C PRO B 91 19.47 -33.52 -6.60
N GLY B 92 18.57 -34.51 -6.46
CA GLY B 92 18.51 -35.43 -5.31
C GLY B 92 19.78 -36.26 -5.15
N LYS B 93 20.56 -36.43 -6.23
CA LYS B 93 21.84 -37.18 -6.20
C LYS B 93 22.87 -36.45 -5.32
N TYR B 94 22.76 -35.12 -5.19
CA TYR B 94 23.76 -34.26 -4.50
C TYR B 94 23.14 -33.60 -3.26
N TRP B 95 21.92 -33.08 -3.38
CA TRP B 95 21.11 -32.57 -2.24
C TRP B 95 20.16 -33.69 -1.79
N LYS B 96 20.63 -34.55 -0.89
CA LYS B 96 19.98 -35.83 -0.49
C LYS B 96 18.56 -35.57 0.02
N GLU B 97 18.31 -34.43 0.67
CA GLU B 97 17.00 -34.06 1.26
C GLU B 97 15.94 -33.91 0.17
N LEU B 98 16.34 -33.83 -1.11
CA LEU B 98 15.43 -33.74 -2.28
C LEU B 98 15.26 -35.11 -2.97
N LYS B 99 15.88 -36.18 -2.45
CA LYS B 99 15.82 -37.55 -3.06
C LYS B 99 14.42 -37.96 -3.52
N ASN B 100 13.41 -37.91 -2.63
CA ASN B 100 12.10 -38.58 -2.85
C ASN B 100 11.10 -37.63 -3.56
N THR B 101 11.56 -36.54 -4.20
CA THR B 101 10.71 -35.35 -4.48
C THR B 101 10.33 -35.34 -5.95
N PRO B 102 9.15 -34.77 -6.32
CA PRO B 102 8.84 -34.49 -7.73
C PRO B 102 9.94 -33.70 -8.48
N ILE B 103 10.62 -32.77 -7.81
CA ILE B 103 11.70 -31.94 -8.42
C ILE B 103 12.89 -32.85 -8.77
N ASP B 104 13.03 -34.00 -8.11
CA ASP B 104 14.11 -34.98 -8.41
C ASP B 104 13.82 -35.70 -9.73
N GLN B 105 12.70 -35.40 -10.41
CA GLN B 105 12.39 -35.88 -11.78
C GLN B 105 12.96 -34.92 -12.83
N VAL B 106 13.48 -33.76 -12.43
CA VAL B 106 14.06 -32.74 -13.36
C VAL B 106 15.59 -32.90 -13.36
N ASN B 107 16.21 -32.91 -14.55
CA ASN B 107 17.69 -33.09 -14.67
C ASN B 107 18.37 -31.70 -14.59
N LEU B 108 19.69 -31.71 -14.40
CA LEU B 108 20.52 -30.49 -14.16
C LEU B 108 20.44 -29.56 -15.37
N LEU B 109 20.48 -30.11 -16.59
CA LEU B 109 20.46 -29.32 -17.84
C LEU B 109 19.14 -28.57 -17.95
N GLN B 110 18.03 -29.22 -17.58
CA GLN B 110 16.66 -28.63 -17.63
C GLN B 110 16.57 -27.51 -16.58
N LEU B 111 17.19 -27.69 -15.41
CA LEU B 111 17.26 -26.62 -14.37
C LEU B 111 18.06 -25.44 -14.94
N ALA B 112 19.24 -25.70 -15.50
CA ALA B 112 20.18 -24.68 -16.02
C ALA B 112 19.54 -23.88 -17.14
N THR B 113 18.67 -24.50 -17.95
CA THR B 113 18.09 -23.91 -19.19
C THR B 113 16.57 -23.69 -19.02
N TYR B 114 16.08 -23.66 -17.79
CA TYR B 114 14.77 -23.07 -17.39
C TYR B 114 13.58 -23.89 -17.92
N THR B 115 13.67 -25.22 -18.00
CA THR B 115 12.61 -26.08 -18.61
C THR B 115 12.02 -27.09 -17.60
N SER B 116 12.05 -26.79 -16.30
CA SER B 116 11.41 -27.61 -15.25
C SER B 116 9.90 -27.71 -15.50
N GLY B 117 9.30 -26.63 -16.02
CA GLY B 117 7.86 -26.52 -16.33
C GLY B 117 7.04 -25.91 -15.22
N ASN B 118 7.63 -25.60 -14.06
CA ASN B 118 6.89 -24.93 -12.95
C ASN B 118 7.85 -24.14 -12.04
N LEU B 119 8.72 -23.32 -12.62
CA LEU B 119 9.56 -22.36 -11.85
C LEU B 119 9.47 -21.00 -12.54
N ALA B 120 9.04 -19.98 -11.79
CA ALA B 120 8.81 -18.61 -12.28
C ALA B 120 10.11 -17.82 -12.19
N LEU B 121 10.10 -16.55 -12.58
CA LEU B 121 11.30 -15.66 -12.56
C LEU B 121 11.87 -15.61 -11.14
N GLN B 122 11.03 -15.37 -10.13
CA GLN B 122 11.45 -15.21 -8.70
C GLN B 122 10.79 -16.31 -7.85
N PHE B 123 11.47 -16.68 -6.76
CA PHE B 123 10.86 -17.39 -5.60
C PHE B 123 9.66 -16.60 -5.10
N PRO B 124 8.66 -17.26 -4.50
CA PRO B 124 7.62 -16.54 -3.75
C PRO B 124 8.26 -15.65 -2.68
N ASP B 125 7.64 -14.51 -2.38
CA ASP B 125 8.16 -13.47 -1.45
C ASP B 125 8.44 -14.08 -0.07
N GLU B 126 7.65 -15.07 0.34
CA GLU B 126 7.77 -15.76 1.66
C GLU B 126 9.12 -16.48 1.81
N VAL B 127 9.68 -16.97 0.70
CA VAL B 127 10.93 -17.80 0.74
C VAL B 127 12.14 -16.86 0.91
N GLN B 128 12.87 -16.99 2.01
CA GLN B 128 14.09 -16.19 2.32
C GLN B 128 15.20 -17.11 2.82
N THR B 129 14.96 -17.87 3.89
CA THR B 129 15.98 -18.69 4.61
C THR B 129 16.28 -19.96 3.81
N ASP B 130 17.41 -20.61 4.08
CA ASP B 130 17.78 -21.90 3.44
C ASP B 130 16.72 -22.96 3.78
N GLN B 131 16.20 -22.98 5.01
CA GLN B 131 15.09 -23.89 5.44
C GLN B 131 13.86 -23.64 4.55
N GLN B 132 13.53 -22.37 4.27
CA GLN B 132 12.36 -22.01 3.42
C GLN B 132 12.62 -22.41 1.97
N VAL B 133 13.87 -22.35 1.50
CA VAL B 133 14.27 -22.79 0.12
C VAL B 133 14.07 -24.31 0.03
N LEU B 134 14.56 -25.06 1.02
CA LEU B 134 14.44 -26.55 1.06
C LEU B 134 12.95 -26.93 1.06
N THR B 135 12.14 -26.30 1.91
CA THR B 135 10.67 -26.52 2.02
C THR B 135 10.03 -26.27 0.65
N PHE B 136 10.43 -25.21 -0.05
CA PHE B 136 9.87 -24.82 -1.37
C PHE B 136 10.08 -25.95 -2.38
N PHE B 137 11.30 -26.51 -2.46
CA PHE B 137 11.68 -27.56 -3.45
C PHE B 137 11.11 -28.92 -3.03
N LYS B 138 11.00 -29.18 -1.72
CA LYS B 138 10.34 -30.42 -1.20
C LYS B 138 8.85 -30.42 -1.57
N ASP B 139 8.19 -29.26 -1.54
CA ASP B 139 6.73 -29.11 -1.76
C ASP B 139 6.44 -28.88 -3.26
N TRP B 140 7.48 -28.77 -4.10
CA TRP B 140 7.35 -28.49 -5.55
C TRP B 140 6.66 -29.66 -6.26
N LYS B 141 5.74 -29.34 -7.18
CA LYS B 141 5.05 -30.32 -8.05
C LYS B 141 5.10 -29.83 -9.50
N PRO B 142 5.17 -30.74 -10.51
CA PRO B 142 5.20 -30.33 -11.91
C PRO B 142 3.90 -29.66 -12.37
N LYS B 143 3.99 -28.83 -13.42
CA LYS B 143 2.83 -28.22 -14.11
C LYS B 143 2.93 -28.59 -15.61
N ASN B 144 3.77 -27.90 -16.36
CA ASN B 144 4.00 -28.19 -17.80
C ASN B 144 4.86 -29.45 -17.93
N PRO B 145 4.75 -30.19 -19.06
CA PRO B 145 5.59 -31.37 -19.28
C PRO B 145 7.08 -31.00 -19.20
N ILE B 146 7.83 -31.74 -18.39
CA ILE B 146 9.26 -31.43 -18.06
C ILE B 146 10.06 -31.41 -19.37
N GLY B 147 10.83 -30.33 -19.58
CA GLY B 147 11.81 -30.22 -20.67
C GLY B 147 11.26 -29.52 -21.90
N GLU B 148 9.96 -29.27 -21.97
CA GLU B 148 9.28 -28.82 -23.22
C GLU B 148 9.08 -27.30 -23.22
N TYR B 149 9.02 -26.65 -22.04
CA TYR B 149 8.63 -25.23 -21.92
C TYR B 149 9.72 -24.44 -21.20
N ARG B 150 10.23 -23.39 -21.85
CA ARG B 150 11.22 -22.45 -21.26
C ARG B 150 10.48 -21.35 -20.50
N GLN B 151 10.76 -21.22 -19.20
CA GLN B 151 10.33 -20.07 -18.36
C GLN B 151 11.57 -19.54 -17.64
N TYR B 152 12.10 -18.40 -18.08
CA TYR B 152 13.31 -17.76 -17.52
C TYR B 152 13.14 -17.65 -16.01
N SER B 153 14.06 -18.21 -15.22
CA SER B 153 13.85 -18.48 -13.77
C SER B 153 15.15 -18.41 -12.95
N ASN B 154 15.16 -17.54 -11.93
CA ASN B 154 16.25 -17.46 -10.92
C ASN B 154 16.29 -18.74 -10.08
N PRO B 155 15.15 -19.20 -9.49
CA PRO B 155 15.15 -20.44 -8.72
C PRO B 155 15.73 -21.64 -9.48
N SER B 156 15.42 -21.72 -10.77
CA SER B 156 15.80 -22.85 -11.67
C SER B 156 17.34 -22.94 -11.76
N ILE B 157 18.00 -21.90 -12.23
CA ILE B 157 19.49 -21.90 -12.34
C ILE B 157 20.11 -21.74 -10.94
N GLY B 158 19.39 -21.11 -10.01
CA GLY B 158 19.77 -21.08 -8.58
C GLY B 158 20.01 -22.48 -8.05
N LEU B 159 19.06 -23.38 -8.29
CA LEU B 159 19.14 -24.78 -7.78
C LEU B 159 20.29 -25.50 -8.47
N PHE B 160 20.46 -25.28 -9.77
CA PHE B 160 21.57 -25.83 -10.59
C PHE B 160 22.90 -25.42 -9.95
N GLY B 161 23.05 -24.12 -9.65
CA GLY B 161 24.26 -23.58 -9.01
C GLY B 161 24.54 -24.29 -7.70
N LYS B 162 23.53 -24.38 -6.84
CA LYS B 162 23.62 -25.00 -5.49
C LYS B 162 24.09 -26.45 -5.62
N VAL B 163 23.55 -27.20 -6.59
CA VAL B 163 23.92 -28.62 -6.88
C VAL B 163 25.36 -28.69 -7.39
N VAL B 164 25.74 -27.81 -8.33
CA VAL B 164 27.14 -27.73 -8.85
C VAL B 164 28.08 -27.55 -7.66
N ALA B 165 27.72 -26.69 -6.71
CA ALA B 165 28.53 -26.39 -5.50
C ALA B 165 28.67 -27.65 -4.65
N LEU B 166 27.54 -28.31 -4.33
CA LEU B 166 27.53 -29.56 -3.54
C LEU B 166 28.48 -30.58 -4.20
N SER B 167 28.43 -30.70 -5.54
CA SER B 167 29.21 -31.68 -6.33
C SER B 167 30.72 -31.43 -6.21
N MET B 168 31.13 -30.21 -5.87
CA MET B 168 32.57 -29.82 -5.77
C MET B 168 32.98 -29.63 -4.29
N ASN B 169 32.10 -29.99 -3.35
CA ASN B 169 32.36 -30.01 -1.88
C ASN B 169 32.80 -28.62 -1.41
N LYS B 170 32.16 -27.56 -1.92
CA LYS B 170 32.43 -26.15 -1.54
C LYS B 170 31.11 -25.37 -1.63
N PRO B 171 30.91 -24.33 -0.80
CA PRO B 171 29.77 -23.43 -1.00
C PRO B 171 29.99 -22.70 -2.34
N PHE B 172 28.89 -22.28 -2.97
CA PHE B 172 28.89 -21.66 -4.33
C PHE B 172 29.83 -20.45 -4.37
N ASP B 173 29.83 -19.60 -3.34
CA ASP B 173 30.71 -18.40 -3.29
C ASP B 173 32.17 -18.82 -3.46
N GLN B 174 32.58 -19.94 -2.85
CA GLN B 174 33.97 -20.45 -2.87
C GLN B 174 34.28 -21.07 -4.25
N VAL B 175 33.31 -21.74 -4.86
CA VAL B 175 33.46 -22.31 -6.24
C VAL B 175 33.91 -21.18 -7.18
N LEU B 176 33.22 -20.03 -7.14
CA LEU B 176 33.52 -18.88 -8.03
C LEU B 176 34.82 -18.19 -7.57
N GLU B 177 34.91 -17.83 -6.28
CA GLU B 177 36.00 -16.94 -5.80
C GLU B 177 37.33 -17.71 -5.75
N LYS B 178 37.32 -19.01 -5.46
CA LYS B 178 38.56 -19.82 -5.24
C LYS B 178 38.93 -20.63 -6.49
N THR B 179 37.97 -21.00 -7.36
CA THR B 179 38.23 -21.90 -8.52
C THR B 179 38.00 -21.17 -9.85
N ILE B 180 36.76 -20.71 -10.12
CA ILE B 180 36.34 -20.25 -11.49
C ILE B 180 36.97 -18.88 -11.80
N PHE B 181 36.81 -17.88 -10.93
CA PHE B 181 37.34 -16.51 -11.17
C PHE B 181 38.85 -16.59 -11.41
N PRO B 182 39.65 -17.24 -10.52
CA PRO B 182 41.09 -17.34 -10.72
C PRO B 182 41.47 -18.08 -12.03
N ALA B 183 40.76 -19.16 -12.37
CA ALA B 183 40.97 -19.92 -13.62
C ALA B 183 40.74 -19.01 -14.84
N LEU B 184 39.82 -18.04 -14.75
CA LEU B 184 39.51 -17.10 -15.86
C LEU B 184 40.44 -15.88 -15.81
N GLY B 185 41.31 -15.79 -14.80
CA GLY B 185 42.25 -14.68 -14.58
C GLY B 185 41.55 -13.41 -14.12
N LEU B 186 40.44 -13.53 -13.38
CA LEU B 186 39.69 -12.37 -12.86
C LEU B 186 40.19 -12.06 -11.44
N LYS B 187 40.57 -10.80 -11.20
CA LYS B 187 41.26 -10.34 -9.96
C LYS B 187 40.29 -9.56 -9.06
N HIS B 188 39.22 -8.99 -9.62
CA HIS B 188 38.32 -8.05 -8.91
C HIS B 188 36.86 -8.43 -9.16
N SER B 189 36.55 -9.72 -9.11
CA SER B 189 35.19 -10.27 -9.30
C SER B 189 34.79 -11.01 -8.04
N TYR B 190 33.58 -10.77 -7.53
CA TYR B 190 33.16 -11.22 -6.18
C TYR B 190 31.71 -11.68 -6.19
N VAL B 191 31.42 -12.68 -5.37
CA VAL B 191 30.05 -12.97 -4.86
C VAL B 191 29.83 -12.06 -3.65
N ASN B 192 30.81 -11.98 -2.75
CA ASN B 192 30.80 -11.11 -1.54
C ASN B 192 31.95 -10.12 -1.66
N VAL B 193 31.65 -8.83 -1.83
CA VAL B 193 32.69 -7.77 -1.91
C VAL B 193 33.30 -7.61 -0.53
N PRO B 194 34.63 -7.83 -0.37
CA PRO B 194 35.27 -7.70 0.94
C PRO B 194 35.45 -6.23 1.36
N LYS B 195 35.66 -6.03 2.67
CA LYS B 195 35.76 -4.70 3.35
C LYS B 195 36.74 -3.80 2.58
N THR B 196 37.86 -4.36 2.14
CA THR B 196 38.97 -3.62 1.47
C THR B 196 38.56 -3.12 0.07
N GLN B 197 37.44 -3.59 -0.48
CA GLN B 197 36.99 -3.19 -1.85
C GLN B 197 35.69 -2.39 -1.80
N MET B 198 35.08 -2.22 -0.61
CA MET B 198 33.77 -1.52 -0.49
C MET B 198 33.89 -0.08 -1.03
N GLN B 199 35.07 0.54 -0.92
CA GLN B 199 35.33 1.90 -1.45
C GLN B 199 35.22 1.92 -2.98
N ASN B 200 35.37 0.75 -3.64
CA ASN B 200 35.31 0.63 -5.13
C ASN B 200 33.91 0.15 -5.58
N TYR B 201 33.06 -0.25 -4.65
CA TYR B 201 31.71 -0.81 -4.94
C TYR B 201 30.79 0.38 -5.22
N ALA B 202 30.34 0.52 -6.48
CA ALA B 202 29.37 1.54 -6.88
C ALA B 202 28.09 1.40 -6.05
N PHE B 203 27.42 2.50 -5.77
CA PHE B 203 25.97 2.45 -5.43
C PHE B 203 25.20 2.25 -6.72
N GLY B 204 24.15 1.45 -6.68
CA GLY B 204 23.06 1.47 -7.64
C GLY B 204 22.14 2.65 -7.36
N TYR B 205 21.35 3.05 -8.34
CA TYR B 205 20.35 4.14 -8.21
C TYR B 205 19.02 3.64 -8.76
N ASN B 206 17.94 3.83 -7.98
CA ASN B 206 16.57 3.41 -8.34
C ASN B 206 15.97 4.50 -9.23
N GLN B 207 14.68 4.38 -9.58
CA GLN B 207 14.01 5.24 -10.59
C GLN B 207 13.87 6.69 -10.07
N GLU B 208 13.99 6.91 -8.75
CA GLU B 208 13.98 8.27 -8.13
C GLU B 208 15.42 8.71 -7.78
N ASN B 209 16.44 8.03 -8.34
CA ASN B 209 17.88 8.34 -8.14
C ASN B 209 18.25 8.30 -6.65
N GLN B 210 17.65 7.37 -5.90
CA GLN B 210 18.03 7.08 -4.51
C GLN B 210 19.00 5.90 -4.54
N PRO B 211 20.06 5.94 -3.71
CA PRO B 211 21.06 4.86 -3.69
C PRO B 211 20.47 3.54 -3.17
N ILE B 212 20.85 2.45 -3.83
CA ILE B 212 20.40 1.08 -3.50
C ILE B 212 21.50 0.11 -3.90
N ARG B 213 21.58 -1.01 -3.19
CA ARG B 213 22.44 -2.16 -3.54
C ARG B 213 21.57 -3.40 -3.46
N VAL B 214 22.02 -4.50 -4.05
CA VAL B 214 21.23 -5.75 -4.15
C VAL B 214 20.99 -6.25 -2.71
N ASN B 215 19.77 -6.70 -2.42
CA ASN B 215 19.39 -7.30 -1.11
C ASN B 215 19.80 -8.77 -1.14
N PRO B 216 20.31 -9.34 -0.01
CA PRO B 216 20.50 -10.79 0.07
C PRO B 216 19.14 -11.46 -0.22
N GLY B 217 19.17 -12.61 -0.90
CA GLY B 217 17.96 -13.36 -1.28
C GLY B 217 18.26 -14.84 -1.40
N PRO B 218 17.22 -15.71 -1.54
CA PRO B 218 17.43 -17.15 -1.63
C PRO B 218 18.10 -17.55 -2.96
N LEU B 219 19.19 -18.31 -2.86
CA LEU B 219 20.08 -18.72 -3.99
C LEU B 219 20.36 -17.50 -4.89
N ASP B 220 20.67 -16.36 -4.28
CA ASP B 220 20.95 -15.09 -4.99
C ASP B 220 22.24 -15.22 -5.82
N ALA B 221 23.29 -15.80 -5.24
CA ALA B 221 24.66 -15.81 -5.83
C ALA B 221 24.64 -16.39 -7.24
N PRO B 222 24.15 -17.64 -7.44
CA PRO B 222 24.16 -18.24 -8.78
C PRO B 222 23.24 -17.56 -9.80
N ALA B 223 22.17 -16.88 -9.36
CA ALA B 223 21.15 -16.27 -10.24
C ALA B 223 21.51 -14.83 -10.62
N TYR B 224 21.97 -14.00 -9.68
CA TYR B 224 22.19 -12.56 -9.96
C TYR B 224 23.18 -11.90 -8.97
N GLY B 225 24.06 -12.66 -8.32
CA GLY B 225 24.80 -12.20 -7.12
C GLY B 225 26.25 -11.83 -7.37
N VAL B 226 26.72 -11.77 -8.62
CA VAL B 226 28.15 -11.52 -8.93
C VAL B 226 28.34 -10.02 -9.20
N LYS B 227 29.46 -9.49 -8.71
CA LYS B 227 29.90 -8.10 -8.94
C LYS B 227 31.29 -8.13 -9.57
N SER B 228 31.57 -7.20 -10.47
CA SER B 228 32.82 -7.20 -11.25
C SER B 228 33.14 -5.79 -11.76
N THR B 229 34.36 -5.61 -12.26
CA THR B 229 34.88 -4.37 -12.86
C THR B 229 34.85 -4.51 -14.38
N LEU B 230 34.99 -3.40 -15.11
CA LEU B 230 35.06 -3.44 -16.59
C LEU B 230 36.26 -4.25 -17.04
N PRO B 231 37.48 -4.04 -16.50
CA PRO B 231 38.65 -4.82 -16.91
C PRO B 231 38.45 -6.34 -16.76
N ASP B 232 37.86 -6.78 -15.65
CA ASP B 232 37.53 -8.22 -15.42
C ASP B 232 36.52 -8.71 -16.45
N MET B 233 35.49 -7.93 -16.76
CA MET B 233 34.43 -8.37 -17.71
C MET B 233 35.01 -8.42 -19.12
N LEU B 234 35.97 -7.54 -19.46
CA LEU B 234 36.70 -7.61 -20.76
C LEU B 234 37.57 -8.87 -20.81
N SER B 235 38.18 -9.26 -19.69
CA SER B 235 38.97 -10.51 -19.58
C SER B 235 38.04 -11.72 -19.77
N PHE B 236 36.84 -11.68 -19.18
CA PHE B 236 35.84 -12.75 -19.33
C PHE B 236 35.44 -12.88 -20.80
N ILE B 237 35.17 -11.76 -21.48
CA ILE B 237 34.86 -11.77 -22.95
C ILE B 237 36.06 -12.34 -23.72
N HIS B 238 37.29 -11.96 -23.34
CA HIS B 238 38.51 -12.46 -24.00
C HIS B 238 38.55 -13.99 -23.92
N ALA B 239 38.31 -14.56 -22.73
CA ALA B 239 38.30 -16.02 -22.48
C ALA B 239 37.27 -16.70 -23.38
N ASN B 240 36.10 -16.06 -23.58
CA ASN B 240 34.99 -16.60 -24.41
C ASN B 240 35.36 -16.52 -25.89
N LEU B 241 36.13 -15.50 -26.30
CA LEU B 241 36.59 -15.35 -27.70
C LEU B 241 37.77 -16.31 -27.98
N ASN B 242 38.58 -16.68 -26.97
CA ASN B 242 39.87 -17.41 -27.13
C ASN B 242 40.03 -18.51 -26.08
N PRO B 243 39.08 -19.45 -25.95
CA PRO B 243 39.16 -20.45 -24.88
C PRO B 243 40.37 -21.39 -25.02
N GLN B 244 40.87 -21.55 -26.25
CA GLN B 244 42.05 -22.41 -26.60
C GLN B 244 43.30 -21.95 -25.83
N LYS B 245 43.37 -20.68 -25.42
CA LYS B 245 44.57 -20.07 -24.77
C LYS B 245 44.57 -20.35 -23.26
N TYR B 246 43.53 -20.99 -22.72
CA TYR B 246 43.34 -21.23 -21.27
C TYR B 246 43.59 -22.70 -20.96
N PRO B 247 43.90 -23.05 -19.69
CA PRO B 247 44.05 -24.45 -19.30
C PRO B 247 42.82 -25.30 -19.66
N THR B 248 43.07 -26.59 -19.94
CA THR B 248 42.09 -27.60 -20.41
C THR B 248 40.76 -27.51 -19.63
N ASP B 249 40.84 -27.47 -18.29
CA ASP B 249 39.64 -27.58 -17.41
C ASP B 249 38.68 -26.42 -17.66
N ILE B 250 39.18 -25.18 -17.63
CA ILE B 250 38.33 -23.97 -17.82
C ILE B 250 38.02 -23.80 -19.31
N GLN B 251 38.93 -24.21 -20.20
CA GLN B 251 38.73 -24.19 -21.67
C GLN B 251 37.48 -25.03 -22.01
N ARG B 252 37.40 -26.27 -21.52
CA ARG B 252 36.26 -27.19 -21.76
C ARG B 252 35.00 -26.58 -21.12
N ALA B 253 35.12 -25.98 -19.93
CA ALA B 253 34.02 -25.31 -19.21
C ALA B 253 33.42 -24.21 -20.11
N ILE B 254 34.26 -23.34 -20.68
CA ILE B 254 33.83 -22.20 -21.55
C ILE B 254 33.13 -22.75 -22.80
N ASN B 255 33.73 -23.73 -23.48
CA ASN B 255 33.16 -24.30 -24.73
C ASN B 255 31.80 -24.93 -24.43
N GLU B 256 31.66 -25.54 -23.24
CA GLU B 256 30.38 -26.15 -22.77
C GLU B 256 29.28 -25.08 -22.76
N THR B 257 29.60 -23.83 -22.39
CA THR B 257 28.60 -22.73 -22.27
C THR B 257 28.18 -22.20 -23.64
N HIS B 258 28.92 -22.51 -24.71
CA HIS B 258 28.66 -22.01 -26.09
C HIS B 258 27.72 -22.96 -26.87
N GLN B 259 27.50 -24.17 -26.37
CA GLN B 259 26.72 -25.21 -27.08
C GLN B 259 25.22 -24.90 -26.93
N GLY B 260 24.55 -24.58 -28.06
CA GLY B 260 23.08 -24.50 -28.13
C GLY B 260 22.44 -25.78 -27.66
N ARG B 261 21.37 -25.68 -26.88
CA ARG B 261 20.66 -26.86 -26.29
C ARG B 261 19.28 -27.00 -26.93
N TYR B 262 18.65 -25.87 -27.25
CA TYR B 262 17.34 -25.82 -27.95
C TYR B 262 17.15 -24.42 -28.53
N GLN B 263 16.06 -24.25 -29.27
CA GLN B 263 15.69 -23.02 -29.99
C GLN B 263 14.34 -22.52 -29.47
N VAL B 264 14.18 -21.20 -29.36
CA VAL B 264 12.89 -20.50 -29.21
C VAL B 264 12.87 -19.39 -30.26
N ASN B 265 12.18 -19.63 -31.38
CA ASN B 265 12.16 -18.73 -32.58
C ASN B 265 13.61 -18.56 -33.06
N THR B 266 14.12 -17.33 -33.10
CA THR B 266 15.48 -17.01 -33.62
C THR B 266 16.55 -17.19 -32.51
N MET B 267 16.14 -17.42 -31.26
CA MET B 267 17.08 -17.47 -30.11
C MET B 267 17.43 -18.93 -29.82
N TYR B 268 18.73 -19.24 -29.76
CA TYR B 268 19.27 -20.55 -29.30
C TYR B 268 19.70 -20.39 -27.84
N GLN B 269 19.16 -21.22 -26.96
CA GLN B 269 19.52 -21.23 -25.52
C GLN B 269 20.78 -22.09 -25.36
N ALA B 270 21.91 -21.46 -25.05
CA ALA B 270 23.13 -22.15 -24.58
C ALA B 270 23.10 -22.19 -23.05
N LEU B 271 24.20 -22.57 -22.42
CA LEU B 271 24.33 -22.55 -20.93
C LEU B 271 24.62 -21.10 -20.51
N GLY B 272 23.61 -20.42 -19.95
CA GLY B 272 23.70 -19.00 -19.56
C GLY B 272 23.54 -18.08 -20.77
N TRP B 273 24.47 -18.16 -21.73
CA TRP B 273 24.47 -17.37 -22.99
C TRP B 273 23.20 -17.62 -23.81
N GLU B 274 22.72 -16.55 -24.44
CA GLU B 274 21.78 -16.62 -25.60
C GLU B 274 22.64 -16.59 -26.88
N GLU B 275 22.26 -17.39 -27.88
CA GLU B 275 23.07 -17.58 -29.12
C GLU B 275 22.19 -17.30 -30.34
N PHE B 276 22.76 -16.66 -31.37
CA PHE B 276 22.05 -16.24 -32.60
C PHE B 276 22.92 -16.53 -33.81
N SER B 277 22.29 -16.85 -34.93
CA SER B 277 22.94 -16.89 -36.26
C SER B 277 23.52 -15.50 -36.55
N TYR B 278 24.80 -15.43 -36.93
CA TYR B 278 25.48 -14.16 -37.28
C TYR B 278 25.69 -14.12 -38.79
N PRO B 279 25.39 -13.00 -39.49
CA PRO B 279 24.94 -11.76 -38.85
C PRO B 279 23.50 -11.84 -38.33
N ALA B 280 23.22 -11.14 -37.23
CA ALA B 280 21.87 -11.00 -36.67
C ALA B 280 21.36 -9.59 -36.94
N THR B 281 20.07 -9.45 -37.21
CA THR B 281 19.36 -8.14 -37.32
C THR B 281 19.23 -7.55 -35.91
N LEU B 282 19.16 -6.23 -35.81
CA LEU B 282 18.89 -5.53 -34.52
C LEU B 282 17.61 -6.11 -33.89
N GLN B 283 16.56 -6.27 -34.69
CA GLN B 283 15.22 -6.69 -34.18
C GLN B 283 15.30 -8.12 -33.63
N THR B 284 16.10 -8.99 -34.24
CA THR B 284 16.35 -10.37 -33.72
C THR B 284 16.88 -10.26 -32.28
N LEU B 285 17.88 -9.40 -32.06
CA LEU B 285 18.54 -9.26 -30.73
C LEU B 285 17.55 -8.61 -29.75
N LEU B 286 16.76 -7.63 -30.20
CA LEU B 286 15.71 -6.98 -29.36
C LEU B 286 14.64 -8.02 -28.96
N ASP B 287 14.21 -8.87 -29.90
CA ASP B 287 13.14 -9.90 -29.68
C ASP B 287 13.57 -10.89 -28.60
N SER B 288 14.87 -11.22 -28.51
CA SER B 288 15.42 -12.15 -27.49
C SER B 288 15.01 -11.71 -26.08
N ASN B 289 14.80 -10.41 -25.84
CA ASN B 289 14.49 -9.89 -24.47
C ASN B 289 13.09 -9.27 -24.42
N SER B 290 12.19 -9.67 -25.30
CA SER B 290 10.74 -9.30 -25.27
C SER B 290 10.08 -9.83 -23.99
N GLU B 291 8.97 -9.23 -23.56
CA GLU B 291 8.15 -9.71 -22.41
C GLU B 291 7.78 -11.18 -22.61
N GLN B 292 7.43 -11.56 -23.85
CA GLN B 292 6.97 -12.93 -24.20
C GLN B 292 8.08 -13.95 -23.89
N ILE B 293 9.33 -13.66 -24.25
CA ILE B 293 10.48 -14.59 -24.05
C ILE B 293 10.91 -14.56 -22.58
N VAL B 294 10.99 -13.37 -21.97
CA VAL B 294 11.56 -13.19 -20.59
C VAL B 294 10.56 -13.65 -19.53
N MET B 295 9.27 -13.32 -19.66
CA MET B 295 8.30 -13.37 -18.53
C MET B 295 7.30 -14.54 -18.67
N LYS B 296 7.12 -15.11 -19.87
CA LYS B 296 6.08 -16.14 -20.12
C LYS B 296 6.73 -17.45 -20.56
N PRO B 297 6.03 -18.59 -20.39
CA PRO B 297 6.52 -19.88 -20.89
C PRO B 297 6.46 -19.94 -22.42
N ASN B 298 7.47 -20.56 -23.03
CA ASN B 298 7.54 -20.75 -24.50
C ASN B 298 7.97 -22.19 -24.77
N LYS B 299 7.17 -22.91 -25.56
CA LYS B 299 7.48 -24.27 -26.04
C LYS B 299 8.82 -24.19 -26.76
N VAL B 300 9.75 -25.09 -26.45
CA VAL B 300 11.09 -25.12 -27.11
C VAL B 300 11.04 -26.09 -28.29
N THR B 301 11.96 -25.93 -29.23
CA THR B 301 12.17 -26.84 -30.39
C THR B 301 13.61 -27.36 -30.32
N ALA B 302 13.79 -28.64 -30.61
CA ALA B 302 15.14 -29.29 -30.65
C ALA B 302 15.97 -28.60 -31.73
N ILE B 303 17.28 -28.52 -31.52
CA ILE B 303 18.24 -28.00 -32.53
C ILE B 303 18.26 -29.00 -33.69
N SER B 304 18.05 -28.52 -34.91
CA SER B 304 18.24 -29.30 -36.16
C SER B 304 19.58 -28.94 -36.83
N LYS B 305 19.75 -27.68 -37.24
CA LYS B 305 20.97 -27.12 -37.89
C LYS B 305 21.57 -26.03 -36.99
N GLU B 306 22.74 -26.31 -36.42
CA GLU B 306 23.51 -25.36 -35.58
C GLU B 306 24.19 -24.35 -36.49
N PRO B 307 23.77 -23.06 -36.51
CA PRO B 307 24.34 -22.06 -37.41
C PRO B 307 25.87 -22.12 -37.53
N SER B 308 26.38 -21.96 -38.75
CA SER B 308 27.84 -22.00 -39.09
C SER B 308 28.59 -20.92 -38.29
N VAL B 309 28.08 -19.69 -38.32
CA VAL B 309 28.66 -18.50 -37.62
C VAL B 309 27.61 -17.98 -36.63
N LYS B 310 28.00 -17.83 -35.36
CA LYS B 310 27.09 -17.43 -34.26
C LYS B 310 27.64 -16.20 -33.54
N MET B 311 26.74 -15.46 -32.87
CA MET B 311 27.10 -14.45 -31.85
C MET B 311 26.35 -14.79 -30.56
N TYR B 312 26.79 -14.25 -29.44
CA TYR B 312 26.23 -14.54 -28.09
C TYR B 312 26.01 -13.22 -27.36
N HIS B 313 24.96 -13.13 -26.55
CA HIS B 313 24.78 -11.97 -25.65
C HIS B 313 24.05 -12.41 -24.38
N LYS B 314 24.02 -11.51 -23.40
CA LYS B 314 23.27 -11.66 -22.15
C LYS B 314 23.06 -10.26 -21.56
N THR B 315 21.83 -9.96 -21.17
CA THR B 315 21.47 -8.77 -20.38
C THR B 315 21.48 -9.15 -18.90
N GLY B 316 21.68 -8.15 -18.04
CA GLY B 316 21.60 -8.33 -16.59
C GLY B 316 21.03 -7.08 -15.95
N SER B 317 20.17 -7.25 -14.95
CA SER B 317 19.59 -6.13 -14.18
C SER B 317 19.48 -6.51 -12.72
N THR B 318 19.82 -5.58 -11.84
CA THR B 318 19.39 -5.57 -10.41
C THR B 318 18.56 -4.31 -10.21
N SER B 319 18.08 -4.08 -8.98
CA SER B 319 17.26 -2.89 -8.64
C SER B 319 17.98 -1.63 -9.14
N GLY B 320 19.30 -1.57 -9.01
CA GLY B 320 20.09 -0.32 -9.20
C GLY B 320 21.09 -0.39 -10.34
N PHE B 321 21.21 -1.51 -11.07
CA PHE B 321 22.29 -1.71 -12.07
C PHE B 321 21.77 -2.38 -13.34
N GLY B 322 22.34 -1.97 -14.49
CA GLY B 322 22.15 -2.61 -15.79
C GLY B 322 23.46 -3.10 -16.37
N THR B 323 23.42 -4.27 -17.01
CA THR B 323 24.58 -4.93 -17.65
C THR B 323 24.18 -5.43 -19.05
N TYR B 324 25.10 -5.35 -20.00
CA TYR B 324 24.98 -6.03 -21.31
C TYR B 324 26.37 -6.50 -21.73
N VAL B 325 26.45 -7.77 -22.13
CA VAL B 325 27.70 -8.35 -22.72
C VAL B 325 27.30 -9.02 -24.03
N VAL B 326 28.15 -8.87 -25.05
CA VAL B 326 27.94 -9.43 -26.41
C VAL B 326 29.32 -9.74 -26.99
N PHE B 327 29.46 -10.85 -27.70
CA PHE B 327 30.70 -11.18 -28.44
C PHE B 327 30.37 -11.96 -29.70
N ILE B 328 31.22 -11.80 -30.71
CA ILE B 328 31.09 -12.35 -32.10
C ILE B 328 32.42 -13.00 -32.46
N PRO B 329 32.57 -14.34 -32.26
CA PRO B 329 33.84 -15.03 -32.53
C PRO B 329 34.45 -14.73 -33.91
N LYS B 330 33.65 -14.71 -34.98
CA LYS B 330 34.10 -14.53 -36.39
C LYS B 330 34.77 -13.17 -36.58
N GLU B 331 34.30 -12.13 -35.88
CA GLU B 331 34.85 -10.74 -35.97
C GLU B 331 35.89 -10.53 -34.87
N ASN B 332 36.11 -11.52 -34.00
CA ASN B 332 37.02 -11.48 -32.82
C ASN B 332 36.77 -10.19 -32.02
N ILE B 333 35.50 -9.88 -31.74
CA ILE B 333 35.10 -8.58 -31.12
C ILE B 333 34.04 -8.86 -30.04
N GLY B 334 34.03 -8.04 -28.98
CA GLY B 334 33.00 -8.05 -27.93
C GLY B 334 32.84 -6.69 -27.30
N LEU B 335 31.75 -6.50 -26.56
CA LEU B 335 31.45 -5.23 -25.85
C LEU B 335 30.83 -5.56 -24.49
N VAL B 336 31.20 -4.77 -23.48
CA VAL B 336 30.58 -4.80 -22.13
C VAL B 336 30.05 -3.40 -21.82
N MET B 337 28.80 -3.33 -21.35
CA MET B 337 28.18 -2.09 -20.80
C MET B 337 27.78 -2.34 -19.35
N LEU B 338 28.26 -1.48 -18.44
CA LEU B 338 27.91 -1.51 -16.99
C LEU B 338 27.36 -0.13 -16.61
N THR B 339 26.20 -0.07 -15.97
CA THR B 339 25.59 1.18 -15.46
C THR B 339 25.14 0.95 -14.02
N ASN B 340 25.13 2.03 -13.22
CA ASN B 340 24.61 2.03 -11.83
C ASN B 340 23.23 2.69 -11.81
N LYS B 341 22.47 2.49 -12.90
CA LYS B 341 21.00 2.68 -12.96
C LYS B 341 20.50 1.86 -14.15
N ARG B 342 19.38 1.13 -13.98
CA ARG B 342 18.76 0.37 -15.09
C ARG B 342 18.37 1.35 -16.18
N ILE B 343 18.69 1.02 -17.43
CA ILE B 343 18.09 1.64 -18.63
C ILE B 343 17.42 0.53 -19.43
N PRO B 344 16.45 0.83 -20.31
CA PRO B 344 15.75 -0.22 -21.05
C PRO B 344 16.75 -1.12 -21.80
N ASN B 345 16.53 -2.45 -21.75
CA ASN B 345 17.35 -3.47 -22.47
C ASN B 345 17.52 -3.05 -23.93
N GLU B 346 16.47 -2.57 -24.58
CA GLU B 346 16.47 -2.26 -26.03
C GLU B 346 17.53 -1.17 -26.30
N GLU B 347 17.74 -0.24 -25.36
CA GLU B 347 18.72 0.87 -25.51
C GLU B 347 20.14 0.33 -25.40
N ARG B 348 20.36 -0.66 -24.53
CA ARG B 348 21.67 -1.32 -24.34
C ARG B 348 22.02 -2.05 -25.63
N ILE B 349 21.09 -2.85 -26.14
CA ILE B 349 21.30 -3.72 -27.33
C ILE B 349 21.55 -2.83 -28.55
N LYS B 350 20.76 -1.77 -28.74
CA LYS B 350 20.85 -0.86 -29.92
C LYS B 350 22.17 -0.11 -29.91
N ALA B 351 22.58 0.47 -28.77
CA ALA B 351 23.85 1.23 -28.66
C ALA B 351 25.01 0.31 -29.07
N ALA B 352 25.05 -0.90 -28.53
CA ALA B 352 26.10 -1.93 -28.79
C ALA B 352 26.10 -2.30 -30.27
N TYR B 353 24.91 -2.48 -30.85
CA TYR B 353 24.71 -2.88 -32.27
C TYR B 353 25.34 -1.83 -33.19
N VAL B 354 25.00 -0.56 -33.00
CA VAL B 354 25.52 0.58 -33.80
C VAL B 354 27.05 0.61 -33.68
N VAL B 355 27.59 0.54 -32.46
CA VAL B 355 29.05 0.64 -32.21
C VAL B 355 29.76 -0.52 -32.91
N LEU B 356 29.34 -1.77 -32.66
CA LEU B 356 30.04 -2.98 -33.18
C LEU B 356 29.96 -3.02 -34.73
N ASN B 357 28.87 -2.53 -35.32
CA ASN B 357 28.67 -2.53 -36.79
C ASN B 357 29.46 -1.37 -37.44
N ALA B 358 29.78 -0.30 -36.72
CA ALA B 358 30.45 0.91 -37.26
C ALA B 358 31.98 0.76 -37.20
N ILE B 359 32.52 0.00 -36.23
CA ILE B 359 34.00 -0.17 -36.03
C ILE B 359 34.60 -0.74 -37.32
N LYS B 360 35.72 -0.17 -37.78
CA LYS B 360 36.33 -0.43 -39.10
C LYS B 360 36.98 -1.81 -39.11
N LYS C 6 -2.03 -7.90 14.11
CA LYS C 6 -0.97 -6.95 13.65
C LYS C 6 -0.27 -6.33 14.87
N ASP C 7 -1.05 -5.85 15.85
CA ASP C 7 -0.55 -5.37 17.18
C ASP C 7 0.42 -6.40 17.76
N GLN C 8 0.10 -7.69 17.67
CA GLN C 8 0.87 -8.84 18.24
C GLN C 8 2.23 -9.01 17.56
N GLU C 9 2.38 -8.59 16.31
CA GLU C 9 3.65 -8.73 15.56
C GLU C 9 4.73 -7.79 16.09
N ILE C 10 4.45 -6.64 16.75
CA ILE C 10 5.51 -5.64 17.04
C ILE C 10 6.59 -6.27 17.95
N LYS C 11 6.19 -6.92 19.04
CA LYS C 11 7.13 -7.61 19.96
C LYS C 11 8.05 -8.55 19.16
N LYS C 12 7.45 -9.39 18.29
CA LYS C 12 8.18 -10.40 17.49
C LYS C 12 9.20 -9.69 16.58
N LEU C 13 8.78 -8.61 15.91
CA LEU C 13 9.64 -7.85 14.97
C LEU C 13 10.84 -7.22 15.71
N VAL C 14 10.59 -6.68 16.91
CA VAL C 14 11.67 -6.02 17.71
C VAL C 14 12.62 -7.11 18.22
N ASP C 15 12.07 -8.26 18.66
CA ASP C 15 12.88 -9.42 19.11
C ASP C 15 13.77 -9.90 17.94
N GLN C 16 13.22 -9.92 16.72
CA GLN C 16 13.92 -10.46 15.52
C GLN C 16 15.08 -9.55 15.12
N ASN C 17 14.93 -8.24 15.30
CA ASN C 17 15.81 -7.22 14.64
C ASN C 17 16.72 -6.52 15.66
N PHE C 18 16.24 -6.27 16.87
CA PHE C 18 17.01 -5.50 17.89
C PHE C 18 17.68 -6.47 18.87
N LYS C 19 16.97 -7.51 19.33
CA LYS C 19 17.47 -8.40 20.41
C LYS C 19 18.82 -9.02 20.03
N PRO C 20 19.05 -9.48 18.77
CA PRO C 20 20.34 -10.06 18.40
C PRO C 20 21.53 -9.12 18.55
N LEU C 21 21.30 -7.80 18.52
CA LEU C 21 22.40 -6.80 18.62
C LEU C 21 23.04 -6.85 20.03
N LEU C 22 22.31 -7.27 21.07
CA LEU C 22 22.85 -7.33 22.45
C LEU C 22 24.00 -8.35 22.51
N GLU C 23 23.78 -9.55 21.95
CA GLU C 23 24.81 -10.62 21.93
C GLU C 23 25.94 -10.19 21.00
N LYS C 24 25.60 -9.66 19.82
CA LYS C 24 26.59 -9.33 18.76
C LYS C 24 27.59 -8.28 19.25
N TYR C 25 27.16 -7.26 20.01
CA TYR C 25 28.02 -6.13 20.45
C TYR C 25 28.26 -6.15 21.96
N ASP C 26 27.80 -7.20 22.66
CA ASP C 26 27.99 -7.36 24.14
C ASP C 26 27.41 -6.11 24.83
N VAL C 27 26.15 -5.78 24.51
CA VAL C 27 25.42 -4.60 25.07
C VAL C 27 24.70 -5.08 26.32
N PRO C 28 24.97 -4.50 27.51
CA PRO C 28 24.29 -4.98 28.72
C PRO C 28 22.77 -4.78 28.67
N GLY C 29 22.30 -3.61 28.20
CA GLY C 29 20.88 -3.23 28.32
C GLY C 29 20.39 -2.44 27.11
N MET C 30 19.12 -2.62 26.77
CA MET C 30 18.49 -1.90 25.64
C MET C 30 17.00 -1.71 25.93
N ALA C 31 16.49 -0.53 25.60
CA ALA C 31 15.04 -0.23 25.59
C ALA C 31 14.66 0.17 24.16
N VAL C 32 13.68 -0.53 23.60
CA VAL C 32 13.10 -0.22 22.26
C VAL C 32 11.63 0.12 22.44
N GLY C 33 11.23 1.27 21.92
CA GLY C 33 9.85 1.79 21.98
C GLY C 33 9.32 1.97 20.57
N VAL C 34 8.08 1.54 20.34
CA VAL C 34 7.36 1.78 19.06
C VAL C 34 6.05 2.48 19.39
N ILE C 35 5.71 3.50 18.61
CA ILE C 35 4.38 4.15 18.70
C ILE C 35 3.75 4.04 17.32
N GLN C 36 2.52 3.52 17.28
CA GLN C 36 1.73 3.33 16.03
C GLN C 36 0.27 3.64 16.37
N ASN C 37 -0.32 4.64 15.69
CA ASN C 37 -1.74 5.04 15.85
C ASN C 37 -1.99 5.42 17.31
N ASN C 38 -1.04 6.09 17.97
CA ASN C 38 -1.14 6.57 19.37
C ASN C 38 -1.22 5.40 20.37
N LYS C 39 -0.88 4.18 19.93
CA LYS C 39 -0.63 3.02 20.83
C LYS C 39 0.89 2.89 21.03
N LYS C 40 1.34 2.83 22.28
CA LYS C 40 2.77 2.76 22.67
C LYS C 40 3.12 1.31 23.01
N TYR C 41 4.28 0.85 22.52
CA TYR C 41 4.87 -0.48 22.81
C TYR C 41 6.27 -0.27 23.40
N GLU C 42 6.51 -0.85 24.57
CA GLU C 42 7.80 -0.75 25.30
C GLU C 42 8.40 -2.15 25.41
N MET C 43 9.62 -2.31 24.91
CA MET C 43 10.39 -3.58 24.96
C MET C 43 11.71 -3.33 25.69
N TYR C 44 11.96 -4.06 26.77
CA TYR C 44 13.17 -3.92 27.62
C TYR C 44 13.97 -5.21 27.60
N TYR C 45 15.29 -5.08 27.46
CA TYR C 45 16.26 -6.20 27.40
C TYR C 45 17.41 -5.91 28.36
N GLY C 46 17.82 -6.94 29.11
CA GLY C 46 19.09 -6.95 29.84
C GLY C 46 19.09 -5.96 31.01
N LEU C 47 20.27 -5.39 31.28
CA LEU C 47 20.64 -4.80 32.57
C LEU C 47 20.96 -3.31 32.40
N GLN C 48 20.42 -2.50 33.30
CA GLN C 48 20.74 -1.06 33.47
C GLN C 48 22.11 -0.96 34.16
N SER C 49 22.42 -1.91 35.04
CA SER C 49 23.71 -2.03 35.75
C SER C 49 24.12 -3.51 35.80
N VAL C 50 25.26 -3.84 35.22
CA VAL C 50 25.82 -5.23 35.22
C VAL C 50 26.17 -5.58 36.68
N GLN C 51 26.90 -4.72 37.37
CA GLN C 51 27.40 -5.02 38.74
C GLN C 51 26.23 -5.16 39.72
N ASP C 52 25.15 -4.38 39.58
CA ASP C 52 23.98 -4.43 40.50
C ASP C 52 22.96 -5.48 40.03
N LYS C 53 23.13 -6.07 38.84
CA LYS C 53 22.14 -6.99 38.23
C LYS C 53 20.75 -6.34 38.23
N LYS C 54 20.67 -5.05 37.92
CA LYS C 54 19.41 -4.26 37.86
C LYS C 54 18.92 -4.25 36.41
N ALA C 55 17.69 -4.71 36.19
CA ALA C 55 17.10 -4.93 34.85
C ALA C 55 16.71 -3.58 34.27
N VAL C 56 16.90 -3.38 32.97
CA VAL C 56 16.31 -2.23 32.23
C VAL C 56 14.79 -2.32 32.39
N ASN C 57 14.16 -1.19 32.70
CA ASN C 57 12.70 -1.09 32.90
C ASN C 57 12.26 0.33 32.52
N SER C 58 10.97 0.61 32.67
CA SER C 58 10.32 1.89 32.29
C SER C 58 10.91 3.06 33.09
N ASN C 59 11.58 2.82 34.23
CA ASN C 59 12.18 3.91 35.05
C ASN C 59 13.64 4.16 34.66
N THR C 60 14.25 3.31 33.83
CA THR C 60 15.69 3.40 33.52
C THR C 60 15.97 4.69 32.74
N ILE C 61 16.91 5.49 33.24
CA ILE C 61 17.40 6.75 32.60
C ILE C 61 18.65 6.45 31.77
N PHE C 62 18.60 6.80 30.49
CA PHE C 62 19.71 6.68 29.51
C PHE C 62 20.22 8.07 29.10
N GLU C 63 21.49 8.19 28.77
CA GLU C 63 22.07 9.40 28.14
C GLU C 63 21.67 9.40 26.66
N LEU C 64 21.12 10.50 26.18
CA LEU C 64 20.60 10.63 24.79
C LEU C 64 21.71 11.08 23.85
N GLY C 65 22.81 11.62 24.37
CA GLY C 65 23.87 12.21 23.51
C GLY C 65 23.26 13.22 22.56
N SER C 66 23.61 13.16 21.28
CA SER C 66 23.22 14.18 20.25
C SER C 66 21.72 14.23 20.02
N VAL C 67 20.94 13.24 20.45
CA VAL C 67 19.46 13.36 20.41
C VAL C 67 19.03 14.53 21.31
N SER C 68 19.88 14.94 22.26
CA SER C 68 19.72 16.18 23.07
C SER C 68 19.50 17.40 22.15
N LYS C 69 20.13 17.41 20.97
CA LYS C 69 20.06 18.54 20.00
C LYS C 69 18.60 18.77 19.58
N LEU C 70 17.76 17.75 19.63
CA LEU C 70 16.33 17.85 19.25
C LEU C 70 15.59 18.71 20.28
N PHE C 71 16.00 18.65 21.54
CA PHE C 71 15.38 19.46 22.63
C PHE C 71 15.90 20.90 22.53
N THR C 72 17.18 21.08 22.18
CA THR C 72 17.78 22.42 21.92
C THR C 72 17.03 23.10 20.75
N ALA C 73 16.80 22.36 19.67
CA ALA C 73 16.06 22.81 18.47
C ALA C 73 14.63 23.20 18.87
N THR C 74 13.96 22.37 19.67
CA THR C 74 12.56 22.61 20.11
C THR C 74 12.53 23.90 20.96
N ALA C 75 13.50 24.08 21.86
CA ALA C 75 13.64 25.28 22.72
C ALA C 75 13.81 26.53 21.84
N GLY C 76 14.64 26.46 20.80
CA GLY C 76 14.84 27.56 19.83
C GLY C 76 13.54 27.91 19.12
N GLY C 77 12.82 26.89 18.67
CA GLY C 77 11.49 27.03 18.03
C GLY C 77 10.49 27.67 18.96
N TYR C 78 10.57 27.37 20.27
CA TYR C 78 9.68 27.93 21.31
C TYR C 78 9.99 29.43 21.48
N ALA C 79 11.28 29.76 21.60
CA ALA C 79 11.77 31.15 21.77
C ALA C 79 11.39 31.99 20.56
N LYS C 80 11.59 31.45 19.35
CA LYS C 80 11.30 32.17 18.07
C LYS C 80 9.81 32.52 18.02
N ASN C 81 8.93 31.54 18.26
CA ASN C 81 7.47 31.72 18.07
C ASN C 81 6.88 32.56 19.21
N LYS C 82 7.61 32.76 20.31
CA LYS C 82 7.23 33.71 21.40
C LYS C 82 7.88 35.09 21.17
N GLY C 83 8.59 35.27 20.06
CA GLY C 83 9.18 36.57 19.66
C GLY C 83 10.41 36.93 20.48
N LYS C 84 11.04 35.96 21.12
CA LYS C 84 12.23 36.18 22.00
C LYS C 84 13.50 36.23 21.12
N ILE C 85 13.49 35.55 19.98
CA ILE C 85 14.60 35.52 18.99
C ILE C 85 14.02 35.50 17.58
N SER C 86 14.83 35.91 16.60
CA SER C 86 14.66 35.64 15.15
C SER C 86 15.85 34.78 14.73
N PHE C 87 15.65 33.85 13.79
CA PHE C 87 16.74 33.00 13.25
C PHE C 87 17.66 33.84 12.35
N ASP C 88 17.27 35.08 12.01
CA ASP C 88 18.10 36.04 11.24
C ASP C 88 19.02 36.83 12.19
N ASP C 89 18.78 36.79 13.50
CA ASP C 89 19.61 37.49 14.52
C ASP C 89 21.00 36.84 14.59
N THR C 90 21.96 37.59 15.13
CA THR C 90 23.34 37.13 15.41
C THR C 90 23.49 37.04 16.92
N PRO C 91 24.45 36.24 17.44
CA PRO C 91 24.55 35.96 18.88
C PRO C 91 24.84 37.22 19.71
N GLY C 92 25.50 38.21 19.10
CA GLY C 92 25.87 39.49 19.75
C GLY C 92 24.68 40.26 20.27
N LYS C 93 23.50 40.04 19.70
CA LYS C 93 22.25 40.71 20.14
C LYS C 93 21.88 40.30 21.58
N TYR C 94 22.29 39.09 22.01
CA TYR C 94 21.85 38.47 23.28
C TYR C 94 23.03 38.28 24.23
N TRP C 95 24.19 37.84 23.73
CA TRP C 95 25.37 37.69 24.61
C TRP C 95 25.88 39.07 25.05
N LYS C 96 26.17 39.99 24.13
CA LYS C 96 26.54 41.40 24.43
C LYS C 96 28.05 41.46 24.69
N GLU C 97 28.65 40.49 25.40
CA GLU C 97 30.13 40.34 25.48
C GLU C 97 30.70 39.99 24.08
N LEU C 98 29.86 39.53 23.16
CA LEU C 98 30.16 39.39 21.70
C LEU C 98 29.46 40.57 21.02
N LYS C 99 30.06 41.33 20.10
CA LYS C 99 29.34 42.43 19.39
C LYS C 99 29.99 42.76 18.04
N ASN C 100 31.27 43.11 18.03
CA ASN C 100 32.04 43.33 16.77
C ASN C 100 33.04 42.19 16.64
N THR C 101 32.56 40.98 16.95
CA THR C 101 33.32 39.73 16.71
C THR C 101 32.95 39.20 15.33
N PRO C 102 33.90 38.53 14.63
CA PRO C 102 33.59 37.80 13.42
C PRO C 102 32.41 36.81 13.56
N ILE C 103 32.25 36.17 14.73
CA ILE C 103 31.15 35.20 14.99
C ILE C 103 29.81 35.95 14.99
N ASP C 104 29.80 37.26 15.25
CA ASP C 104 28.57 38.07 15.22
C ASP C 104 28.11 38.31 13.78
N GLN C 105 28.85 37.80 12.78
CA GLN C 105 28.43 37.80 11.35
C GLN C 105 27.64 36.52 11.02
N VAL C 106 27.57 35.56 11.95
CA VAL C 106 26.85 34.26 11.74
C VAL C 106 25.47 34.37 12.41
N ASN C 107 24.41 33.95 11.71
CA ASN C 107 23.02 34.06 12.26
C ASN C 107 22.71 32.78 13.06
N LEU C 108 21.63 32.82 13.84
CA LEU C 108 21.24 31.74 14.79
C LEU C 108 20.92 30.45 14.01
N LEU C 109 20.26 30.56 12.86
CA LEU C 109 19.88 29.39 12.02
C LEU C 109 21.14 28.68 11.53
N GLN C 110 22.17 29.44 11.14
CA GLN C 110 23.46 28.90 10.62
C GLN C 110 24.20 28.21 11.78
N LEU C 111 24.13 28.75 12.99
CA LEU C 111 24.70 28.09 14.19
C LEU C 111 23.96 26.77 14.45
N ALA C 112 22.62 26.82 14.45
CA ALA C 112 21.75 25.65 14.77
C ALA C 112 21.96 24.54 13.74
N THR C 113 22.28 24.88 12.49
CA THR C 113 22.36 23.92 11.34
C THR C 113 23.81 23.80 10.83
N TYR C 114 24.79 24.20 11.64
CA TYR C 114 26.22 23.80 11.52
C TYR C 114 26.89 24.42 10.28
N THR C 115 26.55 25.66 9.88
CA THR C 115 27.07 26.28 8.62
C THR C 115 27.85 27.57 8.89
N SER C 116 28.43 27.72 10.07
CA SER C 116 29.34 28.85 10.42
C SER C 116 30.55 28.86 9.46
N GLY C 117 31.02 27.69 9.03
CA GLY C 117 32.17 27.53 8.13
C GLY C 117 33.49 27.31 8.87
N ASN C 118 33.51 27.37 10.21
CA ASN C 118 34.76 27.14 11.00
C ASN C 118 34.44 26.72 12.43
N LEU C 119 33.59 25.70 12.59
CA LEU C 119 33.35 25.05 13.91
C LEU C 119 33.39 23.54 13.72
N ALA C 120 34.28 22.87 14.45
CA ALA C 120 34.52 21.41 14.37
C ALA C 120 33.53 20.69 15.29
N LEU C 121 33.58 19.36 15.31
CA LEU C 121 32.68 18.50 16.13
C LEU C 121 32.79 18.90 17.59
N GLN C 122 34.01 19.02 18.12
CA GLN C 122 34.27 19.30 19.55
C GLN C 122 35.03 20.63 19.69
N PHE C 123 34.82 21.33 20.81
CA PHE C 123 35.75 22.36 21.34
C PHE C 123 37.12 21.72 21.52
N PRO C 124 38.23 22.49 21.42
CA PRO C 124 39.54 21.98 21.85
C PRO C 124 39.47 21.53 23.33
N ASP C 125 40.24 20.50 23.68
CA ASP C 125 40.26 19.90 25.05
C ASP C 125 40.55 20.96 26.11
N GLU C 126 41.35 21.99 25.79
CA GLU C 126 41.77 23.09 26.71
C GLU C 126 40.54 23.89 27.19
N VAL C 127 39.50 24.00 26.36
CA VAL C 127 38.32 24.86 26.70
C VAL C 127 37.41 24.07 27.66
N GLN C 128 37.21 24.62 28.87
CA GLN C 128 36.38 23.99 29.94
C GLN C 128 35.45 25.02 30.59
N THR C 129 36.02 26.10 31.13
CA THR C 129 35.33 27.12 31.97
C THR C 129 34.44 28.00 31.07
N ASP C 130 33.44 28.65 31.66
CA ASP C 130 32.54 29.62 30.97
C ASP C 130 33.40 30.76 30.37
N GLN C 131 34.38 31.25 31.14
CA GLN C 131 35.35 32.30 30.70
C GLN C 131 36.11 31.80 29.46
N GLN C 132 36.54 30.54 29.46
CA GLN C 132 37.30 29.92 28.33
C GLN C 132 36.39 29.78 27.11
N VAL C 133 35.10 29.50 27.31
CA VAL C 133 34.11 29.37 26.20
C VAL C 133 33.91 30.76 25.58
N LEU C 134 33.72 31.79 26.41
CA LEU C 134 33.53 33.20 25.94
C LEU C 134 34.75 33.65 25.15
N THR C 135 35.96 33.42 25.68
CA THR C 135 37.26 33.75 25.02
C THR C 135 37.33 33.06 23.67
N PHE C 136 36.91 31.79 23.58
CA PHE C 136 36.97 30.98 22.34
C PHE C 136 36.13 31.66 21.24
N PHE C 137 34.91 32.09 21.56
CA PHE C 137 33.96 32.70 20.58
C PHE C 137 34.37 34.14 20.27
N LYS C 138 34.93 34.87 21.24
CA LYS C 138 35.47 36.25 21.03
C LYS C 138 36.66 36.20 20.05
N ASP C 139 37.48 35.15 20.11
CA ASP C 139 38.72 34.98 19.30
C ASP C 139 38.42 34.26 17.98
N TRP C 140 37.17 33.83 17.76
CA TRP C 140 36.77 33.03 16.56
C TRP C 140 36.90 33.88 15.30
N LYS C 141 37.41 33.28 14.21
CA LYS C 141 37.52 33.92 12.87
C LYS C 141 36.97 32.97 11.81
N PRO C 142 36.36 33.48 10.72
CA PRO C 142 35.81 32.64 9.65
C PRO C 142 36.89 31.87 8.87
N LYS C 143 36.50 30.77 8.23
CA LYS C 143 37.33 29.99 7.27
C LYS C 143 36.55 29.89 5.95
N ASN C 144 35.58 28.97 5.87
CA ASN C 144 34.71 28.81 4.66
C ASN C 144 33.71 29.96 4.62
N PRO C 145 33.19 30.32 3.43
CA PRO C 145 32.14 31.32 3.33
C PRO C 145 30.92 30.92 4.17
N ILE C 146 30.44 31.83 5.00
CA ILE C 146 29.35 31.57 5.99
C ILE C 146 28.11 31.08 5.26
N GLY C 147 27.55 29.96 5.71
CA GLY C 147 26.25 29.44 5.26
C GLY C 147 26.38 28.41 4.17
N GLU C 148 27.58 28.20 3.61
CA GLU C 148 27.76 27.37 2.39
C GLU C 148 28.17 25.93 2.74
N TYR C 149 28.82 25.71 3.90
CA TYR C 149 29.40 24.39 4.25
C TYR C 149 28.82 23.90 5.59
N ARG C 150 28.28 22.69 5.58
CA ARG C 150 27.82 22.01 6.80
C ARG C 150 28.99 21.22 7.43
N GLN C 151 29.30 21.51 8.68
CA GLN C 151 30.25 20.74 9.52
C GLN C 151 29.56 20.47 10.87
N TYR C 152 29.11 19.23 11.06
CA TYR C 152 28.40 18.79 12.29
C TYR C 152 29.24 19.20 13.51
N SER C 153 28.67 19.96 14.44
CA SER C 153 29.43 20.68 15.49
C SER C 153 28.65 20.86 16.80
N ASN C 154 29.21 20.39 17.91
CA ASN C 154 28.69 20.63 19.29
C ASN C 154 28.80 22.10 19.64
N PRO C 155 29.97 22.77 19.48
CA PRO C 155 30.08 24.19 19.78
C PRO C 155 29.03 25.05 19.04
N SER C 156 28.76 24.71 17.78
CA SER C 156 27.83 25.46 16.88
C SER C 156 26.41 25.48 17.49
N ILE C 157 25.81 24.31 17.70
CA ILE C 157 24.43 24.25 18.30
C ILE C 157 24.52 24.56 19.80
N GLY C 158 25.66 24.29 20.44
CA GLY C 158 25.93 24.70 21.83
C GLY C 158 25.72 26.20 21.97
N LEU C 159 26.31 27.00 21.09
CA LEU C 159 26.23 28.49 21.18
C LEU C 159 24.78 28.92 20.91
N PHE C 160 24.11 28.28 19.95
CA PHE C 160 22.67 28.51 19.64
C PHE C 160 21.85 28.29 20.92
N GLY C 161 22.06 27.16 21.60
CA GLY C 161 21.38 26.84 22.87
C GLY C 161 21.58 27.93 23.90
N LYS C 162 22.84 28.32 24.11
CA LYS C 162 23.25 29.36 25.10
C LYS C 162 22.52 30.67 24.81
N VAL C 163 22.44 31.07 23.53
CA VAL C 163 21.75 32.31 23.06
C VAL C 163 20.25 32.18 23.29
N VAL C 164 19.65 31.02 22.95
CA VAL C 164 18.20 30.75 23.20
C VAL C 164 17.93 30.96 24.69
N ALA C 165 18.82 30.46 25.56
CA ALA C 165 18.66 30.55 27.04
C ALA C 165 18.74 32.03 27.46
N LEU C 166 19.76 32.76 27.01
CA LEU C 166 19.90 34.22 27.29
C LEU C 166 18.61 34.95 26.91
N SER C 167 18.04 34.63 25.74
CA SER C 167 16.83 35.30 25.17
C SER C 167 15.61 35.07 26.06
N MET C 168 15.60 34.01 26.88
CA MET C 168 14.45 33.65 27.76
C MET C 168 14.77 33.93 29.23
N ASN C 169 15.92 34.58 29.51
CA ASN C 169 16.33 35.09 30.84
C ASN C 169 16.39 33.93 31.85
N LYS C 170 16.88 32.76 31.42
CA LYS C 170 17.02 31.54 32.26
C LYS C 170 18.25 30.78 31.79
N PRO C 171 18.96 30.06 32.68
CA PRO C 171 20.03 29.17 32.24
C PRO C 171 19.39 28.03 31.42
N PHE C 172 20.16 27.46 30.51
CA PHE C 172 19.66 26.45 29.53
C PHE C 172 19.03 25.25 30.27
N ASP C 173 19.63 24.79 31.37
CA ASP C 173 19.10 23.63 32.14
C ASP C 173 17.66 23.94 32.58
N GLN C 174 17.38 25.18 32.99
CA GLN C 174 16.05 25.61 33.48
C GLN C 174 15.06 25.76 32.31
N VAL C 175 15.53 26.22 31.15
CA VAL C 175 14.69 26.31 29.92
C VAL C 175 14.07 24.93 29.65
N LEU C 176 14.90 23.87 29.66
CA LEU C 176 14.44 22.48 29.39
C LEU C 176 13.62 21.96 30.58
N GLU C 177 14.15 22.03 31.80
CA GLU C 177 13.57 21.31 32.96
C GLU C 177 12.29 22.03 33.42
N LYS C 178 12.21 23.36 33.30
CA LYS C 178 11.08 24.16 33.84
C LYS C 178 10.05 24.54 32.75
N THR C 179 10.45 24.62 31.47
CA THR C 179 9.54 25.10 30.38
C THR C 179 9.31 23.98 29.35
N ILE C 180 10.34 23.50 28.67
CA ILE C 180 10.18 22.62 27.47
C ILE C 180 9.73 21.21 27.88
N PHE C 181 10.41 20.55 28.82
CA PHE C 181 10.07 19.16 29.24
C PHE C 181 8.62 19.12 29.74
N PRO C 182 8.18 20.02 30.67
CA PRO C 182 6.80 20.03 31.14
C PRO C 182 5.77 20.30 30.01
N ALA C 183 6.09 21.22 29.09
CA ALA C 183 5.24 21.53 27.92
C ALA C 183 5.06 20.27 27.05
N LEU C 184 6.07 19.41 26.97
CA LEU C 184 6.02 18.16 26.13
C LEU C 184 5.44 17.01 26.95
N GLY C 185 5.10 17.23 28.23
CA GLY C 185 4.54 16.21 29.12
C GLY C 185 5.58 15.17 29.53
N LEU C 186 6.85 15.56 29.64
CA LEU C 186 7.95 14.64 30.05
C LEU C 186 8.13 14.77 31.57
N LYS C 187 8.11 13.64 32.28
CA LYS C 187 8.16 13.58 33.76
C LYS C 187 9.55 13.17 34.27
N HIS C 188 10.35 12.47 33.45
CA HIS C 188 11.61 11.83 33.89
C HIS C 188 12.73 12.12 32.89
N SER C 189 12.81 13.37 32.43
CA SER C 189 13.84 13.86 31.48
C SER C 189 14.63 14.99 32.17
N TYR C 190 15.95 14.94 32.09
CA TYR C 190 16.84 15.79 32.92
C TYR C 190 18.04 16.26 32.10
N VAL C 191 18.51 17.47 32.39
CA VAL C 191 19.88 17.92 32.11
C VAL C 191 20.76 17.43 33.25
N ASN C 192 20.30 17.61 34.50
CA ASN C 192 21.00 17.17 35.74
C ASN C 192 20.10 16.18 36.48
N VAL C 193 20.50 14.91 36.53
CA VAL C 193 19.71 13.85 37.21
C VAL C 193 19.80 14.12 38.71
N PRO C 194 18.68 14.36 39.41
CA PRO C 194 18.70 14.62 40.85
C PRO C 194 18.95 13.35 41.68
N LYS C 195 19.40 13.55 42.92
CA LYS C 195 19.82 12.50 43.89
C LYS C 195 18.74 11.41 43.95
N THR C 196 17.46 11.80 43.95
CA THR C 196 16.27 10.92 44.09
C THR C 196 16.11 9.98 42.89
N GLN C 197 16.80 10.22 41.76
CA GLN C 197 16.66 9.42 40.53
C GLN C 197 17.96 8.69 40.18
N MET C 198 19.04 8.88 40.95
CA MET C 198 20.35 8.28 40.63
C MET C 198 20.26 6.76 40.58
N GLN C 199 19.39 6.15 41.39
CA GLN C 199 19.16 4.67 41.40
C GLN C 199 18.60 4.22 40.03
N ASN C 200 17.97 5.11 39.26
CA ASN C 200 17.35 4.79 37.95
C ASN C 200 18.29 5.14 36.80
N TYR C 201 19.39 5.82 37.08
CA TYR C 201 20.38 6.25 36.06
C TYR C 201 21.26 5.05 35.73
N ALA C 202 21.11 4.51 34.52
CA ALA C 202 21.91 3.40 34.00
C ALA C 202 23.38 3.80 34.07
N PHE C 203 24.26 2.81 34.28
CA PHE C 203 25.67 2.95 33.86
C PHE C 203 25.70 2.82 32.33
N GLY C 204 26.52 3.66 31.69
CA GLY C 204 27.03 3.40 30.34
C GLY C 204 28.15 2.38 30.43
N TYR C 205 28.48 1.76 29.31
CA TYR C 205 29.60 0.80 29.20
C TYR C 205 30.42 1.19 27.98
N ASN C 206 31.73 1.36 28.19
CA ASN C 206 32.68 1.76 27.12
C ASN C 206 33.04 0.50 26.33
N GLN C 207 33.98 0.60 25.39
CA GLN C 207 34.24 -0.51 24.42
C GLN C 207 34.96 -1.66 25.13
N GLU C 208 35.47 -1.47 26.35
CA GLU C 208 36.02 -2.57 27.20
C GLU C 208 34.99 -3.01 28.26
N ASN C 209 33.72 -2.63 28.12
CA ASN C 209 32.61 -2.96 29.05
C ASN C 209 32.93 -2.49 30.48
N GLN C 210 33.59 -1.35 30.61
CA GLN C 210 33.78 -0.68 31.93
C GLN C 210 32.66 0.32 32.10
N PRO C 211 32.05 0.39 33.32
CA PRO C 211 30.97 1.34 33.60
C PRO C 211 31.47 2.79 33.56
N ILE C 212 30.72 3.66 32.88
CA ILE C 212 31.06 5.09 32.68
C ILE C 212 29.78 5.90 32.53
N ARG C 213 29.86 7.18 32.87
CA ARG C 213 28.80 8.18 32.61
C ARG C 213 29.46 9.41 31.98
N VAL C 214 28.66 10.27 31.37
CA VAL C 214 29.15 11.43 30.58
C VAL C 214 29.88 12.37 31.54
N ASN C 215 31.03 12.89 31.11
CA ASN C 215 31.82 13.91 31.85
C ASN C 215 31.24 15.28 31.57
N PRO C 216 31.18 16.19 32.57
CA PRO C 216 30.83 17.58 32.32
C PRO C 216 31.77 18.14 31.23
N GLY C 217 31.25 19.01 30.37
CA GLY C 217 32.03 19.68 29.32
C GLY C 217 31.45 21.06 28.98
N PRO C 218 32.16 21.86 28.15
CA PRO C 218 31.69 23.21 27.80
C PRO C 218 30.45 23.14 26.88
N LEU C 219 29.40 23.88 27.27
CA LEU C 219 28.06 23.89 26.59
C LEU C 219 27.63 22.45 26.32
N ASP C 220 27.80 21.56 27.30
CA ASP C 220 27.46 20.11 27.17
C ASP C 220 25.93 19.96 27.03
N ALA C 221 25.15 20.67 27.84
CA ALA C 221 23.68 20.49 27.96
C ALA C 221 23.01 20.61 26.58
N PRO C 222 23.16 21.74 25.85
CA PRO C 222 22.49 21.89 24.56
C PRO C 222 22.99 20.95 23.45
N ALA C 223 24.23 20.45 23.55
CA ALA C 223 24.86 19.61 22.49
C ALA C 223 24.59 18.11 22.73
N TYR C 224 24.72 17.61 23.96
CA TYR C 224 24.63 16.15 24.23
C TYR C 224 24.29 15.82 25.69
N GLY C 225 23.64 16.72 26.44
CA GLY C 225 23.60 16.64 27.92
C GLY C 225 22.28 16.16 28.51
N VAL C 226 21.34 15.69 27.69
CA VAL C 226 19.98 15.31 28.18
C VAL C 226 19.95 13.81 28.45
N LYS C 227 19.27 13.42 29.52
CA LYS C 227 19.03 12.01 29.91
C LYS C 227 17.52 11.82 30.03
N SER C 228 17.03 10.65 29.63
CA SER C 228 15.58 10.38 29.55
C SER C 228 15.29 8.89 29.66
N THR C 229 14.01 8.56 29.85
CA THR C 229 13.49 7.18 29.93
C THR C 229 12.83 6.83 28.60
N LEU C 230 12.57 5.56 28.35
CA LEU C 230 11.87 5.14 27.12
C LEU C 230 10.46 5.74 27.08
N PRO C 231 9.67 5.68 28.18
CA PRO C 231 8.33 6.27 28.18
C PRO C 231 8.33 7.76 27.80
N ASP C 232 9.28 8.53 28.32
CA ASP C 232 9.44 9.98 27.98
C ASP C 232 9.80 10.15 26.51
N MET C 233 10.70 9.31 25.98
CA MET C 233 11.13 9.46 24.57
C MET C 233 9.97 9.07 23.64
N LEU C 234 9.13 8.11 24.03
CA LEU C 234 7.89 7.77 23.28
C LEU C 234 6.89 8.94 23.32
N SER C 235 6.81 9.65 24.45
CA SER C 235 5.96 10.85 24.59
C SER C 235 6.49 11.95 23.67
N PHE C 236 7.82 12.11 23.60
CA PHE C 236 8.47 13.11 22.70
C PHE C 236 8.14 12.79 21.25
N ILE C 237 8.24 11.52 20.86
CA ILE C 237 7.87 11.08 19.47
C ILE C 237 6.38 11.34 19.24
N HIS C 238 5.54 11.07 20.24
CA HIS C 238 4.07 11.31 20.14
C HIS C 238 3.83 12.79 19.83
N ALA C 239 4.47 13.71 20.55
CA ALA C 239 4.36 15.16 20.37
C ALA C 239 4.78 15.55 18.94
N ASN C 240 5.82 14.91 18.39
CA ASN C 240 6.33 15.19 17.02
C ASN C 240 5.35 14.64 15.98
N LEU C 241 4.66 13.54 16.28
CA LEU C 241 3.64 12.94 15.37
C LEU C 241 2.31 13.73 15.44
N ASN C 242 2.01 14.38 16.58
CA ASN C 242 0.68 15.01 16.87
C ASN C 242 0.84 16.38 17.54
N PRO C 243 1.58 17.33 16.92
CA PRO C 243 1.83 18.62 17.58
C PRO C 243 0.54 19.43 17.81
N GLN C 244 -0.48 19.20 16.97
CA GLN C 244 -1.81 19.88 17.02
C GLN C 244 -2.48 19.67 18.40
N LYS C 245 -2.16 18.59 19.11
CA LYS C 245 -2.82 18.21 20.39
C LYS C 245 -2.19 18.96 21.59
N TYR C 246 -1.12 19.73 21.35
CA TYR C 246 -0.33 20.41 22.41
C TYR C 246 -0.63 21.91 22.38
N PRO C 247 -0.34 22.65 23.47
CA PRO C 247 -0.51 24.10 23.49
C PRO C 247 0.18 24.79 22.30
N THR C 248 -0.38 25.92 21.85
CA THR C 248 0.07 26.70 20.67
C THR C 248 1.59 26.91 20.69
N ASP C 249 2.15 27.31 21.83
N ASP C 249 2.14 27.31 21.84
CA ASP C 249 3.57 27.72 21.97
CA ASP C 249 3.56 27.71 22.02
C ASP C 249 4.48 26.53 21.62
C ASP C 249 4.48 26.54 21.63
N ILE C 250 4.28 25.37 22.25
CA ILE C 250 5.14 24.17 22.02
C ILE C 250 4.77 23.53 20.67
N GLN C 251 3.50 23.62 20.25
CA GLN C 251 3.03 23.15 18.93
C GLN C 251 3.83 23.85 17.82
N ARG C 252 3.91 25.18 17.86
CA ARG C 252 4.65 25.98 16.85
C ARG C 252 6.15 25.64 16.95
N ALA C 253 6.66 25.46 18.17
CA ALA C 253 8.06 25.04 18.44
C ALA C 253 8.37 23.74 17.71
N ILE C 254 7.53 22.72 17.86
CA ILE C 254 7.71 21.37 17.24
C ILE C 254 7.67 21.50 15.70
N ASN C 255 6.67 22.22 15.16
CA ASN C 255 6.52 22.37 13.69
C ASN C 255 7.76 23.08 13.12
N GLU C 256 8.31 24.03 13.88
CA GLU C 256 9.55 24.77 13.50
C GLU C 256 10.70 23.79 13.28
N THR C 257 10.79 22.72 14.07
CA THR C 257 11.91 21.75 14.02
C THR C 257 11.76 20.80 12.82
N HIS C 258 10.59 20.73 12.20
CA HIS C 258 10.29 19.83 11.04
C HIS C 258 10.63 20.50 9.70
N GLN C 259 10.85 21.80 9.67
CA GLN C 259 11.05 22.58 8.41
C GLN C 259 12.48 22.34 7.90
N GLY C 260 12.63 21.70 6.75
CA GLY C 260 13.92 21.57 6.05
C GLY C 260 14.49 22.94 5.74
N ARG C 261 15.80 23.12 5.93
CA ARG C 261 16.47 24.44 5.73
C ARG C 261 17.39 24.36 4.50
N TYR C 262 18.01 23.21 4.28
CA TYR C 262 18.89 22.97 3.10
C TYR C 262 19.06 21.48 2.89
N GLN C 263 19.73 21.13 1.80
CA GLN C 263 19.96 19.73 1.33
C GLN C 263 21.47 19.46 1.35
N VAL C 264 21.86 18.25 1.77
CA VAL C 264 23.18 17.64 1.46
C VAL C 264 22.89 16.29 0.84
N ASN C 265 22.94 16.25 -0.50
CA ASN C 265 22.45 15.15 -1.34
C ASN C 265 21.00 14.82 -0.95
N THR C 266 20.73 13.59 -0.52
CA THR C 266 19.38 13.08 -0.17
C THR C 266 18.98 13.46 1.26
N MET C 267 19.87 14.06 2.05
CA MET C 267 19.54 14.45 3.46
C MET C 267 19.13 15.92 3.47
N TYR C 268 17.96 16.20 4.06
CA TYR C 268 17.48 17.57 4.33
C TYR C 268 17.79 17.88 5.79
N GLN C 269 18.49 18.97 6.07
CA GLN C 269 18.79 19.42 7.44
C GLN C 269 17.60 20.25 7.92
N ALA C 270 16.84 19.75 8.90
CA ALA C 270 15.86 20.56 9.66
C ALA C 270 16.54 21.10 10.92
N LEU C 271 15.78 21.64 11.85
CA LEU C 271 16.32 22.10 13.16
C LEU C 271 16.48 20.89 14.07
N GLY C 272 17.72 20.42 14.25
CA GLY C 272 18.06 19.21 15.02
C GLY C 272 17.80 17.96 14.22
N TRP C 273 16.54 17.72 13.83
CA TRP C 273 16.12 16.57 12.99
C TRP C 273 16.83 16.58 11.63
N GLU C 274 17.15 15.38 11.14
CA GLU C 274 17.46 15.09 9.72
C GLU C 274 16.16 14.65 9.04
N GLU C 275 15.91 15.09 7.81
CA GLU C 275 14.64 14.85 7.10
C GLU C 275 14.93 14.18 5.75
N PHE C 276 14.07 13.24 5.35
CA PHE C 276 14.19 12.46 4.09
C PHE C 276 12.81 12.38 3.43
N SER C 277 12.80 12.32 2.11
CA SER C 277 11.62 11.90 1.32
C SER C 277 11.27 10.48 1.76
N TYR C 278 10.00 10.22 2.09
CA TYR C 278 9.49 8.86 2.43
C TYR C 278 8.65 8.34 1.25
N PRO C 279 8.80 7.05 0.85
CA PRO C 279 9.72 6.14 1.51
C PRO C 279 11.18 6.45 1.15
N ALA C 280 12.11 6.16 2.07
CA ALA C 280 13.56 6.31 1.86
C ALA C 280 14.17 4.92 1.69
N THR C 281 15.22 4.78 0.87
CA THR C 281 16.00 3.53 0.79
C THR C 281 16.88 3.43 2.04
N LEU C 282 17.23 2.21 2.44
CA LEU C 282 18.13 1.99 3.60
C LEU C 282 19.41 2.81 3.44
N GLN C 283 20.00 2.79 2.24
CA GLN C 283 21.30 3.46 1.99
C GLN C 283 21.18 4.96 2.13
N THR C 284 20.06 5.57 1.74
CA THR C 284 19.81 7.02 1.99
C THR C 284 19.97 7.30 3.50
N LEU C 285 19.33 6.50 4.33
CA LEU C 285 19.33 6.72 5.81
C LEU C 285 20.74 6.44 6.36
N LEU C 286 21.41 5.41 5.83
CA LEU C 286 22.81 5.09 6.24
C LEU C 286 23.76 6.21 5.84
N ASP C 287 23.60 6.80 4.64
CA ASP C 287 24.47 7.90 4.11
C ASP C 287 24.39 9.12 5.01
N SER C 288 23.24 9.41 5.61
CA SER C 288 23.05 10.55 6.53
C SER C 288 24.08 10.51 7.67
N ASN C 289 24.57 9.33 8.07
CA ASN C 289 25.49 9.18 9.23
C ASN C 289 26.85 8.61 8.78
N SER C 290 27.19 8.73 7.50
CA SER C 290 28.51 8.35 6.94
C SER C 290 29.60 9.24 7.53
N GLU C 291 30.86 8.79 7.54
CA GLU C 291 32.03 9.59 7.99
C GLU C 291 32.05 10.93 7.24
N GLN C 292 31.75 10.90 5.95
CA GLN C 292 31.78 12.08 5.04
C GLN C 292 30.82 13.17 5.53
N ILE C 293 29.59 12.79 5.94
CA ILE C 293 28.53 13.74 6.37
C ILE C 293 28.83 14.19 7.81
N VAL C 294 29.20 13.24 8.69
CA VAL C 294 29.34 13.51 10.16
C VAL C 294 30.64 14.28 10.44
N MET C 295 31.76 13.89 9.81
CA MET C 295 33.12 14.30 10.29
C MET C 295 33.78 15.35 9.37
N LYS C 296 33.32 15.52 8.13
CA LYS C 296 33.95 16.44 7.15
C LYS C 296 32.96 17.54 6.75
N PRO C 297 33.45 18.70 6.25
CA PRO C 297 32.58 19.74 5.69
C PRO C 297 31.94 19.28 4.37
N ASN C 298 30.68 19.65 4.15
CA ASN C 298 29.95 19.34 2.89
C ASN C 298 29.20 20.59 2.45
N LYS C 299 29.45 21.00 1.21
CA LYS C 299 28.77 22.15 0.57
C LYS C 299 27.27 21.84 0.61
N VAL C 300 26.46 22.81 1.03
CA VAL C 300 24.97 22.65 1.08
C VAL C 300 24.39 23.20 -0.22
N THR C 301 23.19 22.74 -0.55
CA THR C 301 22.34 23.22 -1.67
C THR C 301 21.01 23.70 -1.09
N ALA C 302 20.30 24.60 -1.78
CA ALA C 302 18.89 24.91 -1.49
C ALA C 302 18.08 23.63 -1.65
N ILE C 303 16.99 23.50 -0.89
CA ILE C 303 15.96 22.45 -1.11
C ILE C 303 15.33 22.70 -2.49
N SER C 304 15.33 21.68 -3.35
CA SER C 304 14.77 21.72 -4.71
C SER C 304 13.45 20.94 -4.73
N LYS C 305 13.52 19.62 -4.51
CA LYS C 305 12.33 18.78 -4.26
C LYS C 305 11.93 18.93 -2.80
N GLU C 306 10.82 19.62 -2.51
CA GLU C 306 10.21 19.68 -1.16
C GLU C 306 9.41 18.40 -0.97
N PRO C 307 9.86 17.42 -0.14
CA PRO C 307 9.22 16.11 -0.14
C PRO C 307 7.74 16.18 0.26
N SER C 308 6.87 15.47 -0.48
CA SER C 308 5.39 15.47 -0.25
C SER C 308 5.14 14.79 1.10
N VAL C 309 5.78 13.63 1.26
CA VAL C 309 5.70 12.72 2.44
C VAL C 309 7.12 12.57 2.96
N LYS C 310 7.34 12.83 4.25
CA LYS C 310 8.70 12.92 4.83
C LYS C 310 8.83 11.98 6.03
N MET C 311 10.07 11.57 6.32
CA MET C 311 10.42 10.93 7.62
C MET C 311 11.58 11.71 8.23
N TYR C 312 11.76 11.55 9.53
CA TYR C 312 12.78 12.28 10.30
C TYR C 312 13.52 11.28 11.18
N HIS C 313 14.82 11.47 11.38
CA HIS C 313 15.59 10.67 12.36
C HIS C 313 16.72 11.50 12.97
N LYS C 314 17.32 10.95 14.01
CA LYS C 314 18.52 11.50 14.67
C LYS C 314 19.18 10.36 15.44
N THR C 315 20.49 10.20 15.28
CA THR C 315 21.33 9.31 16.12
C THR C 315 21.91 10.14 17.26
N GLY C 316 22.30 9.47 18.34
CA GLY C 316 22.96 10.09 19.48
C GLY C 316 23.93 9.11 20.11
N SER C 317 25.09 9.59 20.53
CA SER C 317 26.11 8.76 21.21
C SER C 317 26.78 9.58 22.30
N THR C 318 26.99 8.96 23.45
CA THR C 318 28.01 9.39 24.46
C THR C 318 29.03 8.26 24.56
N SER C 319 30.05 8.43 25.41
CA SER C 319 31.08 7.39 25.64
C SER C 319 30.41 6.04 25.91
N GLY C 320 29.33 6.03 26.70
CA GLY C 320 28.72 4.77 27.19
C GLY C 320 27.32 4.45 26.66
N PHE C 321 26.74 5.29 25.81
CA PHE C 321 25.31 5.17 25.40
C PHE C 321 25.11 5.43 23.91
N GLY C 322 24.21 4.66 23.30
CA GLY C 322 23.70 4.88 21.93
C GLY C 322 22.20 5.16 21.93
N THR C 323 21.77 6.07 21.06
CA THR C 323 20.36 6.48 20.90
C THR C 323 20.03 6.56 19.40
N TYR C 324 18.81 6.19 19.04
CA TYR C 324 18.24 6.45 17.69
C TYR C 324 16.75 6.72 17.85
N VAL C 325 16.29 7.79 17.20
CA VAL C 325 14.84 8.14 17.13
C VAL C 325 14.50 8.38 15.66
N VAL C 326 13.32 7.90 15.26
CA VAL C 326 12.82 7.99 13.85
C VAL C 326 11.28 8.06 13.92
N PHE C 327 10.67 8.89 13.08
CA PHE C 327 9.19 8.95 12.98
C PHE C 327 8.78 9.35 11.55
N ILE C 328 7.59 8.90 11.16
CA ILE C 328 7.00 9.03 9.80
C ILE C 328 5.56 9.52 9.98
N PRO C 329 5.30 10.84 9.91
CA PRO C 329 3.97 11.40 10.16
C PRO C 329 2.81 10.73 9.39
N LYS C 330 3.00 10.46 8.10
CA LYS C 330 1.93 9.90 7.21
C LYS C 330 1.54 8.49 7.64
N GLU C 331 2.47 7.70 8.19
CA GLU C 331 2.19 6.33 8.70
C GLU C 331 1.81 6.36 10.19
N ASN C 332 1.86 7.55 10.82
CA ASN C 332 1.59 7.78 12.26
C ASN C 332 2.40 6.78 13.11
N ILE C 333 3.68 6.62 12.80
CA ILE C 333 4.54 5.57 13.43
C ILE C 333 5.91 6.18 13.76
N GLY C 334 6.52 5.71 14.86
CA GLY C 334 7.89 6.08 15.25
C GLY C 334 8.54 5.00 16.09
N LEU C 335 9.84 5.09 16.26
CA LEU C 335 10.63 4.13 17.06
C LEU C 335 11.70 4.90 17.84
N VAL C 336 11.97 4.44 19.06
CA VAL C 336 13.10 4.90 19.92
C VAL C 336 13.94 3.68 20.28
N MET C 337 15.26 3.77 20.13
CA MET C 337 16.22 2.76 20.63
C MET C 337 17.17 3.46 21.61
N LEU C 338 17.28 2.92 22.81
CA LEU C 338 18.22 3.38 23.88
C LEU C 338 19.09 2.17 24.29
N THR C 339 20.40 2.34 24.30
CA THR C 339 21.36 1.30 24.76
C THR C 339 22.36 1.95 25.72
N ASN C 340 22.85 1.16 26.67
CA ASN C 340 23.91 1.59 27.61
C ASN C 340 25.25 0.99 27.14
N LYS C 341 25.42 0.89 25.83
CA LYS C 341 26.72 0.72 25.14
C LYS C 341 26.51 1.14 23.68
N ARG C 342 27.45 1.90 23.12
CA ARG C 342 27.42 2.30 21.69
C ARG C 342 27.46 1.04 20.84
N ILE C 343 26.58 0.96 19.84
CA ILE C 343 26.68 0.02 18.70
C ILE C 343 26.75 0.87 17.43
N PRO C 344 27.27 0.33 16.31
CA PRO C 344 27.41 1.14 15.11
C PRO C 344 26.06 1.77 14.69
N ASN C 345 26.09 3.04 14.31
CA ASN C 345 24.91 3.81 13.82
C ASN C 345 24.16 3.00 12.77
N GLU C 346 24.88 2.36 11.86
CA GLU C 346 24.29 1.63 10.71
C GLU C 346 23.39 0.51 11.23
N GLU C 347 23.75 -0.11 12.36
CA GLU C 347 22.99 -1.24 12.95
C GLU C 347 21.68 -0.71 13.55
N ARG C 348 21.73 0.48 14.15
CA ARG C 348 20.55 1.14 14.76
C ARG C 348 19.56 1.44 13.62
N ILE C 349 20.06 2.08 12.57
CA ILE C 349 19.23 2.57 11.43
C ILE C 349 18.59 1.36 10.72
N LYS C 350 19.36 0.30 10.47
CA LYS C 350 18.89 -0.91 9.72
C LYS C 350 17.81 -1.65 10.53
N ALA C 351 18.02 -1.87 11.82
CA ALA C 351 17.04 -2.57 12.68
C ALA C 351 15.71 -1.82 12.64
N ALA C 352 15.74 -0.50 12.81
CA ALA C 352 14.55 0.38 12.81
C ALA C 352 13.86 0.32 11.44
N TYR C 353 14.64 0.32 10.36
CA TYR C 353 14.15 0.28 8.95
C TYR C 353 13.32 -0.98 8.74
N VAL C 354 13.86 -2.14 9.09
CA VAL C 354 13.18 -3.45 8.91
C VAL C 354 11.88 -3.45 9.73
N VAL C 355 11.95 -3.05 11.00
CA VAL C 355 10.77 -3.05 11.90
C VAL C 355 9.68 -2.13 11.33
N LEU C 356 10.00 -0.88 11.02
CA LEU C 356 8.97 0.13 10.62
C LEU C 356 8.39 -0.22 9.24
N ASN C 357 9.16 -0.87 8.37
CA ASN C 357 8.67 -1.28 7.01
C ASN C 357 7.79 -2.55 7.12
N ALA C 358 7.95 -3.38 8.16
CA ALA C 358 7.21 -4.65 8.31
C ALA C 358 5.86 -4.40 9.03
N ILE C 359 5.68 -3.23 9.67
CA ILE C 359 4.39 -2.83 10.30
C ILE C 359 3.51 -2.15 9.24
N PRO D 5 2.17 3.91 -37.46
CA PRO D 5 1.64 4.29 -36.14
C PRO D 5 0.32 3.58 -35.81
N LYS D 6 0.39 2.25 -35.66
CA LYS D 6 -0.76 1.36 -35.33
C LYS D 6 -1.42 1.85 -34.02
N ASP D 7 -0.61 2.06 -32.97
CA ASP D 7 -1.00 2.56 -31.63
C ASP D 7 -2.01 3.70 -31.78
N GLN D 8 -1.65 4.70 -32.60
CA GLN D 8 -2.41 5.97 -32.75
C GLN D 8 -3.70 5.74 -33.53
N GLU D 9 -3.71 4.84 -34.51
CA GLU D 9 -4.90 4.53 -35.33
C GLU D 9 -5.96 3.83 -34.45
N ILE D 10 -5.52 2.84 -33.68
CA ILE D 10 -6.42 2.07 -32.77
C ILE D 10 -6.97 3.05 -31.71
N LYS D 11 -6.10 3.84 -31.09
CA LYS D 11 -6.51 4.86 -30.08
C LYS D 11 -7.61 5.75 -30.66
N LYS D 12 -7.42 6.26 -31.89
CA LYS D 12 -8.38 7.19 -32.55
C LYS D 12 -9.71 6.47 -32.72
N LEU D 13 -9.70 5.22 -33.21
CA LEU D 13 -10.94 4.44 -33.46
C LEU D 13 -11.71 4.21 -32.16
N VAL D 14 -10.99 3.88 -31.08
CA VAL D 14 -11.61 3.60 -29.75
C VAL D 14 -12.15 4.91 -29.18
N ASP D 15 -11.42 6.02 -29.33
CA ASP D 15 -11.86 7.37 -28.91
C ASP D 15 -13.16 7.71 -29.65
N GLN D 16 -13.25 7.39 -30.94
CA GLN D 16 -14.39 7.77 -31.80
C GLN D 16 -15.64 6.98 -31.41
N ASN D 17 -15.48 5.72 -30.97
CA ASN D 17 -16.61 4.74 -30.90
C ASN D 17 -16.97 4.40 -29.45
N PHE D 18 -15.98 4.35 -28.55
CA PHE D 18 -16.21 3.94 -27.14
C PHE D 18 -16.30 5.18 -26.24
N LYS D 19 -15.41 6.16 -26.42
CA LYS D 19 -15.30 7.32 -25.50
C LYS D 19 -16.64 8.04 -25.38
N PRO D 20 -17.41 8.27 -26.47
CA PRO D 20 -18.69 8.97 -26.36
C PRO D 20 -19.72 8.27 -25.46
N LEU D 21 -19.60 6.95 -25.25
CA LEU D 21 -20.56 6.19 -24.40
C LEU D 21 -20.45 6.64 -22.93
N LEU D 22 -19.30 7.15 -22.49
CA LEU D 22 -19.11 7.60 -21.08
C LEU D 22 -20.04 8.78 -20.80
N GLU D 23 -20.07 9.77 -21.69
CA GLU D 23 -20.93 10.98 -21.55
C GLU D 23 -22.39 10.55 -21.72
N LYS D 24 -22.68 9.73 -22.73
CA LYS D 24 -24.06 9.35 -23.11
C LYS D 24 -24.75 8.60 -21.96
N TYR D 25 -24.06 7.71 -21.25
CA TYR D 25 -24.66 6.85 -20.19
C TYR D 25 -24.13 7.22 -18.80
N ASP D 26 -23.37 8.31 -18.69
CA ASP D 26 -22.81 8.82 -17.42
C ASP D 26 -22.01 7.69 -16.73
N VAL D 27 -21.09 7.06 -17.46
CA VAL D 27 -20.24 5.94 -16.99
C VAL D 27 -18.98 6.54 -16.37
N PRO D 28 -18.68 6.28 -15.09
CA PRO D 28 -17.49 6.89 -14.48
C PRO D 28 -16.18 6.46 -15.16
N GLY D 29 -16.03 5.16 -15.47
CA GLY D 29 -14.75 4.58 -15.90
C GLY D 29 -14.91 3.48 -16.93
N MET D 30 -13.93 3.36 -17.83
CA MET D 30 -13.95 2.33 -18.89
C MET D 30 -12.50 1.97 -19.25
N ALA D 31 -12.26 0.68 -19.50
CA ALA D 31 -11.01 0.16 -20.09
C ALA D 31 -11.37 -0.57 -21.39
N VAL D 32 -10.74 -0.18 -22.50
CA VAL D 32 -10.91 -0.85 -23.82
C VAL D 32 -9.55 -1.35 -24.29
N GLY D 33 -9.49 -2.64 -24.63
CA GLY D 33 -8.27 -3.30 -25.10
C GLY D 33 -8.50 -3.90 -26.47
N VAL D 34 -7.50 -3.80 -27.34
CA VAL D 34 -7.48 -4.48 -28.66
C VAL D 34 -6.19 -5.30 -28.74
N ILE D 35 -6.31 -6.52 -29.25
CA ILE D 35 -5.11 -7.35 -29.59
C ILE D 35 -5.21 -7.68 -31.09
N GLN D 36 -4.13 -7.42 -31.81
CA GLN D 36 -4.00 -7.72 -33.26
C GLN D 36 -2.56 -8.18 -33.53
N ASN D 37 -2.40 -9.39 -34.08
CA ASN D 37 -1.08 -9.97 -34.46
C ASN D 37 -0.18 -10.01 -33.21
N ASN D 38 -0.76 -10.40 -32.08
CA ASN D 38 -0.05 -10.59 -30.77
C ASN D 38 0.43 -9.24 -30.21
N LYS D 39 0.00 -8.11 -30.78
CA LYS D 39 0.32 -6.74 -30.26
C LYS D 39 -0.92 -6.24 -29.50
N LYS D 40 -0.71 -5.80 -28.25
CA LYS D 40 -1.80 -5.38 -27.32
C LYS D 40 -1.87 -3.85 -27.27
N TYR D 41 -3.08 -3.29 -27.32
CA TYR D 41 -3.37 -1.84 -27.25
C TYR D 41 -4.39 -1.59 -26.12
N GLU D 42 -4.03 -0.72 -25.17
CA GLU D 42 -4.81 -0.48 -23.92
C GLU D 42 -5.24 0.99 -23.88
N MET D 43 -6.54 1.23 -23.75
CA MET D 43 -7.13 2.58 -23.64
C MET D 43 -7.93 2.67 -22.32
N TYR D 44 -7.61 3.64 -21.47
CA TYR D 44 -8.27 3.84 -20.15
C TYR D 44 -8.94 5.21 -20.11
N TYR D 45 -10.16 5.26 -19.60
CA TYR D 45 -10.98 6.49 -19.50
C TYR D 45 -11.56 6.61 -18.09
N GLY D 46 -11.54 7.83 -17.56
CA GLY D 46 -12.33 8.20 -16.38
C GLY D 46 -11.83 7.53 -15.10
N LEU D 47 -12.75 7.22 -14.19
CA LEU D 47 -12.49 6.95 -12.75
C LEU D 47 -12.88 5.53 -12.38
N GLN D 48 -11.99 4.86 -11.67
CA GLN D 48 -12.21 3.55 -11.03
C GLN D 48 -13.08 3.76 -9.78
N SER D 49 -12.89 4.89 -9.10
CA SER D 49 -13.61 5.25 -7.85
C SER D 49 -13.86 6.75 -7.84
N VAL D 50 -15.12 7.16 -7.86
CA VAL D 50 -15.52 8.60 -7.79
C VAL D 50 -15.14 9.12 -6.40
N GLN D 51 -15.51 8.41 -5.33
CA GLN D 51 -15.26 8.83 -3.92
C GLN D 51 -13.75 9.01 -3.67
N ASP D 52 -12.93 8.07 -4.15
CA ASP D 52 -11.47 8.04 -3.88
C ASP D 52 -10.70 8.82 -4.97
N LYS D 53 -11.39 9.33 -5.99
CA LYS D 53 -10.77 10.11 -7.10
C LYS D 53 -9.61 9.31 -7.73
N LYS D 54 -9.79 8.01 -7.95
CA LYS D 54 -8.79 7.13 -8.61
C LYS D 54 -9.14 6.98 -10.10
N ALA D 55 -8.21 7.30 -10.99
CA ALA D 55 -8.29 7.10 -12.44
C ALA D 55 -8.23 5.61 -12.78
N VAL D 56 -9.01 5.17 -13.76
CA VAL D 56 -8.87 3.82 -14.36
C VAL D 56 -7.46 3.71 -14.95
N ASN D 57 -6.80 2.59 -14.69
CA ASN D 57 -5.41 2.33 -15.17
C ASN D 57 -5.25 0.80 -15.39
N SER D 58 -4.05 0.38 -15.80
CA SER D 58 -3.72 -1.03 -16.12
C SER D 58 -3.91 -1.93 -14.90
N ASN D 59 -3.92 -1.39 -13.68
CA ASN D 59 -4.06 -2.21 -12.44
C ASN D 59 -5.54 -2.29 -12.01
N THR D 60 -6.44 -1.53 -12.63
CA THR D 60 -7.85 -1.46 -12.19
C THR D 60 -8.51 -2.82 -12.41
N ILE D 61 -9.12 -3.36 -11.35
CA ILE D 61 -9.91 -4.62 -11.34
C ILE D 61 -11.39 -4.30 -11.53
N PHE D 62 -12.01 -4.93 -12.53
CA PHE D 62 -13.46 -4.83 -12.87
C PHE D 62 -14.15 -6.17 -12.62
N GLU D 63 -15.45 -6.14 -12.28
CA GLU D 63 -16.31 -7.33 -12.22
C GLU D 63 -16.67 -7.73 -13.66
N LEU D 64 -16.47 -8.99 -14.02
CA LEU D 64 -16.68 -9.51 -15.40
C LEU D 64 -18.14 -9.97 -15.57
N GLY D 65 -18.87 -10.19 -14.47
CA GLY D 65 -20.23 -10.75 -14.55
C GLY D 65 -20.22 -12.05 -15.35
N SER D 66 -21.14 -12.22 -16.30
CA SER D 66 -21.34 -13.49 -17.06
C SER D 66 -20.11 -13.85 -17.91
N VAL D 67 -19.19 -12.93 -18.17
CA VAL D 67 -17.92 -13.29 -18.85
C VAL D 67 -17.14 -14.27 -17.95
N SER D 68 -17.46 -14.31 -16.65
CA SER D 68 -16.96 -15.33 -15.68
C SER D 68 -17.24 -16.75 -16.22
N LYS D 69 -18.37 -16.94 -16.91
CA LYS D 69 -18.81 -18.25 -17.45
C LYS D 69 -17.76 -18.80 -18.41
N LEU D 70 -16.96 -17.93 -19.05
CA LEU D 70 -15.89 -18.36 -19.99
C LEU D 70 -14.79 -19.09 -19.22
N PHE D 71 -14.52 -18.67 -17.98
CA PHE D 71 -13.48 -19.30 -17.11
C PHE D 71 -14.04 -20.61 -16.55
N THR D 72 -15.33 -20.65 -16.20
CA THR D 72 -16.03 -21.89 -15.76
C THR D 72 -15.96 -22.93 -16.89
N ALA D 73 -16.26 -22.52 -18.12
CA ALA D 73 -16.20 -23.35 -19.35
C ALA D 73 -14.76 -23.87 -19.54
N THR D 74 -13.76 -23.00 -19.42
CA THR D 74 -12.32 -23.36 -19.60
C THR D 74 -11.94 -24.39 -18.54
N ALA D 75 -12.36 -24.20 -17.28
CA ALA D 75 -12.13 -25.14 -16.17
C ALA D 75 -12.73 -26.51 -16.48
N GLY D 76 -13.97 -26.55 -16.99
CA GLY D 76 -14.64 -27.81 -17.40
C GLY D 76 -13.86 -28.50 -18.51
N GLY D 77 -13.40 -27.75 -19.51
CA GLY D 77 -12.55 -28.24 -20.60
C GLY D 77 -11.24 -28.81 -20.10
N TYR D 78 -10.67 -28.19 -19.06
CA TYR D 78 -9.41 -28.64 -18.42
C TYR D 78 -9.64 -29.97 -17.70
N ALA D 79 -10.72 -30.05 -16.91
CA ALA D 79 -11.10 -31.23 -16.11
C ALA D 79 -11.40 -32.41 -17.05
N LYS D 80 -12.13 -32.15 -18.14
CA LYS D 80 -12.52 -33.22 -19.12
C LYS D 80 -11.25 -33.81 -19.74
N ASN D 81 -10.34 -32.97 -20.23
CA ASN D 81 -9.15 -33.42 -20.99
C ASN D 81 -8.12 -34.06 -20.04
N LYS D 82 -8.25 -33.85 -18.71
CA LYS D 82 -7.40 -34.53 -17.69
C LYS D 82 -8.11 -35.79 -17.16
N GLY D 83 -9.28 -36.13 -17.71
CA GLY D 83 -10.03 -37.36 -17.39
C GLY D 83 -10.71 -37.29 -16.04
N LYS D 84 -10.94 -36.09 -15.50
CA LYS D 84 -11.55 -35.88 -14.17
C LYS D 84 -13.08 -35.92 -14.30
N ILE D 85 -13.62 -35.57 -15.47
CA ILE D 85 -15.07 -35.63 -15.79
C ILE D 85 -15.24 -36.08 -17.25
N SER D 86 -16.43 -36.60 -17.56
CA SER D 86 -16.99 -36.72 -18.93
C SER D 86 -18.21 -35.79 -19.00
N PHE D 87 -18.46 -35.18 -20.16
CA PHE D 87 -19.65 -34.31 -20.37
C PHE D 87 -20.92 -35.17 -20.43
N ASP D 88 -20.78 -36.51 -20.50
CA ASP D 88 -21.92 -37.47 -20.49
C ASP D 88 -22.29 -37.83 -19.04
N ASP D 89 -21.43 -37.50 -18.06
CA ASP D 89 -21.68 -37.76 -16.61
C ASP D 89 -22.86 -36.91 -16.13
N THR D 90 -23.46 -37.31 -15.01
CA THR D 90 -24.53 -36.55 -14.30
C THR D 90 -23.93 -36.04 -13.00
N PRO D 91 -24.52 -34.99 -12.38
CA PRO D 91 -23.90 -34.34 -11.22
C PRO D 91 -23.79 -35.27 -9.99
N GLY D 92 -24.68 -36.26 -9.89
CA GLY D 92 -24.75 -37.22 -8.77
C GLY D 92 -23.48 -38.05 -8.65
N LYS D 93 -22.72 -38.19 -9.75
CA LYS D 93 -21.44 -38.95 -9.75
C LYS D 93 -20.41 -38.26 -8.84
N TYR D 94 -20.49 -36.93 -8.68
CA TYR D 94 -19.48 -36.09 -7.98
C TYR D 94 -20.06 -35.48 -6.71
N TRP D 95 -21.29 -34.94 -6.79
CA TRP D 95 -22.08 -34.47 -5.62
C TRP D 95 -23.02 -35.61 -5.21
N LYS D 96 -22.54 -36.50 -4.34
CA LYS D 96 -23.19 -37.80 -3.98
C LYS D 96 -24.61 -37.57 -3.47
N GLU D 97 -24.86 -36.46 -2.77
CA GLU D 97 -26.16 -36.13 -2.13
C GLU D 97 -27.23 -35.91 -3.21
N LEU D 98 -26.83 -35.77 -4.49
CA LEU D 98 -27.76 -35.62 -5.65
C LEU D 98 -27.95 -36.96 -6.38
N LYS D 99 -27.29 -38.04 -5.95
CA LYS D 99 -27.49 -39.39 -6.54
C LYS D 99 -28.98 -39.72 -6.46
N ASN D 100 -29.56 -40.15 -7.58
CA ASN D 100 -30.92 -40.78 -7.66
C ASN D 100 -32.01 -39.70 -7.50
N THR D 101 -31.68 -38.43 -7.74
CA THR D 101 -32.64 -37.30 -7.83
C THR D 101 -32.96 -37.03 -9.30
N PRO D 102 -34.12 -36.42 -9.62
CA PRO D 102 -34.45 -36.06 -11.01
C PRO D 102 -33.35 -35.25 -11.73
N ILE D 103 -32.65 -34.34 -11.03
CA ILE D 103 -31.57 -33.50 -11.65
C ILE D 103 -30.40 -34.41 -12.04
N ASP D 104 -30.27 -35.59 -11.43
CA ASP D 104 -29.19 -36.57 -11.79
C ASP D 104 -29.50 -37.24 -13.13
N GLN D 105 -30.64 -36.90 -13.77
CA GLN D 105 -30.97 -37.33 -15.17
C GLN D 105 -30.41 -36.32 -16.19
N VAL D 106 -29.87 -35.18 -15.74
CA VAL D 106 -29.28 -34.13 -16.63
C VAL D 106 -27.76 -34.32 -16.66
N ASN D 107 -27.14 -34.28 -17.85
CA ASN D 107 -25.68 -34.49 -18.00
C ASN D 107 -24.97 -33.12 -17.86
N LEU D 108 -23.65 -33.15 -17.70
CA LEU D 108 -22.81 -31.95 -17.42
C LEU D 108 -22.87 -30.98 -18.60
N LEU D 109 -22.86 -31.48 -19.84
CA LEU D 109 -22.89 -30.63 -21.06
C LEU D 109 -24.21 -29.85 -21.11
N GLN D 110 -25.32 -30.50 -20.74
CA GLN D 110 -26.67 -29.89 -20.74
C GLN D 110 -26.73 -28.81 -19.65
N LEU D 111 -26.10 -29.05 -18.50
CA LEU D 111 -25.99 -28.04 -17.41
C LEU D 111 -25.18 -26.85 -17.93
N ALA D 112 -24.02 -27.10 -18.53
CA ALA D 112 -23.07 -26.06 -18.99
C ALA D 112 -23.71 -25.19 -20.08
N THR D 113 -24.60 -25.79 -20.90
CA THR D 113 -25.20 -25.13 -22.11
C THR D 113 -26.70 -24.88 -21.91
N TYR D 114 -27.18 -24.91 -20.66
CA TYR D 114 -28.47 -24.30 -20.22
C TYR D 114 -29.68 -25.08 -20.78
N THR D 115 -29.62 -26.42 -20.91
CA THR D 115 -30.70 -27.22 -21.56
C THR D 115 -31.30 -28.25 -20.59
N SER D 116 -31.24 -28.00 -19.28
CA SER D 116 -31.88 -28.87 -18.24
C SER D 116 -33.40 -28.95 -18.47
N GLY D 117 -33.99 -27.84 -18.94
CA GLY D 117 -35.44 -27.73 -19.25
C GLY D 117 -36.23 -27.13 -18.10
N ASN D 118 -35.62 -26.87 -16.94
CA ASN D 118 -36.33 -26.22 -15.80
C ASN D 118 -35.35 -25.50 -14.86
N LEU D 119 -34.48 -24.65 -15.40
CA LEU D 119 -33.61 -23.75 -14.60
C LEU D 119 -33.69 -22.35 -15.21
N ALA D 120 -34.10 -21.37 -14.41
CA ALA D 120 -34.31 -19.97 -14.83
C ALA D 120 -32.98 -19.20 -14.71
N LEU D 121 -32.97 -17.92 -15.06
CA LEU D 121 -31.77 -17.06 -15.01
C LEU D 121 -31.17 -17.07 -13.60
N GLN D 122 -32.00 -16.88 -12.57
CA GLN D 122 -31.56 -16.76 -11.15
C GLN D 122 -32.19 -17.88 -10.32
N PHE D 123 -31.49 -18.30 -9.27
CA PHE D 123 -32.08 -19.05 -8.11
C PHE D 123 -33.25 -18.26 -7.55
N PRO D 124 -34.26 -18.92 -6.96
CA PRO D 124 -35.27 -18.22 -6.15
C PRO D 124 -34.57 -17.39 -5.05
N ASP D 125 -35.16 -16.24 -4.70
CA ASP D 125 -34.60 -15.28 -3.71
C ASP D 125 -34.30 -15.96 -2.38
N GLU D 126 -35.11 -16.97 -2.00
CA GLU D 126 -35.00 -17.73 -0.72
C GLU D 126 -33.67 -18.47 -0.63
N VAL D 127 -33.12 -18.92 -1.77
CA VAL D 127 -31.89 -19.77 -1.80
C VAL D 127 -30.67 -18.86 -1.58
N GLN D 128 -29.93 -19.08 -0.50
CA GLN D 128 -28.70 -18.31 -0.14
C GLN D 128 -27.59 -19.27 0.30
N THR D 129 -27.85 -20.09 1.32
CA THR D 129 -26.83 -20.97 1.97
C THR D 129 -26.56 -22.19 1.09
N ASP D 130 -25.43 -22.87 1.32
CA ASP D 130 -25.04 -24.14 0.65
C ASP D 130 -26.13 -25.20 0.88
N GLN D 131 -26.67 -25.28 2.11
CA GLN D 131 -27.77 -26.21 2.49
C GLN D 131 -29.00 -25.90 1.62
N GLN D 132 -29.32 -24.62 1.42
CA GLN D 132 -30.49 -24.19 0.62
C GLN D 132 -30.25 -24.51 -0.86
N VAL D 133 -29.01 -24.42 -1.34
CA VAL D 133 -28.64 -24.77 -2.74
C VAL D 133 -28.86 -26.29 -2.93
N LEU D 134 -28.35 -27.10 -2.01
CA LEU D 134 -28.48 -28.58 -2.05
C LEU D 134 -29.97 -28.97 -2.06
N THR D 135 -30.75 -28.38 -1.15
CA THR D 135 -32.22 -28.61 -1.02
C THR D 135 -32.89 -28.27 -2.36
N PHE D 136 -32.50 -27.18 -3.00
CA PHE D 136 -33.09 -26.71 -4.28
C PHE D 136 -32.92 -27.79 -5.35
N PHE D 137 -31.72 -28.35 -5.50
CA PHE D 137 -31.38 -29.34 -6.55
C PHE D 137 -31.97 -30.71 -6.18
N LYS D 138 -32.04 -31.06 -4.89
CA LYS D 138 -32.68 -32.32 -4.43
C LYS D 138 -34.18 -32.29 -4.74
N ASP D 139 -34.83 -31.12 -4.63
CA ASP D 139 -36.30 -30.95 -4.80
C ASP D 139 -36.63 -30.64 -6.27
N TRP D 140 -35.62 -30.50 -7.14
CA TRP D 140 -35.79 -30.14 -8.56
C TRP D 140 -36.53 -31.25 -9.31
N LYS D 141 -37.47 -30.87 -10.19
CA LYS D 141 -38.21 -31.80 -11.09
C LYS D 141 -38.18 -31.24 -12.51
N PRO D 142 -38.15 -32.10 -13.55
CA PRO D 142 -38.14 -31.63 -14.94
C PRO D 142 -39.42 -30.91 -15.35
N LYS D 143 -39.33 -30.04 -16.37
CA LYS D 143 -40.49 -29.38 -17.03
C LYS D 143 -40.43 -29.69 -18.53
N ASN D 144 -39.57 -29.00 -19.28
CA ASN D 144 -39.35 -29.24 -20.73
C ASN D 144 -38.55 -30.53 -20.90
N PRO D 145 -38.66 -31.22 -22.05
CA PRO D 145 -37.83 -32.39 -22.35
C PRO D 145 -36.34 -32.03 -22.24
N ILE D 146 -35.59 -32.81 -21.48
CA ILE D 146 -34.14 -32.55 -21.18
C ILE D 146 -33.37 -32.47 -22.48
N GLY D 147 -32.58 -31.41 -22.67
CA GLY D 147 -31.62 -31.26 -23.77
C GLY D 147 -32.17 -30.50 -24.96
N GLU D 148 -33.48 -30.23 -24.98
CA GLU D 148 -34.17 -29.70 -26.19
C GLU D 148 -34.33 -28.18 -26.12
N TYR D 149 -34.36 -27.58 -24.94
CA TYR D 149 -34.71 -26.15 -24.75
C TYR D 149 -33.60 -25.40 -24.02
N ARG D 150 -33.08 -24.34 -24.63
CA ARG D 150 -32.06 -23.45 -24.03
C ARG D 150 -32.76 -22.36 -23.21
N GLN D 151 -32.45 -22.30 -21.92
CA GLN D 151 -32.87 -21.20 -21.00
C GLN D 151 -31.61 -20.72 -20.28
N TYR D 152 -31.08 -19.56 -20.67
CA TYR D 152 -29.85 -18.97 -20.09
C TYR D 152 -30.02 -18.92 -18.57
N SER D 153 -29.09 -19.53 -17.82
CA SER D 153 -29.29 -19.85 -16.38
C SER D 153 -27.97 -19.83 -15.58
N ASN D 154 -27.93 -19.01 -14.52
CA ASN D 154 -26.81 -19.00 -13.53
C ASN D 154 -26.79 -20.32 -12.75
N PRO D 155 -27.91 -20.78 -12.16
CA PRO D 155 -27.92 -22.06 -11.44
C PRO D 155 -27.39 -23.23 -12.29
N SER D 156 -27.72 -23.25 -13.58
CA SER D 156 -27.37 -24.33 -14.53
C SER D 156 -25.84 -24.45 -14.65
N ILE D 157 -25.16 -23.38 -15.09
CA ILE D 157 -23.68 -23.41 -15.23
C ILE D 157 -23.04 -23.32 -13.83
N GLY D 158 -23.72 -22.73 -12.86
CA GLY D 158 -23.32 -22.75 -11.44
C GLY D 158 -23.11 -24.18 -10.98
N LEU D 159 -24.08 -25.06 -11.23
CA LEU D 159 -24.01 -26.48 -10.77
C LEU D 159 -22.87 -27.19 -11.52
N PHE D 160 -22.72 -26.92 -12.81
CA PHE D 160 -21.61 -27.44 -13.66
C PHE D 160 -20.28 -27.07 -13.02
N GLY D 161 -20.10 -25.78 -12.68
CA GLY D 161 -18.88 -25.29 -12.02
C GLY D 161 -18.61 -26.04 -10.73
N LYS D 162 -19.62 -26.16 -9.87
CA LYS D 162 -19.54 -26.83 -8.55
C LYS D 162 -19.07 -28.27 -8.74
N VAL D 163 -19.63 -28.98 -9.73
CA VAL D 163 -19.28 -30.39 -10.08
C VAL D 163 -17.84 -30.45 -10.60
N VAL D 164 -17.45 -29.54 -11.50
CA VAL D 164 -16.06 -29.46 -12.03
C VAL D 164 -15.10 -29.33 -10.84
N ALA D 165 -15.44 -28.50 -9.85
CA ALA D 165 -14.62 -28.26 -8.65
C ALA D 165 -14.51 -29.57 -7.83
N LEU D 166 -15.65 -30.21 -7.54
CA LEU D 166 -15.67 -31.50 -6.80
C LEU D 166 -14.76 -32.51 -7.50
N SER D 167 -14.82 -32.58 -8.84
CA SER D 167 -14.04 -33.54 -9.68
C SER D 167 -12.53 -33.31 -9.55
N MET D 168 -12.10 -32.11 -9.14
CA MET D 168 -10.67 -31.74 -9.01
C MET D 168 -10.26 -31.63 -7.54
N ASN D 169 -11.16 -32.00 -6.61
CA ASN D 169 -10.92 -32.09 -5.14
C ASN D 169 -10.45 -30.72 -4.59
N LYS D 170 -11.05 -29.64 -5.09
CA LYS D 170 -10.75 -28.24 -4.68
C LYS D 170 -12.02 -27.42 -4.74
N PRO D 171 -12.19 -26.40 -3.88
CA PRO D 171 -13.30 -25.45 -4.05
C PRO D 171 -13.07 -24.70 -5.37
N PHE D 172 -14.16 -24.23 -5.97
CA PHE D 172 -14.16 -23.59 -7.31
C PHE D 172 -13.20 -22.40 -7.33
N ASP D 173 -13.18 -21.58 -6.28
CA ASP D 173 -12.25 -20.41 -6.20
C ASP D 173 -10.80 -20.86 -6.40
N GLN D 174 -10.42 -22.01 -5.83
CA GLN D 174 -9.03 -22.55 -5.90
C GLN D 174 -8.76 -23.13 -7.29
N VAL D 175 -9.76 -23.75 -7.93
CA VAL D 175 -9.63 -24.28 -9.32
C VAL D 175 -9.16 -23.13 -10.23
N LEU D 176 -9.82 -21.97 -10.15
CA LEU D 176 -9.49 -20.80 -11.00
C LEU D 176 -8.19 -20.16 -10.52
N GLU D 177 -8.06 -19.85 -9.22
CA GLU D 177 -6.94 -19.02 -8.70
C GLU D 177 -5.64 -19.83 -8.70
N LYS D 178 -5.69 -21.15 -8.46
CA LYS D 178 -4.47 -22.00 -8.31
C LYS D 178 -4.14 -22.78 -9.59
N THR D 179 -5.10 -23.09 -10.47
CA THR D 179 -4.86 -23.94 -11.68
C THR D 179 -5.10 -23.13 -12.97
N ILE D 180 -6.32 -22.63 -13.19
CA ILE D 180 -6.73 -22.09 -14.53
C ILE D 180 -6.07 -20.73 -14.79
N PHE D 181 -6.19 -19.77 -13.88
CA PHE D 181 -5.62 -18.40 -14.07
C PHE D 181 -4.12 -18.52 -14.32
N PRO D 182 -3.33 -19.23 -13.46
CA PRO D 182 -1.89 -19.38 -13.69
C PRO D 182 -1.54 -20.08 -15.03
N ALA D 183 -2.28 -21.11 -15.41
CA ALA D 183 -2.12 -21.83 -16.70
C ALA D 183 -2.31 -20.86 -17.87
N LEU D 184 -3.20 -19.86 -17.74
CA LEU D 184 -3.48 -18.87 -18.81
C LEU D 184 -2.52 -17.68 -18.70
N GLY D 185 -1.65 -17.67 -17.69
CA GLY D 185 -0.67 -16.59 -17.43
C GLY D 185 -1.34 -15.32 -16.91
N LEU D 186 -2.45 -15.44 -16.19
CA LEU D 186 -3.19 -14.28 -15.60
C LEU D 186 -2.67 -14.05 -14.18
N LYS D 187 -2.25 -12.81 -13.89
CA LYS D 187 -1.56 -12.43 -12.63
C LYS D 187 -2.51 -11.67 -11.70
N HIS D 188 -3.56 -11.04 -12.23
CA HIS D 188 -4.43 -10.09 -11.49
C HIS D 188 -5.91 -10.42 -11.73
N SER D 189 -6.25 -11.71 -11.73
CA SER D 189 -7.62 -12.22 -11.92
C SER D 189 -8.02 -13.00 -10.68
N TYR D 190 -9.22 -12.75 -10.15
CA TYR D 190 -9.63 -13.24 -8.80
C TYR D 190 -11.10 -13.67 -8.81
N VAL D 191 -11.41 -14.68 -8.01
CA VAL D 191 -12.78 -14.93 -7.49
C VAL D 191 -12.95 -14.06 -6.24
N ASN D 192 -11.95 -14.05 -5.35
CA ASN D 192 -11.92 -13.23 -4.11
C ASN D 192 -10.73 -12.28 -4.18
N VAL D 193 -11.00 -10.98 -4.30
CA VAL D 193 -9.95 -9.94 -4.38
C VAL D 193 -9.29 -9.85 -3.00
N PRO D 194 -7.98 -10.09 -2.89
CA PRO D 194 -7.30 -10.05 -1.59
C PRO D 194 -7.06 -8.61 -1.12
N LYS D 195 -6.83 -8.46 0.19
CA LYS D 195 -6.69 -7.15 0.90
C LYS D 195 -5.69 -6.26 0.14
N THR D 196 -4.59 -6.83 -0.35
CA THR D 196 -3.47 -6.11 -1.01
C THR D 196 -3.90 -5.54 -2.37
N GLN D 197 -5.06 -5.95 -2.92
CA GLN D 197 -5.52 -5.48 -4.26
C GLN D 197 -6.81 -4.67 -4.15
N MET D 198 -7.39 -4.51 -2.94
CA MET D 198 -8.68 -3.80 -2.77
C MET D 198 -8.54 -2.35 -3.26
N GLN D 199 -7.34 -1.74 -3.14
CA GLN D 199 -7.07 -0.37 -3.63
C GLN D 199 -7.21 -0.30 -5.16
N ASN D 200 -7.10 -1.44 -5.87
CA ASN D 200 -7.20 -1.51 -7.35
C ASN D 200 -8.60 -1.95 -7.79
N TYR D 201 -9.46 -2.36 -6.86
CA TYR D 201 -10.82 -2.89 -7.15
C TYR D 201 -11.72 -1.68 -7.37
N ALA D 202 -12.17 -1.49 -8.60
CA ALA D 202 -13.16 -0.43 -8.96
C ALA D 202 -14.43 -0.60 -8.12
N PHE D 203 -15.09 0.49 -7.79
CA PHE D 203 -16.53 0.46 -7.45
C PHE D 203 -17.29 0.32 -8.77
N GLY D 204 -18.37 -0.47 -8.73
CA GLY D 204 -19.46 -0.38 -9.70
C GLY D 204 -20.35 0.81 -9.39
N TYR D 205 -21.13 1.25 -10.36
CA TYR D 205 -22.10 2.37 -10.21
C TYR D 205 -23.44 1.88 -10.76
N ASN D 206 -24.50 2.02 -9.96
CA ASN D 206 -25.88 1.62 -10.31
C ASN D 206 -26.48 2.74 -11.19
N GLN D 207 -27.76 2.65 -11.52
CA GLN D 207 -28.38 3.52 -12.54
C GLN D 207 -28.55 4.95 -11.97
N GLU D 208 -28.41 5.15 -10.65
CA GLU D 208 -28.39 6.49 -9.99
C GLU D 208 -26.95 6.91 -9.65
N ASN D 209 -25.94 6.25 -10.25
CA ASN D 209 -24.50 6.55 -10.09
C ASN D 209 -24.07 6.46 -8.61
N GLN D 210 -24.67 5.54 -7.85
CA GLN D 210 -24.25 5.22 -6.47
C GLN D 210 -23.33 4.02 -6.51
N PRO D 211 -22.28 3.99 -5.66
CA PRO D 211 -21.30 2.91 -5.67
C PRO D 211 -21.91 1.59 -5.17
N ILE D 212 -21.59 0.51 -5.87
CA ILE D 212 -22.08 -0.86 -5.56
C ILE D 212 -21.01 -1.87 -6.02
N ARG D 213 -20.93 -2.98 -5.31
CA ARG D 213 -20.11 -4.14 -5.70
C ARG D 213 -20.99 -5.38 -5.61
N VAL D 214 -20.58 -6.46 -6.26
CA VAL D 214 -21.38 -7.70 -6.37
C VAL D 214 -21.60 -8.25 -4.95
N ASN D 215 -22.83 -8.69 -4.65
CA ASN D 215 -23.20 -9.33 -3.36
C ASN D 215 -22.82 -10.80 -3.42
N PRO D 216 -22.35 -11.41 -2.31
CA PRO D 216 -22.23 -12.85 -2.24
C PRO D 216 -23.60 -13.49 -2.59
N GLY D 217 -23.60 -14.60 -3.31
CA GLY D 217 -24.83 -15.30 -3.74
C GLY D 217 -24.56 -16.80 -3.92
N PRO D 218 -25.61 -17.63 -4.07
CA PRO D 218 -25.44 -19.07 -4.25
C PRO D 218 -24.80 -19.40 -5.61
N LEU D 219 -23.73 -20.20 -5.57
CA LEU D 219 -22.88 -20.56 -6.75
C LEU D 219 -22.58 -19.31 -7.58
N ASP D 220 -22.23 -18.20 -6.92
CA ASP D 220 -21.93 -16.90 -7.58
C ASP D 220 -20.67 -17.04 -8.43
N ALA D 221 -19.61 -17.65 -7.91
CA ALA D 221 -18.26 -17.68 -8.52
C ALA D 221 -18.33 -18.22 -9.96
N PRO D 222 -18.85 -19.44 -10.19
CA PRO D 222 -18.87 -19.99 -11.55
C PRO D 222 -19.81 -19.25 -12.53
N ALA D 223 -20.84 -18.56 -12.03
CA ALA D 223 -21.86 -17.90 -12.87
C ALA D 223 -21.47 -16.44 -13.21
N TYR D 224 -20.98 -15.66 -12.25
CA TYR D 224 -20.72 -14.21 -12.46
C TYR D 224 -19.71 -13.62 -11.47
N GLY D 225 -18.81 -14.42 -10.87
CA GLY D 225 -18.04 -14.02 -9.67
C GLY D 225 -16.59 -13.66 -9.92
N VAL D 226 -16.14 -13.56 -11.17
CA VAL D 226 -14.71 -13.33 -11.50
C VAL D 226 -14.47 -11.82 -11.71
N LYS D 227 -13.33 -11.35 -11.24
CA LYS D 227 -12.86 -9.96 -11.42
C LYS D 227 -11.49 -10.00 -12.08
N SER D 228 -11.19 -9.05 -12.95
CA SER D 228 -9.94 -9.04 -13.73
C SER D 228 -9.59 -7.62 -14.20
N THR D 229 -8.38 -7.47 -14.72
CA THR D 229 -7.82 -6.21 -15.27
C THR D 229 -7.88 -6.30 -16.79
N LEU D 230 -7.72 -5.18 -17.48
CA LEU D 230 -7.67 -5.18 -18.95
C LEU D 230 -6.47 -5.99 -19.45
N PRO D 231 -5.24 -5.82 -18.91
CA PRO D 231 -4.09 -6.59 -19.36
C PRO D 231 -4.32 -8.11 -19.27
N ASP D 232 -4.91 -8.59 -18.17
CA ASP D 232 -5.26 -10.02 -17.98
C ASP D 232 -6.29 -10.45 -19.02
N MET D 233 -7.32 -9.64 -19.28
CA MET D 233 -8.39 -10.04 -20.22
C MET D 233 -7.83 -10.05 -21.65
N LEU D 234 -6.87 -9.18 -21.98
CA LEU D 234 -6.15 -9.21 -23.28
C LEU D 234 -5.31 -10.49 -23.39
N SER D 235 -4.69 -10.92 -22.30
CA SER D 235 -3.91 -12.19 -22.25
C SER D 235 -4.88 -13.37 -22.47
N PHE D 236 -6.06 -13.34 -21.86
CA PHE D 236 -7.09 -14.38 -22.02
C PHE D 236 -7.52 -14.44 -23.49
N ILE D 237 -7.76 -13.30 -24.14
CA ILE D 237 -8.12 -13.25 -25.58
C ILE D 237 -6.95 -13.80 -26.39
N HIS D 238 -5.71 -13.46 -26.04
CA HIS D 238 -4.50 -13.96 -26.74
C HIS D 238 -4.51 -15.50 -26.71
N ALA D 239 -4.73 -16.10 -25.54
CA ALA D 239 -4.78 -17.57 -25.36
C ALA D 239 -5.85 -18.19 -26.26
N ASN D 240 -7.00 -17.54 -26.40
CA ASN D 240 -8.15 -18.02 -27.23
C ASN D 240 -7.80 -17.87 -28.72
N LEU D 241 -7.01 -16.87 -29.09
CA LEU D 241 -6.57 -16.66 -30.49
C LEU D 241 -5.42 -17.62 -30.86
N ASN D 242 -4.60 -18.04 -29.89
CA ASN D 242 -3.34 -18.78 -30.13
C ASN D 242 -3.18 -19.93 -29.13
N PRO D 243 -4.14 -20.86 -29.03
CA PRO D 243 -4.07 -21.91 -28.01
C PRO D 243 -2.87 -22.85 -28.23
N GLN D 244 -2.41 -22.97 -29.48
CA GLN D 244 -1.26 -23.83 -29.89
C GLN D 244 0.02 -23.42 -29.12
N LYS D 245 0.13 -22.16 -28.69
CA LYS D 245 1.35 -21.60 -28.03
C LYS D 245 1.36 -21.92 -26.53
N TYR D 246 0.32 -22.56 -26.01
CA TYR D 246 0.15 -22.86 -24.56
C TYR D 246 0.40 -24.33 -24.31
N PRO D 247 0.71 -24.73 -23.05
CA PRO D 247 0.81 -26.13 -22.68
C PRO D 247 -0.43 -26.94 -23.09
N THR D 248 -0.22 -28.21 -23.40
CA THR D 248 -1.23 -29.18 -23.92
C THR D 248 -2.53 -29.11 -23.10
N ASP D 249 -2.42 -29.11 -21.76
CA ASP D 249 -3.58 -29.25 -20.84
C ASP D 249 -4.54 -28.06 -21.05
N ILE D 250 -4.03 -26.82 -20.98
CA ILE D 250 -4.88 -25.60 -21.10
C ILE D 250 -5.21 -25.37 -22.58
N GLN D 251 -4.31 -25.75 -23.50
CA GLN D 251 -4.56 -25.68 -24.97
C GLN D 251 -5.83 -26.48 -25.30
N ARG D 252 -5.91 -27.73 -24.85
CA ARG D 252 -7.08 -28.61 -25.11
C ARG D 252 -8.31 -28.04 -24.42
N ALA D 253 -8.15 -27.50 -23.20
CA ALA D 253 -9.23 -26.84 -22.42
C ALA D 253 -9.84 -25.71 -23.26
N ILE D 254 -9.00 -24.82 -23.82
CA ILE D 254 -9.43 -23.64 -24.63
C ILE D 254 -10.16 -24.13 -25.90
N ASN D 255 -9.59 -25.09 -26.62
CA ASN D 255 -10.20 -25.60 -27.89
C ASN D 255 -11.56 -26.23 -27.56
N GLU D 256 -11.69 -26.87 -26.40
CA GLU D 256 -12.97 -27.48 -25.93
C GLU D 256 -14.04 -26.39 -25.86
N THR D 257 -13.70 -25.17 -25.45
CA THR D 257 -14.69 -24.06 -25.25
C THR D 257 -15.12 -23.47 -26.60
N HIS D 258 -14.40 -23.75 -27.70
CA HIS D 258 -14.67 -23.19 -29.05
C HIS D 258 -15.63 -24.10 -29.84
N GLN D 259 -15.87 -25.32 -29.39
CA GLN D 259 -16.68 -26.33 -30.13
C GLN D 259 -18.17 -26.00 -29.94
N GLY D 260 -18.85 -25.64 -31.04
CA GLY D 260 -20.32 -25.48 -31.08
C GLY D 260 -20.99 -26.79 -30.67
N ARG D 261 -22.04 -26.70 -29.85
CA ARG D 261 -22.76 -27.89 -29.31
C ARG D 261 -24.16 -27.97 -29.92
N TYR D 262 -24.78 -26.83 -30.20
CA TYR D 262 -26.08 -26.73 -30.88
C TYR D 262 -26.26 -25.31 -31.42
N GLN D 263 -27.36 -25.10 -32.14
CA GLN D 263 -27.70 -23.85 -32.85
C GLN D 263 -29.01 -23.31 -32.29
N VAL D 264 -29.13 -21.98 -32.17
CA VAL D 264 -30.40 -21.24 -32.00
C VAL D 264 -30.39 -20.12 -33.04
N ASN D 265 -31.08 -20.32 -34.16
CA ASN D 265 -31.03 -19.43 -35.35
C ASN D 265 -29.57 -19.30 -35.80
N THR D 266 -29.02 -18.09 -35.85
CA THR D 266 -27.64 -17.81 -36.35
C THR D 266 -26.62 -17.98 -35.23
N MET D 267 -27.05 -18.23 -33.99
CA MET D 267 -26.11 -18.33 -32.83
C MET D 267 -25.80 -19.81 -32.58
N TYR D 268 -24.52 -20.15 -32.52
CA TYR D 268 -24.02 -21.48 -32.09
C TYR D 268 -23.60 -21.37 -30.62
N GLN D 269 -24.16 -22.21 -29.76
CA GLN D 269 -23.78 -22.26 -28.33
C GLN D 269 -22.55 -23.16 -28.20
N ALA D 270 -21.40 -22.57 -27.89
CA ALA D 270 -20.18 -23.31 -27.46
C ALA D 270 -20.20 -23.38 -25.92
N LEU D 271 -19.09 -23.81 -25.31
CA LEU D 271 -18.95 -23.84 -23.84
C LEU D 271 -18.61 -22.43 -23.36
N GLY D 272 -19.59 -21.73 -22.77
CA GLY D 272 -19.48 -20.33 -22.35
C GLY D 272 -19.62 -19.37 -23.51
N TRP D 273 -18.70 -19.46 -24.49
CA TRP D 273 -18.68 -18.62 -25.72
C TRP D 273 -19.95 -18.84 -26.55
N GLU D 274 -20.43 -17.74 -27.15
CA GLU D 274 -21.37 -17.75 -28.30
C GLU D 274 -20.53 -17.71 -29.58
N GLU D 275 -20.92 -18.48 -30.60
CA GLU D 275 -20.13 -18.66 -31.84
C GLU D 275 -21.00 -18.31 -33.05
N PHE D 276 -20.42 -17.68 -34.05
CA PHE D 276 -21.11 -17.20 -35.28
C PHE D 276 -20.23 -17.53 -36.48
N SER D 277 -20.87 -17.81 -37.62
CA SER D 277 -20.19 -17.89 -38.92
C SER D 277 -19.59 -16.52 -39.21
N TYR D 278 -18.31 -16.46 -39.58
CA TYR D 278 -17.60 -15.21 -39.91
C TYR D 278 -17.39 -15.15 -41.42
N PRO D 279 -17.66 -14.00 -42.10
CA PRO D 279 -18.08 -12.77 -41.44
C PRO D 279 -19.52 -12.82 -40.89
N ALA D 280 -19.75 -12.17 -39.75
CA ALA D 280 -21.09 -12.02 -39.14
C ALA D 280 -21.53 -10.58 -39.35
N THR D 281 -22.82 -10.38 -39.64
CA THR D 281 -23.42 -9.04 -39.74
C THR D 281 -23.63 -8.51 -38.32
N LEU D 282 -23.66 -7.20 -38.15
CA LEU D 282 -23.93 -6.53 -36.85
C LEU D 282 -25.24 -7.10 -36.26
N GLN D 283 -26.28 -7.23 -37.08
CA GLN D 283 -27.63 -7.63 -36.60
C GLN D 283 -27.59 -9.07 -36.07
N THR D 284 -26.80 -9.95 -36.68
CA THR D 284 -26.58 -11.34 -36.17
C THR D 284 -26.06 -11.26 -34.74
N LEU D 285 -25.05 -10.42 -34.49
CA LEU D 285 -24.40 -10.31 -33.16
C LEU D 285 -25.38 -9.66 -32.18
N LEU D 286 -26.15 -8.66 -32.61
CA LEU D 286 -27.19 -8.00 -31.78
C LEU D 286 -28.29 -9.01 -31.39
N ASP D 287 -28.74 -9.84 -32.36
CA ASP D 287 -29.83 -10.83 -32.16
C ASP D 287 -29.44 -11.85 -31.08
N SER D 288 -28.15 -12.21 -30.99
CA SER D 288 -27.63 -13.17 -29.99
C SER D 288 -28.02 -12.75 -28.57
N ASN D 289 -28.20 -11.45 -28.30
CA ASN D 289 -28.48 -10.93 -26.93
C ASN D 289 -29.86 -10.27 -26.87
N SER D 290 -30.78 -10.61 -27.77
CA SER D 290 -32.21 -10.21 -27.73
C SER D 290 -32.88 -10.75 -26.47
N GLU D 291 -33.97 -10.10 -26.03
CA GLU D 291 -34.80 -10.56 -24.87
C GLU D 291 -35.22 -12.02 -25.09
N GLN D 292 -35.59 -12.38 -26.33
CA GLN D 292 -36.10 -13.73 -26.70
C GLN D 292 -35.03 -14.79 -26.41
N ILE D 293 -33.77 -14.53 -26.79
CA ILE D 293 -32.65 -15.51 -26.63
C ILE D 293 -32.21 -15.53 -25.16
N VAL D 294 -32.10 -14.36 -24.51
CA VAL D 294 -31.51 -14.24 -23.14
C VAL D 294 -32.53 -14.69 -22.08
N MET D 295 -33.80 -14.29 -22.20
CA MET D 295 -34.76 -14.33 -21.06
C MET D 295 -35.82 -15.43 -21.21
N LYS D 296 -36.03 -15.98 -22.42
CA LYS D 296 -37.06 -17.02 -22.66
C LYS D 296 -36.43 -18.33 -23.11
N PRO D 297 -37.16 -19.46 -22.95
CA PRO D 297 -36.71 -20.76 -23.49
C PRO D 297 -36.78 -20.76 -25.02
N ASN D 298 -35.80 -21.41 -25.67
CA ASN D 298 -35.75 -21.56 -27.14
C ASN D 298 -35.39 -23.01 -27.45
N LYS D 299 -36.22 -23.67 -28.24
CA LYS D 299 -35.95 -25.03 -28.77
C LYS D 299 -34.63 -24.93 -29.54
N VAL D 300 -33.69 -25.85 -29.30
CA VAL D 300 -32.36 -25.86 -29.99
C VAL D 300 -32.47 -26.77 -31.22
N THR D 301 -31.55 -26.60 -32.16
CA THR D 301 -31.34 -27.49 -33.34
C THR D 301 -29.94 -28.08 -33.24
N ALA D 302 -29.81 -29.38 -33.54
CA ALA D 302 -28.52 -30.09 -33.47
C ALA D 302 -27.57 -29.47 -34.50
N ILE D 303 -26.28 -29.43 -34.18
CA ILE D 303 -25.22 -28.99 -35.14
C ILE D 303 -25.17 -30.05 -36.25
N SER D 304 -25.28 -29.64 -37.51
CA SER D 304 -24.93 -30.48 -38.69
C SER D 304 -23.54 -30.10 -39.23
N LYS D 305 -23.39 -28.85 -39.70
CA LYS D 305 -22.15 -28.31 -40.30
C LYS D 305 -21.62 -27.16 -39.42
N GLU D 306 -20.47 -27.38 -38.79
CA GLU D 306 -19.72 -26.37 -37.99
C GLU D 306 -19.03 -25.41 -38.95
N PRO D 307 -19.47 -24.12 -39.04
CA PRO D 307 -18.89 -23.15 -39.97
C PRO D 307 -17.37 -23.22 -40.10
N SER D 308 -16.87 -23.11 -41.33
CA SER D 308 -15.43 -23.17 -41.69
C SER D 308 -14.66 -22.08 -40.95
N VAL D 309 -15.16 -20.84 -41.02
CA VAL D 309 -14.54 -19.65 -40.37
C VAL D 309 -15.56 -19.07 -39.36
N LYS D 310 -15.15 -18.92 -38.11
CA LYS D 310 -16.05 -18.57 -36.98
C LYS D 310 -15.49 -17.36 -36.21
N MET D 311 -16.36 -16.63 -35.52
CA MET D 311 -15.97 -15.61 -34.50
C MET D 311 -16.76 -15.91 -33.23
N TYR D 312 -16.32 -15.38 -32.09
CA TYR D 312 -16.88 -15.70 -30.76
C TYR D 312 -17.06 -14.40 -29.97
N HIS D 313 -18.12 -14.31 -29.15
CA HIS D 313 -18.27 -13.19 -28.20
C HIS D 313 -19.00 -13.65 -26.94
N LYS D 314 -19.01 -12.78 -25.93
CA LYS D 314 -19.77 -12.96 -24.67
C LYS D 314 -19.92 -11.60 -24.01
N THR D 315 -21.15 -11.27 -23.61
CA THR D 315 -21.47 -10.08 -22.78
C THR D 315 -21.47 -10.52 -21.32
N GLY D 316 -21.25 -9.56 -20.42
CA GLY D 316 -21.30 -9.78 -18.97
C GLY D 316 -21.82 -8.54 -18.29
N SER D 317 -22.66 -8.71 -17.28
CA SER D 317 -23.21 -7.61 -16.47
C SER D 317 -23.32 -8.05 -15.01
N THR D 318 -22.93 -7.17 -14.10
CA THR D 318 -23.35 -7.19 -12.67
C THR D 318 -24.16 -5.93 -12.42
N SER D 319 -24.63 -5.74 -11.18
CA SER D 319 -25.41 -4.54 -10.79
C SER D 319 -24.65 -3.27 -11.25
N GLY D 320 -23.33 -3.25 -11.13
CA GLY D 320 -22.52 -2.04 -11.31
C GLY D 320 -21.51 -2.09 -12.45
N PHE D 321 -21.43 -3.18 -13.21
CA PHE D 321 -20.36 -3.37 -14.23
C PHE D 321 -20.93 -3.96 -15.52
N GLY D 322 -20.37 -3.53 -16.65
CA GLY D 322 -20.59 -4.12 -17.99
C GLY D 322 -19.29 -4.62 -18.61
N THR D 323 -19.35 -5.76 -19.30
CA THR D 323 -18.21 -6.43 -19.96
C THR D 323 -18.64 -6.89 -21.36
N TYR D 324 -17.73 -6.81 -22.31
CA TYR D 324 -17.87 -7.45 -23.65
C TYR D 324 -16.50 -7.92 -24.09
N VAL D 325 -16.45 -9.18 -24.53
CA VAL D 325 -15.23 -9.77 -25.15
C VAL D 325 -15.64 -10.39 -26.49
N VAL D 326 -14.78 -10.23 -27.49
CA VAL D 326 -15.01 -10.73 -28.88
C VAL D 326 -13.65 -11.03 -29.51
N PHE D 327 -13.55 -12.11 -30.26
CA PHE D 327 -12.33 -12.43 -31.03
C PHE D 327 -12.68 -13.19 -32.32
N ILE D 328 -11.82 -13.01 -33.32
CA ILE D 328 -11.95 -13.54 -34.71
C ILE D 328 -10.63 -14.21 -35.07
N PRO D 329 -10.52 -15.55 -34.90
CA PRO D 329 -9.26 -16.26 -35.16
C PRO D 329 -8.59 -15.96 -36.51
N LYS D 330 -9.38 -15.92 -37.60
CA LYS D 330 -8.89 -15.75 -38.99
C LYS D 330 -8.18 -14.40 -39.15
N GLU D 331 -8.67 -13.36 -38.46
CA GLU D 331 -8.10 -11.98 -38.56
C GLU D 331 -7.06 -11.76 -37.43
N ASN D 332 -6.88 -12.76 -36.56
CA ASN D 332 -5.96 -12.75 -35.39
C ASN D 332 -6.20 -11.46 -34.57
N ILE D 333 -7.47 -11.14 -34.32
CA ILE D 333 -7.86 -9.86 -33.66
C ILE D 333 -8.93 -10.13 -32.59
N GLY D 334 -8.91 -9.35 -31.51
CA GLY D 334 -9.95 -9.38 -30.46
C GLY D 334 -10.05 -8.06 -29.72
N LEU D 335 -11.11 -7.90 -28.94
CA LEU D 335 -11.38 -6.65 -28.20
C LEU D 335 -11.99 -7.01 -26.85
N VAL D 336 -11.61 -6.25 -25.82
CA VAL D 336 -12.23 -6.31 -24.47
C VAL D 336 -12.73 -4.91 -24.10
N MET D 337 -13.97 -4.82 -23.61
CA MET D 337 -14.54 -3.58 -23.03
C MET D 337 -14.95 -3.88 -21.58
N LEU D 338 -14.45 -3.07 -20.64
CA LEU D 338 -14.79 -3.13 -19.20
C LEU D 338 -15.30 -1.75 -18.78
N THR D 339 -16.46 -1.70 -18.14
CA THR D 339 -17.04 -0.45 -17.58
C THR D 339 -17.48 -0.71 -16.14
N ASN D 340 -17.45 0.34 -15.31
CA ASN D 340 -17.94 0.30 -13.92
C ASN D 340 -19.32 0.98 -13.87
N LYS D 341 -20.09 0.84 -14.95
CA LYS D 341 -21.55 1.07 -14.98
C LYS D 341 -22.11 0.32 -16.20
N ARG D 342 -23.24 -0.37 -16.03
CA ARG D 342 -23.90 -1.09 -17.15
C ARG D 342 -24.29 -0.08 -18.22
N ILE D 343 -23.97 -0.38 -19.48
CA ILE D 343 -24.56 0.29 -20.68
C ILE D 343 -25.25 -0.79 -21.51
N PRO D 344 -26.21 -0.44 -22.39
CA PRO D 344 -26.93 -1.44 -23.17
C PRO D 344 -25.96 -2.35 -23.95
N ASN D 345 -26.22 -3.66 -23.93
CA ASN D 345 -25.44 -4.68 -24.68
C ASN D 345 -25.25 -4.26 -26.14
N GLU D 346 -26.31 -3.73 -26.75
CA GLU D 346 -26.30 -3.39 -28.20
C GLU D 346 -25.22 -2.33 -28.46
N GLU D 347 -24.99 -1.42 -27.51
CA GLU D 347 -23.98 -0.33 -27.64
C GLU D 347 -22.57 -0.94 -27.57
N ARG D 348 -22.38 -1.94 -26.72
CA ARG D 348 -21.07 -2.65 -26.55
C ARG D 348 -20.75 -3.35 -27.86
N ILE D 349 -21.71 -4.11 -28.38
CA ILE D 349 -21.54 -4.95 -29.59
C ILE D 349 -21.26 -4.05 -30.80
N LYS D 350 -22.02 -2.96 -30.95
CA LYS D 350 -21.89 -2.04 -32.12
C LYS D 350 -20.55 -1.31 -32.09
N ALA D 351 -20.13 -0.78 -30.94
CA ALA D 351 -18.84 -0.05 -30.81
C ALA D 351 -17.70 -0.98 -31.24
N ALA D 352 -17.69 -2.21 -30.73
CA ALA D 352 -16.66 -3.24 -31.01
C ALA D 352 -16.67 -3.59 -32.51
N TYR D 353 -17.86 -3.71 -33.09
CA TYR D 353 -18.08 -4.07 -34.52
C TYR D 353 -17.41 -3.02 -35.42
N VAL D 354 -17.72 -1.74 -35.18
CA VAL D 354 -17.17 -0.60 -35.96
C VAL D 354 -15.65 -0.61 -35.84
N VAL D 355 -15.12 -0.72 -34.62
CA VAL D 355 -13.65 -0.66 -34.37
C VAL D 355 -12.96 -1.83 -35.09
N LEU D 356 -13.42 -3.07 -34.88
CA LEU D 356 -12.73 -4.28 -35.43
C LEU D 356 -12.82 -4.29 -36.97
N ASN D 357 -13.90 -3.76 -37.56
CA ASN D 357 -14.08 -3.71 -39.03
C ASN D 357 -13.27 -2.57 -39.65
N ALA D 358 -12.92 -1.51 -38.89
CA ALA D 358 -12.20 -0.32 -39.42
C ALA D 358 -10.69 -0.52 -39.34
N ILE D 359 -10.18 -1.30 -38.38
CA ILE D 359 -8.72 -1.50 -38.18
C ILE D 359 -8.12 -2.09 -39.46
N LYS D 360 -6.97 -1.58 -39.88
CA LYS D 360 -6.21 -2.03 -41.09
C LYS D 360 -5.64 -3.43 -40.85
#